data_6YSL
#
_entry.id   6YSL
#
_cell.length_a   1.00
_cell.length_b   1.00
_cell.length_c   1.00
_cell.angle_alpha   90.00
_cell.angle_beta   90.00
_cell.angle_gamma   90.00
#
_symmetry.space_group_name_H-M   'P 1'
#
loop_
_entity.id
_entity.type
_entity.pdbx_description
1 polymer 'Motility protein A'
2 polymer 'Motility protein B'
#
loop_
_entity_poly.entity_id
_entity_poly.type
_entity_poly.pdbx_seq_one_letter_code
_entity_poly.pdbx_strand_id
1 'polypeptide(L)'
;MDKTSLIGIILAFVALSVGMVLKGVSFSALANPAAILIIIAGTISAVVIAFPTKEIKKVPTLFRVLFKENKQLTIEELIP
MFSEWAQLARREGLLALEASIEDVDDAFLKNGLSMAVDGQSAEFIRDIMTEEVEAMEDRHQAGAAIFTQAGTYAPTLGVL
GAVIGLIAALSHMDNTDELGHAISAAFVATLLGIFTGYVLWHPFANKLKRKSKQEVKLREVMIEGVLSVLEGQAPKVIEQ
KLLMYLPAKDRLKFAEQGEAQNGEKKEEEA
;
G,F,E,D,C
2 'polypeptide(L)'
;MARKKKKKHEDEHVDESWLVPYADILTLLLALFIVLYASSSIDAAKFQMLSKSFNEVFTGGTGVLDYSSVTPPENESDGI
DEVKKEKEEKEKNKKEKEKAADQEELENVKSQVEKFIKDKKLEHQLETKMTSEGLLITIKDSIFFDSGKATIRKEDVPLA
KEISNLLVINPPRNIIISGHTDNMPIKNSEFQSNWHLSVMRAVNFMGLLIENPKLDAKVFSAKGYGEYKPVASNKTAEGR
SKNRRVEVLILPRGAAETNEK
;
A,B
#
# COMPACT_ATOMS: atom_id res chain seq x y z
N LYS A 3 5.87 -22.92 19.26
CA LYS A 3 6.11 -24.30 18.88
C LYS A 3 6.75 -24.39 17.50
N THR A 4 6.24 -23.60 16.57
CA THR A 4 6.79 -23.53 15.22
C THR A 4 7.74 -22.37 15.01
N SER A 5 7.73 -21.38 15.91
CA SER A 5 8.73 -20.32 15.87
C SER A 5 10.06 -20.75 16.47
N LEU A 6 10.06 -21.78 17.33
CA LEU A 6 11.30 -22.30 17.87
C LEU A 6 12.12 -23.00 16.79
N ILE A 7 11.45 -23.90 16.05
CA ILE A 7 12.06 -24.65 14.95
C ILE A 7 12.63 -23.70 13.92
N GLY A 8 11.92 -22.60 13.68
CA GLY A 8 12.37 -21.65 12.67
C GLY A 8 13.59 -20.85 13.09
N ILE A 9 13.66 -20.46 14.37
CA ILE A 9 14.84 -19.73 14.83
C ILE A 9 16.06 -20.63 14.84
N ILE A 10 15.90 -21.89 15.25
CA ILE A 10 17.00 -22.84 15.21
C ILE A 10 17.45 -23.11 13.78
N LEU A 11 16.48 -23.26 12.86
CA LEU A 11 16.81 -23.50 11.46
C LEU A 11 17.44 -22.28 10.80
N ALA A 12 17.01 -21.07 11.17
CA ALA A 12 17.59 -19.86 10.62
C ALA A 12 19.02 -19.65 11.09
N PHE A 13 19.29 -19.88 12.39
CA PHE A 13 20.65 -19.75 12.87
C PHE A 13 21.57 -20.84 12.31
N VAL A 14 21.07 -22.07 12.11
CA VAL A 14 21.99 -23.07 11.55
C VAL A 14 22.18 -22.84 10.05
N ALA A 15 21.18 -22.28 9.36
CA ALA A 15 21.36 -21.90 7.97
C ALA A 15 22.39 -20.79 7.83
N LEU A 16 22.33 -19.81 8.73
CA LEU A 16 23.34 -18.74 8.75
C LEU A 16 24.73 -19.29 9.04
N SER A 17 24.84 -20.20 10.02
CA SER A 17 26.15 -20.67 10.44
C SER A 17 26.79 -21.60 9.42
N VAL A 18 25.99 -22.43 8.75
CA VAL A 18 26.58 -23.25 7.70
C VAL A 18 26.87 -22.39 6.47
N GLY A 19 26.10 -21.32 6.25
CA GLY A 19 26.46 -20.33 5.24
C GLY A 19 27.76 -19.61 5.55
N MET A 20 28.06 -19.44 6.85
CA MET A 20 29.37 -18.91 7.23
C MET A 20 30.47 -19.91 6.88
N VAL A 21 30.35 -21.13 7.41
CA VAL A 21 31.49 -22.05 7.37
C VAL A 21 31.72 -22.66 5.99
N LEU A 22 30.71 -22.65 5.10
CA LEU A 22 30.95 -23.13 3.75
C LEU A 22 31.68 -22.09 2.90
N LYS A 23 31.31 -20.82 3.04
CA LYS A 23 31.94 -19.79 2.21
C LYS A 23 33.36 -19.50 2.68
N GLY A 24 33.61 -19.58 3.97
CA GLY A 24 34.93 -19.33 4.50
C GLY A 24 34.95 -18.27 5.59
N VAL A 25 33.79 -17.95 6.15
CA VAL A 25 33.75 -17.03 7.28
C VAL A 25 34.25 -17.74 8.52
N SER A 26 35.14 -17.08 9.27
CA SER A 26 35.71 -17.68 10.47
C SER A 26 34.66 -17.80 11.58
N PHE A 27 33.72 -16.85 11.63
CA PHE A 27 32.55 -16.78 12.51
C PHE A 27 32.92 -16.45 13.96
N SER A 28 34.22 -16.45 14.27
CA SER A 28 34.69 -15.95 15.56
C SER A 28 35.06 -14.47 15.47
N ALA A 29 35.63 -14.05 14.34
CA ALA A 29 35.84 -12.64 14.08
C ALA A 29 34.54 -11.92 13.76
N LEU A 30 33.58 -12.63 13.15
CA LEU A 30 32.27 -12.04 12.95
C LEU A 30 31.51 -11.93 14.26
N ALA A 31 31.79 -12.80 15.22
CA ALA A 31 31.21 -12.68 16.54
C ALA A 31 31.86 -11.59 17.36
N ASN A 32 33.12 -11.26 17.09
CA ASN A 32 33.84 -10.20 17.80
C ASN A 32 34.50 -9.23 16.83
N PRO A 33 33.73 -8.28 16.26
CA PRO A 33 34.35 -7.03 15.81
C PRO A 33 34.26 -5.93 16.85
N ALA A 34 33.45 -6.14 17.90
CA ALA A 34 33.14 -5.28 19.05
C ALA A 34 32.34 -4.03 18.68
N ALA A 35 32.02 -3.81 17.40
CA ALA A 35 31.24 -2.66 16.97
C ALA A 35 29.80 -3.03 16.64
N ILE A 36 29.24 -4.03 17.34
CA ILE A 36 27.91 -4.54 17.03
C ILE A 36 26.87 -3.81 17.85
N LEU A 37 27.27 -2.73 18.52
CA LEU A 37 26.30 -1.83 19.14
C LEU A 37 25.59 -0.96 18.13
N ILE A 38 26.13 -0.83 16.92
CA ILE A 38 25.50 0.00 15.89
C ILE A 38 24.20 -0.65 15.43
N ILE A 39 24.12 -1.97 15.50
CA ILE A 39 22.92 -2.72 15.15
C ILE A 39 22.03 -2.95 16.36
N ILE A 40 22.62 -3.42 17.46
CA ILE A 40 21.82 -3.75 18.65
C ILE A 40 21.37 -2.48 19.35
N ALA A 41 22.32 -1.68 19.84
CA ALA A 41 21.95 -0.45 20.52
C ALA A 41 21.39 0.58 19.53
N GLY A 42 21.82 0.53 18.27
CA GLY A 42 21.23 1.39 17.27
C GLY A 42 19.79 1.05 16.97
N THR A 43 19.48 -0.25 16.85
CA THR A 43 18.11 -0.67 16.58
C THR A 43 17.19 -0.37 17.76
N ILE A 44 17.66 -0.63 18.99
CA ILE A 44 16.81 -0.31 20.13
C ILE A 44 16.72 1.19 20.34
N SER A 45 17.72 1.97 19.92
CA SER A 45 17.61 3.42 19.97
C SER A 45 16.57 3.92 18.98
N ALA A 46 16.57 3.36 17.76
CA ALA A 46 15.60 3.75 16.75
C ALA A 46 14.18 3.37 17.14
N VAL A 47 13.99 2.26 17.84
CA VAL A 47 12.64 1.93 18.26
C VAL A 47 12.25 2.64 19.56
N VAL A 48 13.21 3.15 20.34
CA VAL A 48 12.84 3.97 21.48
C VAL A 48 12.50 5.40 21.03
N ILE A 49 13.22 5.91 20.03
CA ILE A 49 12.80 7.16 19.38
C ILE A 49 11.46 6.97 18.70
N ALA A 50 11.25 5.79 18.11
CA ALA A 50 10.05 5.53 17.33
C ALA A 50 8.82 5.30 18.20
N PHE A 51 8.99 4.85 19.44
CA PHE A 51 7.83 4.46 20.21
C PHE A 51 7.81 5.11 21.58
N PRO A 52 6.62 5.37 22.13
CA PRO A 52 6.52 5.86 23.51
C PRO A 52 6.84 4.80 24.54
N THR A 53 6.48 5.02 25.80
CA THR A 53 6.88 4.13 26.89
C THR A 53 6.17 2.77 26.85
N LYS A 54 6.35 2.05 25.74
CA LYS A 54 5.88 0.69 25.52
C LYS A 54 6.99 -0.10 24.85
N GLU A 55 8.22 0.05 25.35
CA GLU A 55 9.37 -0.62 24.78
C GLU A 55 10.08 -1.54 25.78
N ILE A 56 9.94 -1.31 27.07
CA ILE A 56 10.34 -2.29 28.06
C ILE A 56 9.06 -2.67 28.79
N LYS A 57 8.10 -1.75 28.79
CA LYS A 57 6.81 -1.97 29.41
C LYS A 57 5.82 -2.67 28.50
N LYS A 58 6.20 -2.97 27.25
CA LYS A 58 5.35 -3.81 26.40
C LYS A 58 6.10 -4.89 25.62
N VAL A 59 7.37 -4.71 25.28
CA VAL A 59 8.04 -5.59 24.31
C VAL A 59 8.31 -7.01 24.81
N PRO A 60 8.95 -7.28 25.97
CA PRO A 60 9.13 -8.70 26.34
C PRO A 60 7.84 -9.39 26.73
N THR A 61 6.83 -8.62 27.14
CA THR A 61 5.53 -9.14 27.52
C THR A 61 4.83 -9.84 26.36
N LEU A 62 5.02 -9.37 25.13
CA LEU A 62 4.52 -10.10 23.98
C LEU A 62 5.62 -10.81 23.20
N PHE A 63 6.89 -10.54 23.49
CA PHE A 63 7.97 -11.36 22.96
C PHE A 63 7.94 -12.76 23.55
N ARG A 64 7.35 -12.93 24.74
CA ARG A 64 7.07 -14.25 25.27
C ARG A 64 5.64 -14.70 24.99
N VAL A 65 4.87 -13.91 24.23
CA VAL A 65 3.65 -14.42 23.60
C VAL A 65 3.99 -14.93 22.20
N LEU A 66 5.09 -14.46 21.61
CA LEU A 66 5.61 -14.98 20.36
C LEU A 66 6.02 -16.44 20.45
N PHE A 67 6.37 -16.92 21.64
CA PHE A 67 6.69 -18.32 21.84
C PHE A 67 5.60 -19.10 22.57
N LYS A 68 4.66 -18.42 23.22
CA LYS A 68 3.64 -19.09 24.00
C LYS A 68 2.66 -19.81 23.09
N GLU A 69 2.47 -21.11 23.34
CA GLU A 69 1.56 -21.91 22.52
C GLU A 69 0.12 -21.52 22.77
N ASN A 70 -0.67 -21.46 21.70
CA ASN A 70 -2.07 -21.07 21.79
C ASN A 70 -2.88 -22.28 22.27
N LYS A 71 -2.78 -22.54 23.58
CA LYS A 71 -3.62 -23.53 24.23
C LYS A 71 -4.84 -22.85 24.85
N GLN A 72 -5.56 -22.09 24.00
CA GLN A 72 -6.76 -21.37 24.41
C GLN A 72 -7.86 -21.66 23.42
N LEU A 73 -8.55 -22.80 23.60
CA LEU A 73 -9.87 -23.07 23.05
C LEU A 73 -9.88 -23.03 21.52
N THR A 74 -9.22 -24.01 20.92
CA THR A 74 -9.19 -24.13 19.46
C THR A 74 -10.59 -24.40 18.91
N ILE A 75 -10.77 -24.03 17.64
CA ILE A 75 -12.06 -24.12 16.97
C ILE A 75 -12.51 -25.56 16.77
N GLU A 76 -11.57 -26.51 16.74
CA GLU A 76 -11.90 -27.90 16.42
C GLU A 76 -12.70 -28.55 17.55
N GLU A 77 -12.50 -28.08 18.78
CA GLU A 77 -13.25 -28.57 19.93
C GLU A 77 -14.31 -27.58 20.41
N LEU A 78 -14.40 -26.42 19.77
CA LEU A 78 -15.23 -25.34 20.28
C LEU A 78 -16.72 -25.57 20.02
N ILE A 79 -17.07 -26.45 19.08
CA ILE A 79 -18.47 -26.70 18.74
C ILE A 79 -19.20 -27.46 19.85
N PRO A 80 -18.69 -28.56 20.45
CA PRO A 80 -19.44 -29.15 21.57
C PRO A 80 -19.40 -28.34 22.87
N MET A 81 -18.57 -27.29 22.95
CA MET A 81 -18.70 -26.36 24.08
C MET A 81 -20.00 -25.58 23.98
N PHE A 82 -20.36 -25.16 22.78
CA PHE A 82 -21.71 -24.71 22.51
C PHE A 82 -22.57 -25.92 22.16
N SER A 83 -23.81 -25.67 21.71
CA SER A 83 -24.81 -26.65 21.23
C SER A 83 -25.30 -27.59 22.34
N GLU A 84 -24.73 -27.50 23.53
CA GLU A 84 -25.27 -27.99 24.78
C GLU A 84 -25.71 -26.84 25.67
N TRP A 85 -24.95 -25.74 25.63
CA TRP A 85 -25.39 -24.49 26.25
C TRP A 85 -26.62 -23.94 25.52
N ALA A 86 -26.67 -24.11 24.20
CA ALA A 86 -27.83 -23.65 23.44
C ALA A 86 -29.05 -24.52 23.72
N GLN A 87 -28.83 -25.81 23.97
CA GLN A 87 -29.92 -26.67 24.42
C GLN A 87 -30.34 -26.30 25.84
N LEU A 88 -29.37 -26.00 26.71
CA LEU A 88 -29.64 -25.71 28.10
C LEU A 88 -30.32 -24.36 28.29
N ALA A 89 -30.15 -23.44 27.34
CA ALA A 89 -30.98 -22.23 27.35
C ALA A 89 -32.42 -22.56 27.01
N ARG A 90 -32.64 -23.55 26.14
CA ARG A 90 -33.98 -24.00 25.78
C ARG A 90 -34.40 -25.18 26.67
N ARG A 91 -34.23 -25.01 27.98
CA ARG A 91 -34.75 -25.97 28.96
C ARG A 91 -35.59 -25.28 30.03
N GLU A 92 -35.07 -24.22 30.64
CA GLU A 92 -35.79 -23.50 31.67
C GLU A 92 -35.86 -22.00 31.44
N GLY A 93 -35.16 -21.47 30.44
CA GLY A 93 -35.16 -20.04 30.16
C GLY A 93 -33.76 -19.48 30.03
N LEU A 94 -33.72 -18.17 29.80
CA LEU A 94 -32.45 -17.46 29.60
C LEU A 94 -32.00 -16.87 30.93
N LEU A 95 -31.74 -17.77 31.87
CA LEU A 95 -31.22 -17.39 33.17
C LEU A 95 -30.11 -18.31 33.67
N ALA A 96 -29.96 -19.51 33.11
CA ALA A 96 -29.08 -20.53 33.66
C ALA A 96 -27.63 -20.22 33.30
N LEU A 97 -26.96 -19.55 34.24
CA LEU A 97 -25.53 -19.26 34.13
C LEU A 97 -24.67 -20.33 34.80
N GLU A 98 -25.26 -21.41 35.29
CA GLU A 98 -24.54 -22.44 36.02
C GLU A 98 -23.65 -23.30 35.12
N ALA A 99 -23.88 -23.29 33.80
CA ALA A 99 -22.95 -23.92 32.88
C ALA A 99 -21.75 -23.05 32.56
N SER A 100 -21.85 -21.74 32.82
CA SER A 100 -20.73 -20.81 32.60
C SER A 100 -19.94 -20.68 33.90
N ILE A 101 -19.30 -21.77 34.28
CA ILE A 101 -18.51 -21.84 35.51
C ILE A 101 -17.05 -22.18 35.25
N GLU A 102 -16.77 -23.10 34.32
CA GLU A 102 -15.38 -23.45 34.07
C GLU A 102 -14.66 -22.36 33.26
N ASP A 103 -15.09 -22.14 32.00
CA ASP A 103 -14.88 -21.01 31.08
C ASP A 103 -13.54 -20.30 31.21
N VAL A 104 -12.45 -21.08 31.12
CA VAL A 104 -11.11 -20.62 31.51
C VAL A 104 -10.44 -19.73 30.50
N ASP A 105 -11.08 -19.44 29.36
CA ASP A 105 -10.40 -18.69 28.30
C ASP A 105 -10.28 -17.22 28.67
N ASP A 106 -11.41 -16.53 28.81
CA ASP A 106 -11.37 -15.08 28.83
C ASP A 106 -12.63 -14.54 29.51
N ALA A 107 -12.56 -13.26 29.88
CA ALA A 107 -13.77 -12.52 30.25
C ALA A 107 -14.66 -12.26 29.04
N PHE A 108 -14.13 -12.42 27.83
CA PHE A 108 -14.91 -12.29 26.60
C PHE A 108 -16.05 -13.30 26.52
N LEU A 109 -15.90 -14.47 27.13
CA LEU A 109 -17.04 -15.35 27.33
C LEU A 109 -17.84 -14.95 28.55
N LYS A 110 -17.20 -14.39 29.57
CA LYS A 110 -17.89 -14.04 30.81
C LYS A 110 -18.89 -12.92 30.59
N ASN A 111 -18.44 -11.80 30.01
CA ASN A 111 -19.34 -10.68 29.76
C ASN A 111 -20.36 -11.02 28.70
N GLY A 112 -19.97 -11.81 27.70
CA GLY A 112 -20.90 -12.20 26.64
C GLY A 112 -22.03 -13.08 27.15
N LEU A 113 -21.68 -14.14 27.90
CA LEU A 113 -22.73 -15.03 28.41
C LEU A 113 -23.53 -14.37 29.53
N SER A 114 -22.86 -13.63 30.43
CA SER A 114 -23.56 -12.97 31.52
C SER A 114 -24.29 -11.71 31.09
N MET A 115 -24.13 -11.27 29.84
CA MET A 115 -24.99 -10.25 29.27
C MET A 115 -26.07 -10.86 28.38
N ALA A 116 -25.82 -12.06 27.86
CA ALA A 116 -26.88 -12.83 27.20
C ALA A 116 -27.97 -13.21 28.18
N VAL A 117 -27.60 -13.91 29.25
CA VAL A 117 -28.53 -14.03 30.37
C VAL A 117 -28.56 -12.69 31.11
N ASP A 118 -29.70 -12.44 31.78
CA ASP A 118 -30.08 -11.29 32.63
C ASP A 118 -29.51 -9.94 32.19
N GLY A 119 -29.53 -9.69 30.89
CA GLY A 119 -28.97 -8.46 30.35
C GLY A 119 -29.89 -7.76 29.38
N GLN A 120 -31.02 -8.40 29.07
CA GLN A 120 -32.13 -7.95 28.22
C GLN A 120 -31.73 -7.25 26.93
N SER A 121 -30.62 -7.68 26.32
CA SER A 121 -30.01 -6.96 25.21
C SER A 121 -29.73 -7.92 24.06
N ALA A 122 -30.04 -7.50 22.83
CA ALA A 122 -29.77 -8.29 21.65
C ALA A 122 -28.74 -7.62 20.73
N GLU A 123 -29.01 -6.40 20.28
CA GLU A 123 -28.06 -5.67 19.44
C GLU A 123 -26.92 -5.07 20.26
N PHE A 124 -27.18 -4.77 21.54
CA PHE A 124 -26.15 -4.29 22.45
C PHE A 124 -25.08 -5.34 22.72
N ILE A 125 -25.38 -6.62 22.47
CA ILE A 125 -24.37 -7.68 22.57
C ILE A 125 -23.30 -7.48 21.51
N ARG A 126 -23.69 -7.55 20.23
CA ARG A 126 -22.73 -7.57 19.12
C ARG A 126 -21.96 -6.27 19.02
N ASP A 127 -22.58 -5.16 19.45
CA ASP A 127 -21.89 -3.87 19.49
C ASP A 127 -20.67 -3.91 20.40
N ILE A 128 -20.85 -4.31 21.66
CA ILE A 128 -19.73 -4.28 22.59
C ILE A 128 -18.75 -5.42 22.32
N MET A 129 -19.24 -6.57 21.80
CA MET A 129 -18.33 -7.67 21.48
C MET A 129 -17.43 -7.33 20.29
N THR A 130 -18.02 -6.73 19.25
CA THR A 130 -17.26 -6.34 18.08
C THR A 130 -16.33 -5.16 18.38
N GLU A 131 -16.76 -4.24 19.26
CA GLU A 131 -15.86 -3.15 19.62
C GLU A 131 -14.71 -3.65 20.48
N GLU A 132 -14.96 -4.67 21.31
CA GLU A 132 -13.87 -5.28 22.09
C GLU A 132 -12.88 -5.99 21.19
N VAL A 133 -13.36 -6.70 20.16
CA VAL A 133 -12.42 -7.40 19.30
C VAL A 133 -11.68 -6.43 18.39
N GLU A 134 -12.30 -5.29 18.04
CA GLU A 134 -11.59 -4.26 17.28
C GLU A 134 -10.53 -3.57 18.13
N ALA A 135 -10.82 -3.34 19.42
CA ALA A 135 -9.82 -2.74 20.30
C ALA A 135 -8.66 -3.68 20.54
N MET A 136 -8.95 -4.98 20.71
CA MET A 136 -7.91 -5.99 20.85
C MET A 136 -7.07 -6.07 19.59
N GLU A 137 -7.71 -5.95 18.42
CA GLU A 137 -6.98 -5.96 17.16
C GLU A 137 -6.08 -4.75 17.01
N ASP A 138 -6.55 -3.58 17.47
CA ASP A 138 -5.71 -2.38 17.43
C ASP A 138 -4.53 -2.48 18.39
N ARG A 139 -4.75 -3.11 19.55
CA ARG A 139 -3.65 -3.32 20.50
C ARG A 139 -2.61 -4.30 19.96
N HIS A 140 -3.04 -5.32 19.23
CA HIS A 140 -2.06 -6.19 18.59
C HIS A 140 -1.41 -5.57 17.36
N GLN A 141 -2.08 -4.62 16.69
CA GLN A 141 -1.40 -3.83 15.67
C GLN A 141 -0.29 -2.99 16.29
N ALA A 142 -0.58 -2.38 17.44
CA ALA A 142 0.42 -1.65 18.21
C ALA A 142 1.53 -2.57 18.72
N GLY A 143 1.23 -3.84 18.96
CA GLY A 143 2.26 -4.79 19.30
C GLY A 143 3.18 -5.13 18.13
N ALA A 144 2.59 -5.54 17.01
CA ALA A 144 3.36 -5.97 15.85
C ALA A 144 4.12 -4.84 15.17
N ALA A 145 3.69 -3.59 15.40
CA ALA A 145 4.36 -2.45 14.79
C ALA A 145 5.79 -2.29 15.29
N ILE A 146 6.06 -2.71 16.53
CA ILE A 146 7.40 -2.60 17.09
C ILE A 146 8.38 -3.47 16.31
N PHE A 147 7.98 -4.71 16.04
CA PHE A 147 8.83 -5.64 15.31
C PHE A 147 8.95 -5.24 13.85
N THR A 148 7.85 -4.74 13.27
CA THR A 148 7.88 -4.17 11.92
C THR A 148 8.92 -3.06 11.79
N GLN A 149 8.85 -2.08 12.69
CA GLN A 149 9.73 -0.92 12.62
C GLN A 149 11.19 -1.30 12.90
N ALA A 150 11.41 -2.22 13.85
CA ALA A 150 12.77 -2.70 14.10
C ALA A 150 13.34 -3.42 12.88
N GLY A 151 12.50 -4.16 12.16
CA GLY A 151 12.93 -4.77 10.92
C GLY A 151 13.25 -3.76 9.84
N THR A 152 12.51 -2.63 9.81
CA THR A 152 12.82 -1.61 8.83
C THR A 152 14.12 -0.88 9.15
N TYR A 153 14.37 -0.58 10.43
CA TYR A 153 15.52 0.23 10.76
C TYR A 153 16.80 -0.59 10.95
N ALA A 154 16.70 -1.91 11.08
CA ALA A 154 17.90 -2.69 11.33
C ALA A 154 18.92 -2.73 10.18
N PRO A 155 18.55 -3.03 8.91
CA PRO A 155 19.62 -3.11 7.89
C PRO A 155 20.21 -1.75 7.52
N THR A 156 19.44 -0.68 7.68
CA THR A 156 19.97 0.66 7.45
C THR A 156 21.01 1.03 8.49
N LEU A 157 20.77 0.69 9.76
CA LEU A 157 21.77 0.95 10.78
C LEU A 157 22.95 -0.02 10.66
N GLY A 158 22.72 -1.22 10.12
CA GLY A 158 23.83 -2.12 9.86
C GLY A 158 24.76 -1.59 8.77
N VAL A 159 24.18 -1.09 7.68
CA VAL A 159 25.02 -0.53 6.64
C VAL A 159 25.55 0.84 7.07
N LEU A 160 24.94 1.47 8.06
CA LEU A 160 25.55 2.63 8.71
C LEU A 160 26.82 2.23 9.46
N GLY A 161 26.78 1.09 10.15
CA GLY A 161 28.00 0.51 10.68
C GLY A 161 29.02 0.20 9.60
N ALA A 162 28.55 -0.23 8.43
CA ALA A 162 29.44 -0.51 7.31
C ALA A 162 30.12 0.75 6.77
N VAL A 163 29.38 1.87 6.67
CA VAL A 163 29.98 3.08 6.14
C VAL A 163 30.94 3.68 7.17
N ILE A 164 30.66 3.52 8.46
CA ILE A 164 31.61 3.96 9.48
C ILE A 164 32.86 3.09 9.44
N GLY A 165 32.69 1.79 9.21
CA GLY A 165 33.83 0.91 9.07
C GLY A 165 34.69 1.22 7.85
N LEU A 166 34.07 1.60 6.74
CA LEU A 166 34.86 1.84 5.55
C LEU A 166 35.51 3.23 5.56
N ILE A 167 34.89 4.22 6.21
CA ILE A 167 35.62 5.48 6.39
C ILE A 167 36.69 5.35 7.47
N ALA A 168 36.57 4.37 8.37
CA ALA A 168 37.68 4.07 9.25
C ALA A 168 38.80 3.35 8.52
N ALA A 169 38.44 2.46 7.60
CA ALA A 169 39.44 1.63 6.92
C ALA A 169 40.21 2.42 5.88
N LEU A 170 39.53 3.30 5.14
CA LEU A 170 40.24 4.09 4.14
C LEU A 170 40.95 5.31 4.72
N SER A 171 40.80 5.57 6.02
CA SER A 171 41.64 6.54 6.70
C SER A 171 42.82 5.84 7.38
N HIS A 172 43.68 5.27 6.54
CA HIS A 172 44.78 4.42 7.00
C HIS A 172 45.87 4.47 5.92
N MET A 173 46.95 3.71 6.14
CA MET A 173 48.03 3.66 5.15
C MET A 173 47.63 2.82 3.94
N ASP A 174 47.04 1.65 4.19
CA ASP A 174 46.28 0.85 3.21
C ASP A 174 47.14 0.38 2.04
N ASN A 175 48.14 -0.44 2.34
CA ASN A 175 48.93 -1.01 1.24
C ASN A 175 48.28 -2.26 0.64
N THR A 176 48.22 -3.36 1.41
CA THR A 176 47.67 -4.59 0.84
C THR A 176 46.67 -5.30 1.72
N ASP A 177 46.93 -5.39 3.03
CA ASP A 177 46.25 -6.38 3.87
C ASP A 177 45.39 -5.79 4.96
N GLU A 178 45.68 -4.57 5.42
CA GLU A 178 44.80 -3.93 6.40
C GLU A 178 43.46 -3.58 5.76
N LEU A 179 43.49 -2.94 4.60
CA LEU A 179 42.31 -2.93 3.75
C LEU A 179 42.11 -4.34 3.19
N GLY A 180 40.86 -4.69 2.94
CA GLY A 180 40.52 -6.09 2.78
C GLY A 180 39.99 -6.62 4.09
N HIS A 181 40.85 -6.68 5.11
CA HIS A 181 40.45 -7.22 6.40
C HIS A 181 39.54 -6.25 7.15
N ALA A 182 39.91 -4.97 7.20
CA ALA A 182 39.10 -4.00 7.89
C ALA A 182 37.82 -3.69 7.12
N ILE A 183 37.86 -3.75 5.79
CA ILE A 183 36.65 -3.52 5.01
C ILE A 183 35.74 -4.74 5.05
N SER A 184 36.29 -5.92 5.35
CA SER A 184 35.45 -7.08 5.60
C SER A 184 34.82 -7.00 6.98
N ALA A 185 35.58 -6.51 7.96
CA ALA A 185 35.03 -6.28 9.30
C ALA A 185 33.99 -5.18 9.29
N ALA A 186 34.08 -4.25 8.33
CA ALA A 186 33.03 -3.26 8.13
C ALA A 186 31.73 -3.93 7.69
N PHE A 187 31.83 -4.88 6.75
CA PHE A 187 30.65 -5.57 6.24
C PHE A 187 30.09 -6.61 7.20
N VAL A 188 30.72 -6.82 8.36
CA VAL A 188 30.10 -7.62 9.40
C VAL A 188 28.85 -6.92 9.94
N ALA A 189 28.88 -5.59 9.96
CA ALA A 189 27.75 -4.82 10.51
C ALA A 189 26.53 -4.91 9.61
N THR A 190 26.71 -4.81 8.29
CA THR A 190 25.58 -4.92 7.39
C THR A 190 25.03 -6.33 7.34
N LEU A 191 25.84 -7.34 7.65
CA LEU A 191 25.33 -8.69 7.78
C LEU A 191 24.39 -8.80 8.96
N LEU A 192 24.76 -8.22 10.10
CA LEU A 192 23.87 -8.26 11.26
C LEU A 192 22.61 -7.47 11.01
N GLY A 193 22.72 -6.35 10.29
CA GLY A 193 21.54 -5.57 9.95
C GLY A 193 20.59 -6.32 9.04
N ILE A 194 21.13 -6.99 8.02
CA ILE A 194 20.29 -7.79 7.13
C ILE A 194 19.66 -8.97 7.88
N PHE A 195 20.50 -9.75 8.58
CA PHE A 195 20.06 -10.97 9.26
C PHE A 195 19.06 -10.68 10.35
N THR A 196 19.53 -10.01 11.42
CA THR A 196 18.67 -9.65 12.53
C THR A 196 17.78 -8.50 12.12
N GLY A 197 16.63 -8.79 11.53
CA GLY A 197 15.82 -7.75 10.95
C GLY A 197 15.14 -8.14 9.66
N TYR A 198 15.73 -9.06 8.90
CA TYR A 198 15.04 -9.68 7.78
C TYR A 198 14.58 -11.09 8.09
N VAL A 199 15.41 -11.89 8.76
CA VAL A 199 14.99 -13.23 9.10
C VAL A 199 14.43 -13.30 10.51
N LEU A 200 14.51 -12.22 11.27
CA LEU A 200 13.94 -12.20 12.61
C LEU A 200 12.80 -11.20 12.76
N TRP A 201 13.02 -9.91 12.54
CA TRP A 201 11.99 -8.96 12.98
C TRP A 201 10.85 -8.78 11.98
N HIS A 202 11.09 -8.90 10.68
CA HIS A 202 9.95 -8.98 9.77
C HIS A 202 9.12 -10.25 9.94
N PRO A 203 9.67 -11.46 10.10
CA PRO A 203 8.77 -12.59 10.42
C PRO A 203 8.25 -12.62 11.85
N PHE A 204 8.91 -12.00 12.83
CA PHE A 204 8.28 -11.88 14.16
C PHE A 204 7.07 -10.95 14.11
N ALA A 205 7.19 -9.82 13.41
CA ALA A 205 6.05 -8.96 13.13
C ALA A 205 4.98 -9.70 12.37
N ASN A 206 5.40 -10.54 11.42
CA ASN A 206 4.46 -11.31 10.62
C ASN A 206 3.71 -12.33 11.47
N LYS A 207 4.42 -13.02 12.37
CA LYS A 207 3.78 -14.02 13.20
C LYS A 207 2.86 -13.38 14.24
N LEU A 208 3.21 -12.18 14.72
CA LEU A 208 2.27 -11.43 15.54
C LEU A 208 1.02 -11.06 14.76
N LYS A 209 1.18 -10.71 13.47
CA LYS A 209 0.01 -10.44 12.63
C LYS A 209 -0.83 -11.69 12.41
N ARG A 210 -0.18 -12.84 12.22
CA ARG A 210 -0.90 -14.08 11.95
C ARG A 210 -1.61 -14.60 13.20
N LYS A 211 -0.95 -14.49 14.36
CA LYS A 211 -1.61 -14.88 15.60
C LYS A 211 -2.68 -13.88 15.99
N SER A 212 -2.55 -12.62 15.54
CA SER A 212 -3.63 -11.66 15.70
C SER A 212 -4.83 -12.04 14.84
N LYS A 213 -4.58 -12.49 13.61
CA LYS A 213 -5.64 -13.00 12.75
C LYS A 213 -6.31 -14.22 13.36
N GLN A 214 -5.51 -15.11 13.97
CA GLN A 214 -6.07 -16.29 14.63
C GLN A 214 -6.91 -15.91 15.84
N GLU A 215 -6.47 -14.92 16.61
CA GLU A 215 -7.24 -14.52 17.79
C GLU A 215 -8.52 -13.81 17.41
N VAL A 216 -8.46 -12.97 16.37
CA VAL A 216 -9.66 -12.29 15.86
C VAL A 216 -10.62 -13.30 15.25
N LYS A 217 -10.12 -14.34 14.57
CA LYS A 217 -10.99 -15.38 14.06
C LYS A 217 -11.65 -16.17 15.18
N LEU A 218 -10.85 -16.57 16.19
CA LEU A 218 -11.37 -17.34 17.30
C LEU A 218 -12.30 -16.54 18.20
N ARG A 219 -12.28 -15.21 18.13
CA ARG A 219 -13.21 -14.42 18.92
C ARG A 219 -14.38 -13.88 18.12
N GLU A 220 -14.23 -13.69 16.81
CA GLU A 220 -15.39 -13.43 15.96
C GLU A 220 -16.25 -14.67 15.80
N VAL A 221 -15.68 -15.87 15.91
CA VAL A 221 -16.53 -17.05 15.86
C VAL A 221 -17.29 -17.23 17.18
N MET A 222 -16.81 -16.63 18.27
CA MET A 222 -17.52 -16.72 19.55
C MET A 222 -18.76 -15.85 19.58
N ILE A 223 -18.87 -14.86 18.69
CA ILE A 223 -20.00 -13.94 18.71
C ILE A 223 -21.27 -14.66 18.27
N GLU A 224 -21.16 -15.56 17.28
CA GLU A 224 -22.28 -16.42 16.94
C GLU A 224 -22.60 -17.40 18.05
N GLY A 225 -21.60 -17.78 18.85
CA GLY A 225 -21.87 -18.60 20.02
C GLY A 225 -22.61 -17.87 21.12
N VAL A 226 -22.49 -16.55 21.19
CA VAL A 226 -23.23 -15.77 22.17
C VAL A 226 -24.60 -15.37 21.66
N LEU A 227 -24.68 -14.94 20.39
CA LEU A 227 -25.96 -14.65 19.76
C LEU A 227 -26.81 -15.89 19.56
N SER A 228 -26.18 -17.07 19.55
CA SER A 228 -26.93 -18.32 19.47
C SER A 228 -27.66 -18.62 20.77
N VAL A 229 -26.91 -18.64 21.88
CA VAL A 229 -27.51 -18.95 23.17
C VAL A 229 -28.38 -17.81 23.67
N LEU A 230 -28.18 -16.59 23.16
CA LEU A 230 -29.11 -15.51 23.43
C LEU A 230 -30.46 -15.78 22.79
N GLU A 231 -30.47 -16.32 21.58
CA GLU A 231 -31.71 -16.65 20.89
C GLU A 231 -32.21 -18.04 21.26
N GLY A 232 -31.37 -18.89 21.83
CA GLY A 232 -31.76 -20.24 22.15
C GLY A 232 -31.97 -21.10 20.92
N GLN A 233 -30.90 -21.36 20.19
CA GLN A 233 -30.98 -22.06 18.92
C GLN A 233 -30.91 -23.58 19.15
N ALA A 234 -30.75 -24.32 18.06
CA ALA A 234 -30.77 -25.77 18.05
C ALA A 234 -29.50 -26.29 17.38
N PRO A 235 -29.04 -27.52 17.72
CA PRO A 235 -27.82 -28.05 17.10
C PRO A 235 -27.98 -28.55 15.67
N LYS A 236 -29.08 -28.21 15.01
CA LYS A 236 -29.15 -28.28 13.56
C LYS A 236 -28.77 -26.96 12.90
N VAL A 237 -28.72 -25.87 13.67
CA VAL A 237 -28.43 -24.55 13.14
C VAL A 237 -27.02 -24.10 13.47
N ILE A 238 -26.49 -24.49 14.64
CA ILE A 238 -25.18 -24.03 15.11
C ILE A 238 -24.08 -24.53 14.19
N GLU A 239 -24.15 -25.80 13.82
CA GLU A 239 -23.13 -26.40 12.97
C GLU A 239 -23.30 -25.98 11.52
N GLN A 240 -24.51 -25.63 11.11
CA GLN A 240 -24.70 -25.04 9.79
C GLN A 240 -24.40 -23.54 9.78
N LYS A 241 -24.07 -22.96 10.93
CA LYS A 241 -23.73 -21.56 11.04
C LYS A 241 -22.24 -21.30 11.27
N LEU A 242 -21.55 -22.14 12.04
CA LEU A 242 -20.17 -21.83 12.39
C LEU A 242 -19.15 -22.93 12.12
N LEU A 243 -19.51 -24.01 11.43
CA LEU A 243 -18.47 -24.94 10.98
C LEU A 243 -17.68 -24.40 9.79
N MET A 244 -18.09 -23.29 9.20
CA MET A 244 -17.33 -22.70 8.10
C MET A 244 -15.99 -22.14 8.54
N TYR A 245 -15.81 -21.85 9.83
CA TYR A 245 -14.56 -21.27 10.32
C TYR A 245 -13.59 -22.34 10.78
N LEU A 246 -13.40 -23.35 9.94
CA LEU A 246 -12.45 -24.45 10.12
C LEU A 246 -12.36 -25.15 8.77
N PRO A 247 -11.19 -25.69 8.39
CA PRO A 247 -10.98 -26.11 7.00
C PRO A 247 -11.83 -27.30 6.60
N ALA A 248 -11.86 -27.54 5.28
CA ALA A 248 -12.63 -28.65 4.72
C ALA A 248 -12.05 -29.99 5.10
N LYS A 249 -10.75 -30.04 5.39
CA LYS A 249 -10.09 -31.24 5.89
C LYS A 249 -10.57 -31.63 7.29
N ASP A 250 -11.14 -30.70 8.04
CA ASP A 250 -11.70 -30.99 9.36
C ASP A 250 -13.22 -30.90 9.41
N ARG A 251 -13.88 -30.50 8.32
CA ARG A 251 -15.34 -30.49 8.33
C ARG A 251 -15.91 -31.89 8.15
N LEU A 252 -15.26 -32.74 7.36
CA LEU A 252 -15.74 -34.12 7.22
C LEU A 252 -15.38 -34.97 8.42
N LYS A 253 -14.37 -34.57 9.20
CA LYS A 253 -14.05 -35.26 10.44
C LYS A 253 -15.08 -35.01 11.54
N PHE A 254 -15.97 -34.02 11.36
CA PHE A 254 -17.13 -33.86 12.23
C PHE A 254 -18.29 -34.70 11.68
N ALA A 255 -18.07 -36.01 11.66
CA ALA A 255 -19.10 -36.99 11.30
C ALA A 255 -18.85 -38.22 12.16
N GLU A 256 -19.49 -38.26 13.32
CA GLU A 256 -19.34 -39.36 14.27
C GLU A 256 -20.56 -39.46 15.16
N VAL B 14 5.28 6.81 -1.44
CA VAL B 14 6.31 5.89 -0.89
C VAL B 14 6.39 4.65 -1.81
N ASP B 15 6.17 4.85 -3.11
CA ASP B 15 6.23 3.72 -4.08
C ASP B 15 7.63 3.12 -4.05
N GLU B 16 8.65 3.95 -4.31
CA GLU B 16 10.08 3.54 -4.30
C GLU B 16 10.29 2.33 -5.22
N SER B 17 9.71 2.35 -6.43
CA SER B 17 9.84 1.23 -7.39
C SER B 17 10.74 1.66 -8.57
N TRP B 18 12.01 1.95 -8.28
CA TRP B 18 12.96 2.39 -9.34
C TRP B 18 14.39 2.02 -8.92
N LEU B 19 14.57 1.62 -7.66
CA LEU B 19 15.92 1.24 -7.16
C LEU B 19 16.35 -0.04 -7.87
N VAL B 20 15.40 -0.70 -8.53
CA VAL B 20 15.66 -1.93 -9.28
C VAL B 20 16.63 -1.71 -10.44
N PRO B 21 16.47 -0.71 -11.34
CA PRO B 21 17.54 -0.50 -12.34
C PRO B 21 18.81 0.11 -11.76
N TYR B 22 18.67 0.98 -10.75
CA TYR B 22 19.81 1.64 -10.15
C TYR B 22 20.75 0.67 -9.44
N ALA B 23 20.20 -0.31 -8.71
CA ALA B 23 21.03 -1.37 -8.15
C ALA B 23 21.70 -2.20 -9.23
N ASP B 24 21.04 -2.35 -10.40
CA ASP B 24 21.62 -3.13 -11.48
C ASP B 24 22.82 -2.46 -12.10
N ILE B 25 22.75 -1.15 -12.35
CA ILE B 25 23.90 -0.46 -12.94
C ILE B 25 25.02 -0.36 -11.92
N LEU B 26 24.68 -0.34 -10.63
CA LEU B 26 25.72 -0.40 -9.62
C LEU B 26 26.42 -1.76 -9.55
N THR B 27 25.67 -2.87 -9.64
CA THR B 27 26.29 -4.20 -9.75
C THR B 27 27.16 -4.30 -10.99
N LEU B 28 26.71 -3.73 -12.10
CA LEU B 28 27.41 -3.90 -13.37
C LEU B 28 28.70 -3.09 -13.40
N LEU B 29 28.64 -1.81 -13.01
CA LEU B 29 29.85 -1.02 -12.94
C LEU B 29 30.75 -1.48 -11.80
N LEU B 30 30.18 -2.10 -10.77
CA LEU B 30 30.97 -2.74 -9.73
C LEU B 30 31.83 -3.85 -10.29
N ALA B 31 31.21 -4.84 -10.96
CA ALA B 31 31.96 -5.95 -11.53
C ALA B 31 32.91 -5.48 -12.64
N LEU B 32 32.55 -4.38 -13.30
CA LEU B 32 33.45 -3.73 -14.24
C LEU B 32 34.74 -3.28 -13.56
N PHE B 33 34.63 -2.54 -12.46
CA PHE B 33 35.85 -2.14 -11.77
C PHE B 33 36.48 -3.26 -10.94
N ILE B 34 35.77 -4.37 -10.76
CA ILE B 34 36.41 -5.57 -10.22
C ILE B 34 37.34 -6.20 -11.25
N VAL B 35 36.83 -6.41 -12.47
CA VAL B 35 37.63 -7.08 -13.49
C VAL B 35 38.73 -6.16 -14.01
N LEU B 36 38.52 -4.83 -13.96
CA LEU B 36 39.64 -3.92 -14.22
C LEU B 36 40.65 -3.92 -13.09
N TYR B 37 40.23 -4.23 -11.87
CA TYR B 37 41.18 -4.40 -10.76
C TYR B 37 41.86 -5.76 -10.94
N ALA B 38 42.95 -5.75 -11.70
CA ALA B 38 43.68 -6.98 -12.00
C ALA B 38 45.18 -6.89 -11.70
N SER B 39 45.66 -5.75 -11.22
CA SER B 39 47.08 -5.61 -10.91
C SER B 39 47.27 -4.99 -9.52
N ASP C 15 4.39 -4.85 -1.36
CA ASP C 15 5.64 -5.09 -2.13
C ASP C 15 6.83 -5.16 -1.16
N GLU C 16 8.05 -4.91 -1.67
CA GLU C 16 9.27 -4.98 -0.83
C GLU C 16 9.93 -3.59 -0.75
N SER C 17 10.88 -3.44 0.18
CA SER C 17 11.63 -2.19 0.44
C SER C 17 13.04 -2.53 0.95
N TRP C 18 13.54 -3.70 0.53
CA TRP C 18 14.89 -4.17 0.95
C TRP C 18 15.95 -3.54 0.05
N LEU C 19 15.52 -2.92 -1.05
CA LEU C 19 16.44 -2.29 -1.98
C LEU C 19 17.22 -1.15 -1.33
N VAL C 20 16.70 -0.62 -0.23
CA VAL C 20 17.41 0.47 0.47
C VAL C 20 18.75 0.02 1.05
N PRO C 21 18.89 -1.12 1.78
CA PRO C 21 20.25 -1.54 2.16
C PRO C 21 21.07 -2.09 1.01
N TYR C 22 20.42 -2.77 0.08
CA TYR C 22 21.11 -3.37 -1.06
C TYR C 22 21.74 -2.34 -1.98
N ALA C 23 21.05 -1.24 -2.26
CA ALA C 23 21.66 -0.14 -2.99
C ALA C 23 22.81 0.49 -2.21
N ASP C 24 22.74 0.46 -0.88
CA ASP C 24 23.82 1.05 -0.07
C ASP C 24 25.09 0.22 -0.14
N ILE C 25 24.99 -1.10 -0.05
CA ILE C 25 26.19 -1.93 -0.12
C ILE C 25 26.75 -1.91 -1.54
N LEU C 26 25.88 -1.71 -2.54
CA LEU C 26 26.39 -1.53 -3.90
C LEU C 26 27.14 -0.22 -4.08
N THR C 27 26.62 0.90 -3.53
CA THR C 27 27.36 2.17 -3.54
C THR C 27 28.70 2.03 -2.82
N LEU C 28 28.70 1.32 -1.70
CA LEU C 28 29.90 1.24 -0.87
C LEU C 28 30.98 0.39 -1.52
N LEU C 29 30.61 -0.80 -2.00
CA LEU C 29 31.59 -1.63 -2.70
C LEU C 29 31.96 -1.04 -4.05
N LEU C 30 31.06 -0.23 -4.64
CA LEU C 30 31.39 0.54 -5.82
C LEU C 30 32.52 1.51 -5.57
N ALA C 31 32.37 2.39 -4.57
CA ALA C 31 33.41 3.37 -4.26
C ALA C 31 34.68 2.69 -3.76
N LEU C 32 34.53 1.51 -3.16
CA LEU C 32 35.66 0.68 -2.79
C LEU C 32 36.48 0.29 -4.03
N PHE C 33 35.82 -0.26 -5.05
CA PHE C 33 36.57 -0.59 -6.26
C PHE C 33 36.90 0.62 -7.12
N ILE C 34 36.32 1.78 -6.83
CA ILE C 34 36.78 3.02 -7.45
C ILE C 34 38.12 3.43 -6.86
N VAL C 35 38.22 3.47 -5.53
CA VAL C 35 39.45 3.93 -4.90
C VAL C 35 40.56 2.88 -5.03
N LEU C 36 40.21 1.59 -5.16
CA LEU C 36 41.22 0.61 -5.53
C LEU C 36 41.63 0.74 -6.99
N TYR C 37 40.77 1.28 -7.85
CA TYR C 37 41.16 1.57 -9.22
C TYR C 37 41.99 2.85 -9.19
N ALA C 38 43.30 2.68 -9.01
CA ALA C 38 44.21 3.82 -8.91
C ALA C 38 45.41 3.71 -9.85
N SER C 39 45.51 2.64 -10.64
CA SER C 39 46.63 2.49 -11.56
C SER C 39 46.14 2.10 -12.96
N LYS D 3 10.43 11.78 27.98
CA LYS D 3 11.58 11.08 28.55
C LYS D 3 11.99 9.95 27.63
N THR D 4 10.99 9.17 27.18
CA THR D 4 11.24 8.10 26.23
C THR D 4 11.68 8.60 24.86
N SER D 5 11.36 9.85 24.51
CA SER D 5 11.95 10.44 23.32
C SER D 5 13.40 10.79 23.55
N LEU D 6 13.74 11.22 24.77
CA LEU D 6 15.08 11.73 25.04
C LEU D 6 16.10 10.60 25.21
N ILE D 7 15.72 9.54 25.92
CA ILE D 7 16.64 8.46 26.27
C ILE D 7 16.93 7.59 25.05
N GLY D 8 16.17 7.78 23.98
CA GLY D 8 16.46 7.13 22.73
C GLY D 8 17.32 7.98 21.82
N ILE D 9 17.10 9.29 21.83
CA ILE D 9 17.89 10.18 20.97
C ILE D 9 19.32 10.28 21.48
N ILE D 10 19.49 10.38 22.81
CA ILE D 10 20.85 10.41 23.35
C ILE D 10 21.53 9.06 23.15
N LEU D 11 20.76 7.98 23.13
CA LEU D 11 21.33 6.66 22.87
C LEU D 11 21.71 6.50 21.40
N ALA D 12 20.93 7.07 20.49
CA ALA D 12 21.25 6.96 19.07
C ALA D 12 22.46 7.80 18.70
N PHE D 13 22.53 9.03 19.23
CA PHE D 13 23.71 9.86 18.98
C PHE D 13 24.96 9.29 19.64
N VAL D 14 24.84 8.76 20.87
CA VAL D 14 26.03 8.15 21.48
C VAL D 14 26.34 6.82 20.82
N ALA D 15 25.37 6.18 20.17
CA ALA D 15 25.62 4.94 19.45
C ALA D 15 26.45 5.22 18.20
N LEU D 16 26.04 6.24 17.43
CA LEU D 16 26.86 6.76 16.33
C LEU D 16 28.26 7.14 16.82
N SER D 17 28.32 7.86 17.94
CA SER D 17 29.58 8.42 18.41
C SER D 17 30.55 7.33 18.88
N VAL D 18 30.08 6.38 19.68
CA VAL D 18 31.03 5.40 20.19
C VAL D 18 31.26 4.27 19.19
N GLY D 19 30.28 3.94 18.34
CA GLY D 19 30.53 3.03 17.25
C GLY D 19 31.42 3.61 16.18
N MET D 20 31.54 4.94 16.13
CA MET D 20 32.63 5.53 15.39
C MET D 20 33.94 5.40 16.15
N VAL D 21 34.00 5.97 17.35
CA VAL D 21 35.29 6.20 18.03
C VAL D 21 35.97 4.92 18.50
N LEU D 22 35.27 3.78 18.52
CA LEU D 22 35.99 2.54 18.76
C LEU D 22 36.53 1.93 17.47
N LYS D 23 36.15 2.46 16.31
CA LYS D 23 36.71 2.00 15.04
C LYS D 23 37.24 3.13 14.18
N GLY D 24 36.56 4.29 14.15
CA GLY D 24 37.06 5.43 13.44
C GLY D 24 38.10 6.19 14.22
N VAL D 25 38.82 7.06 13.53
CA VAL D 25 40.04 7.64 14.06
C VAL D 25 39.99 9.14 14.26
N SER D 26 39.14 9.89 13.54
CA SER D 26 39.35 11.33 13.59
C SER D 26 38.10 12.14 13.90
N PHE D 27 36.92 11.74 13.39
CA PHE D 27 35.62 12.44 13.35
C PHE D 27 35.66 13.66 12.41
N SER D 28 36.82 13.98 11.85
CA SER D 28 36.96 15.09 10.92
C SER D 28 36.50 14.75 9.51
N ALA D 29 36.05 13.52 9.28
CA ALA D 29 35.54 13.14 7.96
C ALA D 29 34.20 13.83 7.68
N LEU D 30 33.22 13.64 8.56
CA LEU D 30 31.90 14.24 8.39
C LEU D 30 31.79 15.60 9.08
N ALA D 31 32.91 16.19 9.51
CA ALA D 31 32.85 17.42 10.30
C ALA D 31 32.47 18.61 9.44
N ASN D 32 33.30 18.94 8.46
CA ASN D 32 32.98 20.01 7.50
C ASN D 32 33.54 19.68 6.12
N PRO D 33 32.88 18.79 5.35
CA PRO D 33 33.16 18.77 3.92
C PRO D 33 32.24 19.71 3.14
N ALA D 34 31.11 20.06 3.79
CA ALA D 34 29.89 20.56 3.14
C ALA D 34 29.43 19.62 2.02
N ALA D 35 29.65 18.33 2.21
CA ALA D 35 28.94 17.28 1.50
C ALA D 35 27.61 16.97 2.16
N ILE D 36 27.42 17.44 3.40
CA ILE D 36 26.12 17.43 4.06
C ILE D 36 25.19 18.47 3.46
N LEU D 37 25.72 19.42 2.69
CA LEU D 37 24.92 20.47 2.08
C LEU D 37 23.95 19.91 1.06
N ILE D 38 24.27 18.77 0.45
CA ILE D 38 23.28 18.08 -0.37
C ILE D 38 22.16 17.54 0.51
N ILE D 39 22.51 16.98 1.67
CA ILE D 39 21.54 16.30 2.52
C ILE D 39 20.83 17.29 3.42
N ILE D 40 21.59 18.07 4.21
CA ILE D 40 21.00 18.96 5.20
C ILE D 40 20.18 20.06 4.55
N ALA D 41 20.70 20.66 3.49
CA ALA D 41 19.88 21.60 2.74
C ALA D 41 18.94 20.91 1.75
N GLY D 42 19.25 19.68 1.35
CA GLY D 42 18.46 19.02 0.33
C GLY D 42 17.10 18.55 0.85
N THR D 43 17.10 17.87 2.00
CA THR D 43 15.83 17.43 2.56
C THR D 43 15.00 18.60 3.07
N ILE D 44 15.66 19.70 3.49
CA ILE D 44 14.88 20.83 3.95
C ILE D 44 14.32 21.60 2.76
N SER D 45 15.03 21.59 1.62
CA SER D 45 14.49 22.17 0.40
C SER D 45 13.32 21.37 -0.12
N ALA D 46 13.44 20.04 -0.10
CA ALA D 46 12.35 19.18 -0.57
C ALA D 46 11.13 19.30 0.34
N VAL D 47 11.33 19.40 1.65
CA VAL D 47 10.17 19.50 2.53
C VAL D 47 9.57 20.91 2.52
N VAL D 48 10.32 21.95 2.15
CA VAL D 48 9.66 23.24 2.01
C VAL D 48 9.03 23.43 0.64
N ILE D 49 9.48 22.70 -0.39
CA ILE D 49 8.67 22.62 -1.62
C ILE D 49 7.38 21.88 -1.33
N ALA D 50 7.48 20.81 -0.53
CA ALA D 50 6.39 19.85 -0.37
C ALA D 50 5.22 20.35 0.47
N PHE D 51 5.38 21.44 1.23
CA PHE D 51 4.32 21.79 2.16
C PHE D 51 3.96 23.26 2.11
N PRO D 52 2.66 23.60 2.19
CA PRO D 52 2.15 24.98 2.04
C PRO D 52 2.16 25.86 3.29
N THR D 53 3.31 26.50 3.53
CA THR D 53 3.56 27.44 4.63
C THR D 53 3.28 26.80 5.99
N LYS D 54 3.78 25.59 6.16
CA LYS D 54 3.77 24.93 7.47
C LYS D 54 5.20 24.62 7.86
N GLU D 55 6.07 25.60 7.69
CA GLU D 55 7.50 25.44 7.93
C GLU D 55 8.04 26.42 8.98
N ILE D 56 7.57 27.66 8.98
CA ILE D 56 7.79 28.57 10.09
C ILE D 56 6.62 28.52 11.07
N LYS D 57 5.53 27.85 10.69
CA LYS D 57 4.32 27.76 11.51
C LYS D 57 4.32 26.51 12.37
N LYS D 58 4.67 25.36 11.81
CA LYS D 58 4.36 24.10 12.49
C LYS D 58 5.52 23.11 12.44
N VAL D 59 6.64 23.42 11.78
CA VAL D 59 7.78 22.50 11.87
C VAL D 59 8.45 22.55 13.24
N PRO D 60 8.88 23.68 13.82
CA PRO D 60 9.46 23.58 15.17
C PRO D 60 8.43 23.42 16.26
N THR D 61 7.17 23.75 15.98
CA THR D 61 6.12 23.72 17.00
C THR D 61 5.84 22.30 17.46
N LEU D 62 5.67 21.37 16.51
CA LEU D 62 5.51 19.98 16.90
C LEU D 62 6.82 19.20 16.87
N PHE D 63 7.92 19.82 16.45
CA PHE D 63 9.24 19.33 16.88
C PHE D 63 9.42 19.52 18.37
N ARG D 64 8.72 20.50 18.96
CA ARG D 64 8.73 20.68 20.41
C ARG D 64 7.81 19.70 21.12
N VAL D 65 6.65 19.37 20.54
CA VAL D 65 5.73 18.45 21.20
C VAL D 65 6.20 17.01 21.09
N LEU D 66 7.23 16.76 20.29
CA LEU D 66 7.91 15.47 20.27
C LEU D 66 8.64 15.19 21.59
N PHE D 67 8.88 16.22 22.41
CA PHE D 67 9.47 16.06 23.72
C PHE D 67 8.54 16.36 24.88
N LYS D 68 7.34 16.87 24.62
CA LYS D 68 6.42 17.21 25.70
C LYS D 68 5.82 15.94 26.29
N GLU D 69 6.22 15.61 27.51
CA GLU D 69 5.62 14.50 28.24
C GLU D 69 4.21 14.89 28.63
N ASN D 70 3.24 14.18 28.07
CA ASN D 70 1.82 14.52 28.21
C ASN D 70 1.37 14.31 29.66
N LYS D 71 1.14 15.41 30.37
CA LYS D 71 0.57 15.33 31.71
C LYS D 71 -0.96 15.43 31.68
N GLN D 72 -1.56 14.68 30.77
CA GLN D 72 -3.00 14.56 30.71
C GLN D 72 -3.45 13.33 31.49
N LEU D 73 -4.72 13.33 31.86
CA LEU D 73 -5.28 12.29 32.72
C LEU D 73 -5.38 10.99 31.93
N THR D 74 -4.47 10.06 32.21
CA THR D 74 -4.51 8.74 31.58
C THR D 74 -5.71 7.94 32.08
N ILE D 75 -5.97 6.83 31.40
CA ILE D 75 -7.26 6.13 31.45
C ILE D 75 -7.54 5.56 32.83
N GLU D 76 -6.49 5.12 33.54
CA GLU D 76 -6.68 4.47 34.83
C GLU D 76 -7.17 5.40 35.93
N GLU D 77 -7.09 6.72 35.75
CA GLU D 77 -7.73 7.65 36.67
C GLU D 77 -8.95 8.33 36.07
N LEU D 78 -9.46 7.84 34.93
CA LEU D 78 -10.78 8.27 34.47
C LEU D 78 -11.91 7.57 35.18
N ILE D 79 -11.67 6.35 35.67
CA ILE D 79 -12.70 5.58 36.38
C ILE D 79 -13.02 6.23 37.73
N PRO D 80 -12.05 6.66 38.61
CA PRO D 80 -12.49 7.42 39.79
C PRO D 80 -12.84 8.88 39.50
N MET D 81 -12.82 9.24 38.22
CA MET D 81 -13.24 10.54 37.74
C MET D 81 -14.65 10.54 37.16
N PHE D 82 -14.97 9.60 36.27
CA PHE D 82 -16.29 9.58 35.64
C PHE D 82 -17.34 8.84 36.44
N SER D 83 -16.96 7.82 37.22
CA SER D 83 -17.97 7.02 37.91
C SER D 83 -18.62 7.80 39.05
N GLU D 84 -17.83 8.53 39.84
CA GLU D 84 -18.45 9.32 40.91
C GLU D 84 -19.15 10.54 40.37
N TRP D 85 -18.74 11.05 39.20
CA TRP D 85 -19.52 12.08 38.53
C TRP D 85 -20.85 11.56 38.00
N ALA D 86 -20.88 10.32 37.51
CA ALA D 86 -22.15 9.71 37.12
C ALA D 86 -23.01 9.42 38.34
N GLN D 87 -22.40 9.13 39.48
CA GLN D 87 -23.14 8.99 40.72
C GLN D 87 -23.72 10.32 41.18
N LEU D 88 -22.97 11.41 40.98
CA LEU D 88 -23.49 12.76 41.22
C LEU D 88 -24.66 13.08 40.29
N ALA D 89 -24.56 12.65 39.03
CA ALA D 89 -25.65 12.84 38.08
C ALA D 89 -26.86 11.98 38.43
N ARG D 90 -26.64 10.87 39.12
CA ARG D 90 -27.74 10.05 39.61
C ARG D 90 -28.41 10.67 40.83
N ARG D 91 -27.67 11.46 41.61
CA ARG D 91 -28.23 12.08 42.81
C ARG D 91 -29.19 13.21 42.45
N GLU D 92 -28.68 14.24 41.76
CA GLU D 92 -29.43 15.46 41.55
C GLU D 92 -29.82 15.72 40.09
N GLY D 93 -29.19 15.06 39.14
CA GLY D 93 -29.46 15.29 37.74
C GLY D 93 -28.28 15.92 37.02
N LEU D 94 -28.60 16.61 35.92
CA LEU D 94 -27.60 17.22 35.06
C LEU D 94 -27.24 18.64 35.48
N LEU D 95 -27.69 19.09 36.64
CA LEU D 95 -27.44 20.45 37.11
C LEU D 95 -26.13 20.57 37.90
N ALA D 96 -25.21 19.61 37.73
CA ALA D 96 -23.94 19.62 38.44
C ALA D 96 -23.01 20.64 37.80
N LEU D 97 -23.26 21.92 38.10
CA LEU D 97 -22.35 22.98 37.70
C LEU D 97 -21.08 22.99 38.55
N GLU D 98 -21.13 22.36 39.73
CA GLU D 98 -19.98 22.21 40.61
C GLU D 98 -19.10 21.02 40.23
N ALA D 99 -19.31 20.43 39.05
CA ALA D 99 -18.47 19.35 38.57
C ALA D 99 -17.44 19.80 37.54
N SER D 100 -17.62 20.98 36.94
CA SER D 100 -16.74 21.47 35.91
C SER D 100 -15.94 22.71 36.30
N ILE D 101 -16.29 23.36 37.42
CA ILE D 101 -15.56 24.56 37.82
C ILE D 101 -14.18 24.20 38.36
N GLU D 102 -14.02 23.00 38.91
CA GLU D 102 -12.72 22.49 39.31
C GLU D 102 -12.03 21.74 38.18
N ASP D 103 -12.70 21.58 37.04
CA ASP D 103 -12.14 20.86 35.89
C ASP D 103 -11.25 21.81 35.10
N VAL D 104 -10.14 22.19 35.73
CA VAL D 104 -9.15 23.07 35.08
C VAL D 104 -8.22 22.15 34.31
N ASP D 105 -8.66 21.75 33.13
CA ASP D 105 -8.00 20.75 32.31
C ASP D 105 -8.11 21.21 30.86
N ASP D 106 -7.89 20.28 29.93
CA ASP D 106 -7.99 20.56 28.51
C ASP D 106 -9.42 20.92 28.13
N ALA D 107 -9.55 21.77 27.10
CA ALA D 107 -10.84 22.28 26.64
C ALA D 107 -11.71 21.23 25.94
N PHE D 108 -11.20 20.00 25.78
CA PHE D 108 -12.03 18.89 25.30
C PHE D 108 -13.11 18.51 26.30
N LEU D 109 -12.93 18.87 27.57
CA LEU D 109 -13.83 18.47 28.64
C LEU D 109 -14.94 19.49 28.89
N LYS D 110 -14.64 20.79 28.74
CA LYS D 110 -15.61 21.82 29.11
C LYS D 110 -16.80 21.86 28.17
N ASN D 111 -16.56 21.70 26.87
CA ASN D 111 -17.66 21.70 25.90
C ASN D 111 -18.51 20.42 25.93
N GLY D 112 -18.22 19.47 26.83
CA GLY D 112 -19.11 18.37 27.08
C GLY D 112 -19.71 18.43 28.47
N LEU D 113 -18.95 18.95 29.43
CA LEU D 113 -19.39 19.01 30.82
C LEU D 113 -20.26 20.23 31.11
N SER D 114 -19.81 21.43 30.72
CA SER D 114 -20.49 22.66 31.11
C SER D 114 -21.83 22.83 30.42
N MET D 115 -21.99 22.28 29.22
CA MET D 115 -23.23 22.43 28.48
C MET D 115 -24.28 21.39 28.87
N ALA D 116 -23.99 20.54 29.84
CA ALA D 116 -24.91 19.47 30.24
C ALA D 116 -26.15 20.00 30.94
N VAL D 117 -26.12 21.24 31.42
CA VAL D 117 -27.29 21.83 32.06
C VAL D 117 -28.19 22.54 31.05
N ASP D 118 -27.66 22.92 29.88
CA ASP D 118 -28.42 23.70 28.91
C ASP D 118 -28.17 23.19 27.49
N GLY D 119 -28.18 21.87 27.30
CA GLY D 119 -27.96 21.35 25.96
C GLY D 119 -28.10 19.85 25.83
N GLN D 120 -28.75 19.41 24.76
CA GLN D 120 -28.82 17.99 24.44
C GLN D 120 -27.47 17.53 23.92
N SER D 121 -27.09 16.30 24.28
CA SER D 121 -25.72 15.86 24.06
C SER D 121 -25.56 14.46 23.51
N ALA D 122 -26.63 13.66 23.38
CA ALA D 122 -26.49 12.26 23.00
C ALA D 122 -26.07 12.09 21.55
N GLU D 123 -26.92 12.53 20.62
CA GLU D 123 -26.61 12.48 19.20
C GLU D 123 -26.00 13.79 18.70
N PHE D 124 -25.59 14.67 19.61
CA PHE D 124 -25.07 15.98 19.25
C PHE D 124 -23.60 16.13 19.66
N ILE D 125 -23.30 15.94 20.95
CA ILE D 125 -21.95 16.14 21.44
C ILE D 125 -21.04 14.97 21.08
N ARG D 126 -21.61 13.77 20.97
CA ARG D 126 -20.85 12.62 20.45
C ARG D 126 -20.32 12.89 19.04
N ASP D 127 -21.17 13.46 18.19
CA ASP D 127 -20.74 13.80 16.83
C ASP D 127 -19.77 14.98 16.82
N ILE D 128 -19.99 15.97 17.69
CA ILE D 128 -19.08 17.13 17.74
C ILE D 128 -17.70 16.72 18.23
N MET D 129 -17.63 15.88 19.26
CA MET D 129 -16.34 15.39 19.74
C MET D 129 -15.68 14.48 18.73
N THR D 130 -16.46 13.71 17.96
CA THR D 130 -15.87 12.87 16.92
C THR D 130 -15.28 13.71 15.80
N GLU D 131 -15.98 14.79 15.41
CA GLU D 131 -15.43 15.70 14.41
C GLU D 131 -14.20 16.42 14.93
N GLU D 132 -14.19 16.76 16.22
CA GLU D 132 -13.05 17.46 16.80
C GLU D 132 -11.83 16.55 16.89
N VAL D 133 -12.02 15.28 17.23
CA VAL D 133 -10.86 14.38 17.27
C VAL D 133 -10.43 13.97 15.87
N GLU D 134 -11.33 14.01 14.88
CA GLU D 134 -10.89 13.79 13.50
C GLU D 134 -10.09 14.98 13.00
N ALA D 135 -10.46 16.20 13.38
CA ALA D 135 -9.68 17.37 13.02
C ALA D 135 -8.33 17.39 13.72
N MET D 136 -8.30 16.96 14.98
CA MET D 136 -7.04 16.76 15.70
C MET D 136 -6.17 15.73 15.02
N GLU D 137 -6.77 14.64 14.55
CA GLU D 137 -6.04 13.61 13.83
C GLU D 137 -5.50 14.13 12.51
N ASP D 138 -6.23 15.03 11.84
CA ASP D 138 -5.73 15.62 10.61
C ASP D 138 -4.58 16.59 10.87
N ARG D 139 -4.68 17.38 11.95
CA ARG D 139 -3.59 18.32 12.27
C ARG D 139 -2.33 17.60 12.69
N HIS D 140 -2.44 16.50 13.44
CA HIS D 140 -1.25 15.70 13.72
C HIS D 140 -0.81 14.87 12.53
N GLN D 141 -1.72 14.56 11.61
CA GLN D 141 -1.36 13.92 10.35
C GLN D 141 -0.50 14.84 9.50
N ALA D 142 -0.72 16.15 9.62
CA ALA D 142 0.12 17.12 8.91
C ALA D 142 1.58 17.03 9.34
N GLY D 143 1.84 17.04 10.65
CA GLY D 143 3.22 16.96 11.11
C GLY D 143 3.83 15.58 10.97
N ALA D 144 3.04 14.54 11.19
CA ALA D 144 3.47 13.18 10.89
C ALA D 144 3.83 13.03 9.42
N ALA D 145 3.07 13.69 8.54
CA ALA D 145 3.36 13.68 7.12
C ALA D 145 4.66 14.42 6.81
N ILE D 146 4.89 15.54 7.49
CA ILE D 146 6.14 16.29 7.34
C ILE D 146 7.33 15.41 7.67
N PHE D 147 7.24 14.64 8.75
CA PHE D 147 8.39 13.82 9.11
C PHE D 147 8.51 12.54 8.28
N THR D 148 7.40 11.94 7.83
CA THR D 148 7.49 10.84 6.87
C THR D 148 8.15 11.29 5.58
N GLN D 149 7.76 12.47 5.08
CA GLN D 149 8.34 12.98 3.84
C GLN D 149 9.80 13.34 4.01
N ALA D 150 10.19 13.86 5.18
CA ALA D 150 11.61 14.05 5.44
C ALA D 150 12.35 12.72 5.45
N GLY D 151 11.74 11.68 6.01
CA GLY D 151 12.33 10.36 5.97
C GLY D 151 12.34 9.71 4.60
N THR D 152 11.53 10.18 3.66
CA THR D 152 11.58 9.64 2.30
C THR D 152 12.48 10.44 1.38
N TYR D 153 12.66 11.74 1.62
CA TYR D 153 13.58 12.48 0.77
C TYR D 153 15.00 12.48 1.31
N ALA D 154 15.20 12.09 2.57
CA ALA D 154 16.56 12.12 3.11
C ALA D 154 17.50 11.05 2.56
N PRO D 155 17.16 9.74 2.54
CA PRO D 155 18.15 8.79 1.99
C PRO D 155 18.30 8.89 0.49
N THR D 156 17.28 9.36 -0.23
CA THR D 156 17.44 9.61 -1.65
C THR D 156 18.35 10.80 -1.91
N LEU D 157 18.32 11.81 -1.03
CA LEU D 157 19.33 12.87 -1.11
C LEU D 157 20.70 12.36 -0.72
N GLY D 158 20.77 11.34 0.13
CA GLY D 158 22.05 10.71 0.39
C GLY D 158 22.59 9.96 -0.82
N VAL D 159 21.70 9.28 -1.53
CA VAL D 159 22.01 8.67 -2.83
C VAL D 159 22.47 9.73 -3.83
N LEU D 160 21.82 10.89 -3.81
CA LEU D 160 22.14 11.97 -4.74
C LEU D 160 23.50 12.56 -4.44
N GLY D 161 23.79 12.82 -3.16
CA GLY D 161 25.12 13.30 -2.80
C GLY D 161 26.19 12.25 -3.05
N ALA D 162 25.83 10.98 -2.90
CA ALA D 162 26.73 9.88 -3.22
C ALA D 162 27.11 9.89 -4.70
N VAL D 163 26.12 10.04 -5.58
CA VAL D 163 26.44 10.00 -7.01
C VAL D 163 27.06 11.31 -7.50
N ILE D 164 26.87 12.44 -6.79
CA ILE D 164 27.71 13.60 -7.05
C ILE D 164 29.16 13.27 -6.71
N GLY D 165 29.38 12.60 -5.58
CA GLY D 165 30.72 12.15 -5.22
C GLY D 165 31.29 11.15 -6.20
N LEU D 166 30.44 10.34 -6.81
CA LEU D 166 30.90 9.37 -7.81
C LEU D 166 31.34 10.07 -9.08
N ILE D 167 30.54 11.03 -9.56
CA ILE D 167 30.90 11.81 -10.75
C ILE D 167 32.18 12.59 -10.52
N ALA D 168 32.30 13.23 -9.35
CA ALA D 168 33.55 13.90 -9.01
C ALA D 168 34.67 12.91 -8.72
N ALA D 169 34.36 11.65 -8.48
CA ALA D 169 35.39 10.66 -8.17
C ALA D 169 36.09 10.18 -9.44
N LEU D 170 35.36 9.52 -10.33
CA LEU D 170 36.09 8.86 -11.40
C LEU D 170 36.36 9.77 -12.60
N SER D 171 35.85 11.01 -12.59
CA SER D 171 36.22 11.98 -13.61
C SER D 171 37.39 12.85 -13.15
N HIS D 172 37.19 13.55 -12.05
CA HIS D 172 38.23 14.38 -11.44
C HIS D 172 39.21 13.42 -10.77
N MET D 173 40.19 12.97 -11.56
CA MET D 173 40.89 11.73 -11.32
C MET D 173 42.35 11.89 -11.74
N ASP D 174 43.18 10.91 -11.35
CA ASP D 174 44.61 10.76 -11.72
C ASP D 174 45.47 11.87 -11.11
N ASN D 175 45.01 12.44 -10.00
CA ASN D 175 45.81 13.35 -9.18
C ASN D 175 45.56 12.96 -7.72
N THR D 176 45.79 11.67 -7.42
CA THR D 176 45.20 10.87 -6.34
C THR D 176 45.08 11.50 -4.95
N ASP D 177 45.85 12.54 -4.65
CA ASP D 177 45.60 13.32 -3.43
C ASP D 177 44.61 14.45 -3.69
N GLU D 178 43.49 14.09 -4.31
CA GLU D 178 42.34 14.96 -4.51
C GLU D 178 41.05 14.19 -4.28
N LEU D 179 41.14 12.89 -4.05
CA LEU D 179 39.99 11.99 -3.99
C LEU D 179 39.33 11.95 -2.64
N GLY D 180 39.76 12.82 -1.71
CA GLY D 180 39.14 12.92 -0.40
C GLY D 180 37.72 13.42 -0.50
N HIS D 181 37.54 14.66 -0.92
CA HIS D 181 36.19 15.21 -1.04
C HIS D 181 35.59 14.93 -2.43
N ALA D 182 35.74 13.67 -2.86
CA ALA D 182 34.82 13.02 -3.77
C ALA D 182 34.28 11.72 -3.19
N ILE D 183 35.18 10.80 -2.83
CA ILE D 183 34.77 9.49 -2.33
C ILE D 183 34.37 9.56 -0.86
N SER D 184 35.14 10.26 -0.02
CA SER D 184 34.70 10.46 1.35
C SER D 184 33.50 11.38 1.41
N ALA D 185 33.37 12.29 0.44
CA ALA D 185 32.15 13.08 0.30
C ALA D 185 30.95 12.20 0.01
N ALA D 186 31.12 11.20 -0.85
CA ALA D 186 30.04 10.24 -1.12
C ALA D 186 29.75 9.37 0.09
N PHE D 187 30.79 9.01 0.84
CA PHE D 187 30.63 8.19 2.04
C PHE D 187 29.86 8.92 3.12
N VAL D 188 30.28 10.15 3.42
CA VAL D 188 29.55 11.01 4.36
C VAL D 188 28.17 11.34 3.82
N ALA D 189 28.02 11.41 2.50
CA ALA D 189 26.73 11.68 1.89
C ALA D 189 25.73 10.56 2.13
N THR D 190 26.15 9.31 1.87
CA THR D 190 25.26 8.20 2.12
C THR D 190 25.11 7.93 3.63
N LEU D 191 26.13 8.26 4.42
CA LEU D 191 26.04 8.16 5.87
C LEU D 191 24.99 9.12 6.42
N LEU D 192 24.99 10.35 5.91
CA LEU D 192 23.99 11.33 6.31
C LEU D 192 22.61 10.93 5.81
N GLY D 193 22.53 10.41 4.60
CA GLY D 193 21.26 9.93 4.07
C GLY D 193 20.62 8.82 4.87
N ILE D 194 21.41 7.82 5.25
CA ILE D 194 20.84 6.71 6.02
C ILE D 194 20.89 6.94 7.53
N PHE D 195 21.54 8.00 8.01
CA PHE D 195 21.49 8.33 9.43
C PHE D 195 20.39 9.35 9.66
N THR D 196 20.58 10.56 9.13
CA THR D 196 19.60 11.61 9.21
C THR D 196 18.48 11.24 8.26
N GLY D 197 17.42 10.67 8.81
CA GLY D 197 16.29 10.17 8.07
C GLY D 197 15.89 8.80 8.56
N TYR D 198 16.82 7.87 8.71
CA TYR D 198 16.38 6.57 9.20
C TYR D 198 16.51 6.43 10.70
N VAL D 199 17.51 7.04 11.34
CA VAL D 199 17.51 7.05 12.79
C VAL D 199 16.79 8.29 13.31
N LEU D 200 16.46 9.24 12.43
CA LEU D 200 15.81 10.46 12.87
C LEU D 200 14.40 10.64 12.33
N TRP D 201 14.21 10.74 11.01
CA TRP D 201 12.93 11.30 10.57
C TRP D 201 11.85 10.26 10.36
N HIS D 202 12.19 9.02 10.02
CA HIS D 202 11.19 7.96 10.14
C HIS D 202 10.78 7.67 11.58
N PRO D 203 11.68 7.54 12.57
CA PRO D 203 11.16 7.35 13.94
C PRO D 203 10.53 8.59 14.55
N PHE D 204 10.90 9.80 14.15
CA PHE D 204 10.15 10.99 14.58
C PHE D 204 8.73 10.97 14.04
N ALA D 205 8.59 10.54 12.78
CA ALA D 205 7.26 10.37 12.18
C ALA D 205 6.46 9.33 12.92
N ASN D 206 7.10 8.22 13.28
CA ASN D 206 6.43 7.16 14.02
C ASN D 206 6.06 7.62 15.43
N LYS D 207 6.91 8.43 16.06
CA LYS D 207 6.61 8.96 17.38
C LYS D 207 5.42 9.90 17.36
N LEU D 208 5.34 10.75 16.33
CA LEU D 208 4.17 11.61 16.17
C LEU D 208 2.91 10.79 15.93
N LYS D 209 3.01 9.73 15.11
CA LYS D 209 1.86 8.87 14.86
C LYS D 209 1.40 8.14 16.12
N ARG D 210 2.35 7.62 16.90
CA ARG D 210 1.98 6.87 18.10
C ARG D 210 1.43 7.77 19.20
N LYS D 211 2.00 8.97 19.37
CA LYS D 211 1.44 9.91 20.34
C LYS D 211 0.07 10.43 19.89
N SER D 212 -0.13 10.56 18.57
CA SER D 212 -1.45 10.93 18.07
C SER D 212 -2.46 9.82 18.31
N LYS D 213 -2.06 8.55 18.17
CA LYS D 213 -3.01 7.47 18.45
C LYS D 213 -3.30 7.31 19.93
N GLN D 214 -2.31 7.60 20.79
CA GLN D 214 -2.58 7.68 22.22
C GLN D 214 -3.58 8.79 22.53
N GLU D 215 -3.42 9.94 21.88
CA GLU D 215 -4.36 11.05 22.06
C GLU D 215 -5.74 10.70 21.52
N VAL D 216 -5.80 9.94 20.42
CA VAL D 216 -7.08 9.52 19.84
C VAL D 216 -7.81 8.59 20.80
N LYS D 217 -7.12 7.58 21.32
CA LYS D 217 -7.76 6.65 22.25
C LYS D 217 -8.14 7.33 23.55
N LEU D 218 -7.31 8.26 24.03
CA LEU D 218 -7.62 9.00 25.25
C LEU D 218 -8.82 9.91 25.07
N ARG D 219 -8.91 10.61 23.94
CA ARG D 219 -10.04 11.48 23.72
C ARG D 219 -11.31 10.69 23.42
N GLU D 220 -11.20 9.51 22.81
CA GLU D 220 -12.41 8.71 22.57
C GLU D 220 -12.93 8.06 23.86
N VAL D 221 -12.05 7.67 24.77
CA VAL D 221 -12.56 7.20 26.05
C VAL D 221 -13.06 8.38 26.88
N MET D 222 -12.55 9.59 26.66
CA MET D 222 -13.20 10.78 27.22
C MET D 222 -14.58 11.02 26.62
N ILE D 223 -14.76 10.69 25.33
CA ILE D 223 -16.08 10.80 24.69
C ILE D 223 -17.07 9.87 25.35
N GLU D 224 -16.68 8.60 25.53
CA GLU D 224 -17.57 7.63 26.15
C GLU D 224 -17.82 7.98 27.62
N GLY D 225 -16.84 8.57 28.29
CA GLY D 225 -17.05 9.05 29.65
C GLY D 225 -18.05 10.19 29.72
N VAL D 226 -17.89 11.19 28.84
CA VAL D 226 -18.74 12.38 28.95
C VAL D 226 -20.16 12.08 28.47
N LEU D 227 -20.33 11.12 27.55
CA LEU D 227 -21.70 10.73 27.23
C LEU D 227 -22.24 9.73 28.24
N SER D 228 -21.38 9.12 29.07
CA SER D 228 -21.89 8.36 30.20
C SER D 228 -22.36 9.27 31.33
N VAL D 229 -21.81 10.50 31.39
CA VAL D 229 -22.25 11.48 32.38
C VAL D 229 -23.67 11.94 32.08
N LEU D 230 -24.04 11.99 30.81
CA LEU D 230 -25.34 12.51 30.39
C LEU D 230 -26.51 11.67 30.90
N GLU D 231 -26.32 10.37 31.02
CA GLU D 231 -27.37 9.50 31.55
C GLU D 231 -27.07 8.94 32.92
N GLY D 232 -25.79 8.77 33.29
CA GLY D 232 -25.42 8.16 34.54
C GLY D 232 -25.88 6.72 34.65
N GLN D 233 -25.54 5.91 33.63
CA GLN D 233 -26.11 4.57 33.48
C GLN D 233 -25.44 3.63 34.48
N ALA D 234 -25.89 3.73 35.75
CA ALA D 234 -25.56 2.86 36.87
C ALA D 234 -24.06 2.71 37.06
N PRO D 235 -23.37 3.72 37.65
CA PRO D 235 -21.94 4.00 37.36
C PRO D 235 -20.91 2.87 37.43
N LYS D 236 -21.28 1.72 37.99
CA LYS D 236 -20.44 0.54 37.88
C LYS D 236 -20.62 -0.19 36.55
N VAL D 237 -21.77 -0.02 35.90
CA VAL D 237 -21.98 -0.56 34.55
C VAL D 237 -21.14 0.22 33.53
N ILE D 238 -20.82 1.48 33.82
CA ILE D 238 -19.91 2.28 33.01
C ILE D 238 -18.50 1.67 32.99
N GLU D 239 -18.15 0.89 34.01
CA GLU D 239 -16.79 0.38 34.20
C GLU D 239 -16.56 -0.94 33.46
N GLN D 240 -17.30 -1.21 32.38
CA GLN D 240 -16.99 -2.35 31.52
C GLN D 240 -16.85 -1.93 30.07
N LYS D 241 -17.55 -0.86 29.68
CA LYS D 241 -17.53 -0.38 28.31
C LYS D 241 -16.30 0.45 27.98
N LEU D 242 -15.39 0.66 28.93
CA LEU D 242 -14.18 1.44 28.69
C LEU D 242 -12.92 0.80 29.25
N LEU D 243 -13.04 -0.25 30.09
CA LEU D 243 -11.86 -0.90 30.65
C LEU D 243 -11.08 -1.70 29.63
N MET D 244 -11.67 -1.98 28.47
CA MET D 244 -10.97 -2.67 27.39
C MET D 244 -9.89 -1.82 26.74
N TYR D 245 -9.93 -0.50 26.91
CA TYR D 245 -8.95 0.35 26.25
C TYR D 245 -7.60 0.30 26.95
N LEU D 246 -7.59 0.33 28.28
CA LEU D 246 -6.37 0.06 29.01
C LEU D 246 -6.01 -1.43 28.86
N PRO D 247 -4.72 -1.77 28.84
CA PRO D 247 -4.31 -3.13 28.48
C PRO D 247 -4.68 -4.16 29.54
N ALA D 248 -4.47 -5.42 29.18
CA ALA D 248 -4.80 -6.53 30.07
C ALA D 248 -3.85 -6.65 31.24
N LYS D 249 -2.68 -6.01 31.16
CA LYS D 249 -1.75 -5.99 32.28
C LYS D 249 -2.32 -5.22 33.46
N ASP D 250 -2.76 -3.98 33.20
CA ASP D 250 -3.35 -3.13 34.23
C ASP D 250 -4.86 -3.27 34.31
N ARG D 251 -5.41 -4.38 33.82
CA ARG D 251 -6.84 -4.64 33.91
C ARG D 251 -7.20 -5.50 35.11
N LEU D 252 -6.37 -6.49 35.42
CA LEU D 252 -6.51 -7.23 36.67
C LEU D 252 -6.01 -6.45 37.87
N LYS D 253 -5.23 -5.38 37.64
CA LYS D 253 -4.92 -4.45 38.72
C LYS D 253 -6.16 -3.70 39.15
N PHE D 254 -7.06 -3.42 38.21
CA PHE D 254 -8.32 -2.76 38.54
C PHE D 254 -9.24 -3.78 39.18
N ALA D 255 -9.13 -3.90 40.50
CA ALA D 255 -10.01 -4.75 41.28
C ALA D 255 -10.51 -4.09 42.55
N GLU D 256 -10.03 -2.90 42.90
CA GLU D 256 -10.45 -2.21 44.10
C GLU D 256 -11.45 -1.11 43.78
N ASP E 2 2.65 31.45 -3.16
CA ASP E 2 3.92 30.76 -3.01
C ASP E 2 4.56 30.99 -1.64
N LYS E 3 5.81 31.47 -1.64
CA LYS E 3 6.72 31.74 -0.51
C LYS E 3 7.21 30.41 0.10
N THR E 4 6.87 29.28 -0.51
CA THR E 4 7.45 27.99 -0.16
C THR E 4 7.96 27.22 -1.36
N SER E 5 7.31 27.34 -2.51
CA SER E 5 7.72 26.58 -3.69
C SER E 5 9.00 27.13 -4.28
N LEU E 6 9.02 28.42 -4.62
CA LEU E 6 10.15 28.98 -5.34
C LEU E 6 11.36 29.14 -4.44
N ILE E 7 11.14 29.37 -3.14
CA ILE E 7 12.22 29.38 -2.17
C ILE E 7 12.87 28.00 -2.08
N GLY E 8 12.04 26.95 -2.09
CA GLY E 8 12.59 25.61 -2.05
C GLY E 8 13.27 25.20 -3.35
N ILE E 9 12.75 25.70 -4.48
CA ILE E 9 13.39 25.46 -5.77
C ILE E 9 14.78 26.09 -5.81
N ILE E 10 14.90 27.34 -5.36
CA ILE E 10 16.21 27.98 -5.41
C ILE E 10 17.13 27.39 -4.33
N LEU E 11 16.57 26.90 -3.20
CA LEU E 11 17.38 26.19 -2.22
C LEU E 11 17.96 24.91 -2.79
N ALA E 12 17.13 24.10 -3.46
CA ALA E 12 17.59 22.85 -4.03
C ALA E 12 18.60 23.08 -5.15
N PHE E 13 18.37 24.10 -5.98
CA PHE E 13 19.32 24.35 -7.07
C PHE E 13 20.65 24.90 -6.57
N VAL E 14 20.65 25.80 -5.57
CA VAL E 14 21.95 26.25 -5.07
C VAL E 14 22.60 25.16 -4.25
N ALA E 15 21.82 24.25 -3.65
CA ALA E 15 22.38 23.09 -2.96
C ALA E 15 23.14 22.20 -3.91
N LEU E 16 22.51 21.83 -5.03
CA LEU E 16 23.20 21.07 -6.07
C LEU E 16 24.38 21.84 -6.64
N SER E 17 24.23 23.15 -6.82
CA SER E 17 25.26 23.95 -7.50
C SER E 17 26.54 24.06 -6.68
N VAL E 18 26.44 24.51 -5.42
CA VAL E 18 27.65 24.65 -4.62
C VAL E 18 27.88 23.37 -3.81
N GLY E 19 27.16 22.31 -4.14
CA GLY E 19 27.65 20.99 -3.83
C GLY E 19 28.60 20.51 -4.90
N MET E 20 28.16 20.57 -6.16
CA MET E 20 28.96 20.04 -7.27
C MET E 20 30.23 20.85 -7.49
N VAL E 21 30.15 22.19 -7.44
CA VAL E 21 31.36 22.97 -7.67
C VAL E 21 32.30 22.96 -6.48
N LEU E 22 31.85 22.47 -5.33
CA LEU E 22 32.73 22.25 -4.19
C LEU E 22 33.25 20.82 -4.14
N LYS E 23 32.45 19.84 -4.57
CA LYS E 23 32.92 18.47 -4.60
C LYS E 23 33.85 18.19 -5.77
N GLY E 24 33.90 19.07 -6.77
CA GLY E 24 34.93 18.96 -7.80
C GLY E 24 34.46 18.76 -9.23
N VAL E 25 33.30 19.30 -9.57
CA VAL E 25 32.80 19.27 -10.95
C VAL E 25 32.12 20.59 -11.24
N SER E 26 32.42 21.19 -12.40
CA SER E 26 32.12 22.60 -12.66
C SER E 26 30.83 22.79 -13.46
N PHE E 27 29.80 21.96 -13.23
CA PHE E 27 28.42 22.15 -13.68
C PHE E 27 28.25 22.03 -15.20
N SER E 28 29.35 21.88 -15.93
CA SER E 28 29.29 21.71 -17.37
C SER E 28 29.14 20.25 -17.77
N ALA E 29 29.29 19.32 -16.82
CA ALA E 29 29.11 17.90 -17.14
C ALA E 29 27.65 17.56 -17.40
N LEU E 30 26.72 18.27 -16.75
CA LEU E 30 25.31 18.13 -17.04
C LEU E 30 24.80 19.19 -17.99
N ALA E 31 25.67 20.09 -18.45
CA ALA E 31 25.27 21.09 -19.44
C ALA E 31 25.45 20.58 -20.87
N ASN E 32 26.58 19.95 -21.17
CA ASN E 32 26.80 19.42 -22.52
C ASN E 32 26.03 18.20 -23.03
N PRO E 33 25.51 17.22 -22.24
CA PRO E 33 24.96 16.04 -22.91
C PRO E 33 23.57 16.29 -23.49
N ALA E 34 23.34 15.75 -24.68
CA ALA E 34 22.03 15.82 -25.31
C ALA E 34 21.19 14.58 -25.03
N ALA E 35 21.67 13.69 -24.16
CA ALA E 35 20.92 12.50 -23.74
C ALA E 35 19.97 12.79 -22.59
N ILE E 36 19.70 14.05 -22.29
CA ILE E 36 18.73 14.43 -21.27
C ILE E 36 17.38 14.62 -21.95
N LEU E 37 17.32 14.32 -23.24
CA LEU E 37 16.04 14.25 -23.94
C LEU E 37 15.26 13.01 -23.52
N ILE E 38 15.98 11.98 -23.04
CA ILE E 38 15.35 10.71 -22.67
C ILE E 38 14.44 10.88 -21.47
N ILE E 39 14.83 11.74 -20.53
CA ILE E 39 13.95 12.06 -19.41
C ILE E 39 12.78 12.90 -19.89
N ILE E 40 13.08 13.96 -20.64
CA ILE E 40 12.08 14.98 -20.96
C ILE E 40 11.04 14.44 -21.95
N ALA E 41 11.47 13.66 -22.93
CA ALA E 41 10.50 13.06 -23.83
C ALA E 41 9.90 11.78 -23.26
N GLY E 42 10.68 11.04 -22.46
CA GLY E 42 10.18 9.77 -21.93
C GLY E 42 9.07 9.95 -20.92
N THR E 43 9.19 10.96 -20.04
CA THR E 43 8.12 11.24 -19.08
C THR E 43 6.84 11.67 -19.79
N ILE E 44 6.96 12.50 -20.82
CA ILE E 44 5.80 12.94 -21.58
C ILE E 44 5.14 11.77 -22.31
N SER E 45 5.95 10.86 -22.86
CA SER E 45 5.42 9.67 -23.53
C SER E 45 4.68 8.76 -22.55
N ALA E 46 5.31 8.47 -21.41
CA ALA E 46 4.71 7.57 -20.42
C ALA E 46 3.48 8.20 -19.77
N VAL E 47 3.37 9.52 -19.76
CA VAL E 47 2.16 10.17 -19.28
C VAL E 47 1.07 10.15 -20.36
N VAL E 48 1.43 10.40 -21.61
CA VAL E 48 0.41 10.52 -22.66
C VAL E 48 -0.12 9.15 -23.08
N ILE E 49 0.62 8.05 -22.82
CA ILE E 49 0.02 6.73 -22.97
C ILE E 49 -1.02 6.51 -21.88
N ALA E 50 -0.71 6.94 -20.65
CA ALA E 50 -1.53 6.58 -19.50
C ALA E 50 -2.75 7.49 -19.35
N PHE E 51 -2.59 8.82 -19.57
CA PHE E 51 -3.65 9.69 -19.08
C PHE E 51 -4.58 10.15 -20.20
N PRO E 52 -5.86 10.36 -19.88
CA PRO E 52 -6.78 10.89 -20.88
C PRO E 52 -6.46 12.33 -21.26
N THR E 53 -6.84 12.69 -22.49
CA THR E 53 -6.57 14.03 -22.98
C THR E 53 -7.40 15.10 -22.29
N LYS E 54 -8.49 14.70 -21.63
CA LYS E 54 -9.22 15.64 -20.77
C LYS E 54 -8.40 16.02 -19.55
N GLU E 55 -7.53 15.13 -19.08
CA GLU E 55 -6.75 15.38 -17.87
C GLU E 55 -5.27 15.66 -18.16
N ILE E 56 -4.85 15.57 -19.41
CA ILE E 56 -3.59 16.15 -19.84
C ILE E 56 -3.94 17.44 -20.56
N LYS E 57 -2.92 18.25 -20.89
CA LYS E 57 -3.01 19.69 -21.19
C LYS E 57 -3.60 20.45 -20.01
N LYS E 58 -3.35 19.93 -18.81
CA LYS E 58 -3.47 20.66 -17.57
C LYS E 58 -2.13 20.91 -16.93
N VAL E 59 -1.08 20.20 -17.37
CA VAL E 59 0.28 20.21 -16.83
C VAL E 59 0.86 21.62 -16.69
N PRO E 60 0.71 22.59 -17.65
CA PRO E 60 1.07 23.96 -17.28
C PRO E 60 0.03 24.62 -16.38
N THR E 61 -1.25 24.35 -16.60
CA THR E 61 -2.30 25.05 -15.88
C THR E 61 -2.63 24.43 -14.53
N LEU E 62 -1.90 23.40 -14.10
CA LEU E 62 -1.80 23.10 -12.67
C LEU E 62 -0.35 22.99 -12.24
N PHE E 63 0.60 23.14 -13.16
CA PHE E 63 1.96 23.43 -12.76
C PHE E 63 2.07 24.85 -12.21
N ARG E 64 1.21 25.76 -12.68
CA ARG E 64 1.20 27.12 -12.17
C ARG E 64 0.31 27.30 -10.96
N VAL E 65 -0.52 26.32 -10.61
CA VAL E 65 -1.41 26.47 -9.46
C VAL E 65 -0.68 26.24 -8.15
N LEU E 66 0.54 25.69 -8.19
CA LEU E 66 1.30 25.56 -6.96
C LEU E 66 1.82 26.91 -6.51
N PHE E 67 2.28 27.73 -7.44
CA PHE E 67 2.81 29.04 -7.13
C PHE E 67 1.72 30.02 -6.71
N LYS E 68 0.50 29.82 -7.19
CA LYS E 68 -0.63 30.68 -6.84
C LYS E 68 -1.12 30.28 -5.46
N GLU E 69 -0.76 31.08 -4.45
CA GLU E 69 -1.28 30.86 -3.11
C GLU E 69 -2.76 31.19 -3.06
N ASN E 70 -3.47 30.51 -2.15
CA ASN E 70 -4.92 30.66 -2.06
C ASN E 70 -5.20 31.86 -1.18
N LYS E 71 -5.23 33.05 -1.79
CA LYS E 71 -5.74 34.24 -1.13
C LYS E 71 -7.23 34.41 -1.40
N GLN E 72 -7.97 33.32 -1.22
CA GLN E 72 -9.42 33.30 -1.43
C GLN E 72 -10.03 32.42 -0.34
N LEU E 73 -10.54 33.07 0.71
CA LEU E 73 -11.37 32.46 1.75
C LEU E 73 -10.63 31.37 2.52
N THR E 74 -9.58 31.80 3.20
CA THR E 74 -9.02 30.96 4.27
C THR E 74 -9.98 31.04 5.47
N ILE E 75 -9.83 30.10 6.41
CA ILE E 75 -10.80 29.92 7.49
C ILE E 75 -10.90 31.15 8.37
N GLU E 76 -9.76 31.73 8.76
CA GLU E 76 -9.75 32.79 9.78
C GLU E 76 -10.41 34.08 9.34
N GLU E 77 -10.64 34.28 8.04
CA GLU E 77 -11.47 35.38 7.57
C GLU E 77 -12.86 34.92 7.14
N LEU E 78 -13.25 33.70 7.49
CA LEU E 78 -14.59 33.23 7.18
C LEU E 78 -15.53 33.25 8.38
N ILE E 79 -15.00 33.12 9.60
CA ILE E 79 -15.85 33.22 10.79
C ILE E 79 -16.45 34.63 10.97
N PRO E 80 -15.75 35.73 10.65
CA PRO E 80 -16.50 37.00 10.55
C PRO E 80 -17.37 37.07 9.31
N MET E 81 -16.94 36.45 8.21
CA MET E 81 -17.73 36.51 6.98
C MET E 81 -19.01 35.70 7.09
N PHE E 82 -18.90 34.46 7.60
CA PHE E 82 -20.08 33.70 7.90
C PHE E 82 -20.64 34.17 9.25
N SER E 83 -21.90 33.77 9.54
CA SER E 83 -22.73 34.27 10.65
C SER E 83 -22.93 35.78 10.53
N GLU E 84 -22.92 36.25 9.29
CA GLU E 84 -23.24 37.61 8.91
C GLU E 84 -24.39 37.52 7.93
N TRP E 85 -24.28 36.58 6.98
CA TRP E 85 -25.40 36.26 6.11
C TRP E 85 -26.47 35.49 6.87
N ALA E 86 -26.03 34.55 7.72
CA ALA E 86 -26.97 33.80 8.55
C ALA E 86 -27.55 34.67 9.66
N GLN E 87 -26.81 35.71 10.07
CA GLN E 87 -27.33 36.65 11.05
C GLN E 87 -28.44 37.50 10.44
N LEU E 88 -28.14 38.17 9.32
CA LEU E 88 -29.08 39.08 8.66
C LEU E 88 -30.30 38.35 8.12
N ALA E 89 -30.18 37.06 7.80
CA ALA E 89 -31.33 36.28 7.39
C ALA E 89 -32.31 36.02 8.53
N ARG E 90 -31.85 36.11 9.78
CA ARG E 90 -32.77 35.88 10.90
C ARG E 90 -33.68 37.07 11.14
N ARG E 91 -33.34 38.25 10.64
CA ARG E 91 -34.17 39.43 10.80
C ARG E 91 -34.74 39.96 9.49
N GLU E 92 -34.17 39.59 8.34
CA GLU E 92 -34.72 39.99 7.06
C GLU E 92 -35.55 38.89 6.42
N GLY E 93 -35.04 37.67 6.36
CA GLY E 93 -35.75 36.54 5.83
C GLY E 93 -34.88 35.68 4.94
N LEU E 94 -35.40 34.49 4.62
CA LEU E 94 -34.68 33.57 3.73
C LEU E 94 -34.74 34.03 2.27
N LEU E 95 -35.72 34.86 1.92
CA LEU E 95 -35.89 35.38 0.57
C LEU E 95 -34.95 36.57 0.27
N ALA E 96 -34.00 36.85 1.17
CA ALA E 96 -33.01 37.89 0.93
C ALA E 96 -32.00 37.42 -0.11
N LEU E 97 -32.30 37.66 -1.39
CA LEU E 97 -31.43 37.24 -2.47
C LEU E 97 -30.25 38.18 -2.70
N GLU E 98 -30.03 39.15 -1.80
CA GLU E 98 -28.76 39.88 -1.76
C GLU E 98 -27.64 39.04 -1.18
N ALA E 99 -27.96 37.88 -0.59
CA ALA E 99 -26.94 37.00 -0.03
C ALA E 99 -26.15 36.27 -1.11
N SER E 100 -26.64 36.29 -2.35
CA SER E 100 -25.96 35.59 -3.44
C SER E 100 -25.33 36.55 -4.44
N ILE E 101 -25.93 37.73 -4.64
CA ILE E 101 -25.53 38.58 -5.77
C ILE E 101 -24.19 39.27 -5.53
N GLU E 102 -23.77 39.47 -4.29
CA GLU E 102 -22.44 39.96 -3.99
C GLU E 102 -21.56 38.88 -3.34
N ASP E 103 -22.07 37.66 -3.25
CA ASP E 103 -21.27 36.48 -2.92
C ASP E 103 -20.97 35.68 -4.19
N VAL E 104 -21.34 36.21 -5.35
CA VAL E 104 -21.23 35.48 -6.62
C VAL E 104 -19.81 35.46 -7.16
N ASP E 105 -18.86 36.13 -6.50
CA ASP E 105 -17.47 36.11 -6.91
C ASP E 105 -16.85 34.72 -6.80
N ASP E 106 -17.33 33.91 -5.86
CA ASP E 106 -16.83 32.56 -5.65
C ASP E 106 -17.99 31.59 -5.85
N ALA E 107 -17.98 30.90 -6.99
CA ALA E 107 -19.14 30.13 -7.45
C ALA E 107 -19.40 28.85 -6.67
N PHE E 108 -18.50 28.45 -5.77
CA PHE E 108 -18.76 27.25 -4.98
C PHE E 108 -19.87 27.50 -3.96
N LEU E 109 -19.94 28.70 -3.40
CA LEU E 109 -20.85 28.97 -2.29
C LEU E 109 -22.29 29.06 -2.75
N LYS E 110 -22.52 29.58 -3.96
CA LYS E 110 -23.88 29.73 -4.47
C LYS E 110 -24.52 28.42 -4.84
N ASN E 111 -23.72 27.35 -4.99
CA ASN E 111 -24.25 26.04 -5.36
C ASN E 111 -25.13 25.47 -4.26
N GLY E 112 -24.88 25.84 -3.02
CA GLY E 112 -25.74 25.46 -1.92
C GLY E 112 -26.64 26.59 -1.46
N LEU E 113 -26.07 27.80 -1.38
CA LEU E 113 -26.76 28.93 -0.76
C LEU E 113 -27.99 29.35 -1.55
N SER E 114 -27.83 29.54 -2.87
CA SER E 114 -28.97 29.88 -3.72
C SER E 114 -29.97 28.74 -3.79
N MET E 115 -29.47 27.50 -3.81
CA MET E 115 -30.35 26.34 -3.86
C MET E 115 -30.95 25.99 -2.51
N ALA E 116 -30.46 26.58 -1.41
CA ALA E 116 -31.15 26.43 -0.13
C ALA E 116 -32.15 27.54 0.12
N VAL E 117 -31.85 28.76 -0.32
CA VAL E 117 -32.86 29.82 -0.21
C VAL E 117 -33.94 29.65 -1.27
N ASP E 118 -33.70 28.83 -2.29
CA ASP E 118 -34.76 28.47 -3.23
C ASP E 118 -35.45 27.18 -2.80
N GLY E 119 -34.69 26.10 -2.66
CA GLY E 119 -35.26 24.78 -2.39
C GLY E 119 -35.01 24.33 -0.97
N GLN E 120 -36.07 23.87 -0.32
CA GLN E 120 -35.97 23.28 1.01
C GLN E 120 -35.38 21.88 0.91
N SER E 121 -34.06 21.78 0.88
CA SER E 121 -33.35 20.54 0.60
C SER E 121 -32.21 20.34 1.59
N ALA E 122 -32.53 20.45 2.89
CA ALA E 122 -31.55 20.61 3.96
C ALA E 122 -30.58 19.43 4.06
N GLU E 123 -31.00 18.24 3.66
CA GLU E 123 -30.08 17.12 3.52
C GLU E 123 -29.61 16.93 2.08
N PHE E 124 -30.47 17.25 1.11
CA PHE E 124 -30.12 17.07 -0.30
C PHE E 124 -29.03 18.05 -0.74
N ILE E 125 -29.06 19.27 -0.19
CA ILE E 125 -27.96 20.21 -0.44
C ILE E 125 -26.67 19.69 0.18
N ARG E 126 -26.76 19.13 1.39
CA ARG E 126 -25.60 18.50 2.02
C ARG E 126 -25.13 17.31 1.22
N ASP E 127 -26.06 16.52 0.68
CA ASP E 127 -25.70 15.33 -0.09
C ASP E 127 -24.98 15.70 -1.39
N ILE E 128 -25.53 16.66 -2.14
CA ILE E 128 -24.89 17.04 -3.39
C ILE E 128 -23.61 17.83 -3.15
N MET E 129 -23.49 18.50 -1.99
CA MET E 129 -22.26 19.24 -1.74
C MET E 129 -21.14 18.32 -1.31
N THR E 130 -21.47 17.29 -0.51
CA THR E 130 -20.48 16.27 -0.19
C THR E 130 -20.09 15.48 -1.43
N GLU E 131 -21.06 15.22 -2.33
CA GLU E 131 -20.74 14.58 -3.59
C GLU E 131 -19.82 15.44 -4.44
N GLU E 132 -20.05 16.75 -4.45
CA GLU E 132 -19.20 17.65 -5.24
C GLU E 132 -17.80 17.76 -4.65
N VAL E 133 -17.67 17.77 -3.32
CA VAL E 133 -16.32 17.90 -2.77
C VAL E 133 -15.56 16.57 -2.85
N GLU E 134 -16.26 15.43 -2.81
CA GLU E 134 -15.55 14.18 -3.04
C GLU E 134 -15.16 14.02 -4.50
N ALA E 135 -16.00 14.51 -5.42
CA ALA E 135 -15.62 14.53 -6.83
C ALA E 135 -14.44 15.47 -7.07
N MET E 136 -14.38 16.58 -6.32
CA MET E 136 -13.26 17.50 -6.47
C MET E 136 -11.98 16.89 -5.90
N GLU E 137 -12.09 16.15 -4.80
CA GLU E 137 -10.93 15.44 -4.24
C GLU E 137 -10.43 14.37 -5.20
N ASP E 138 -11.36 13.66 -5.86
CA ASP E 138 -10.97 12.67 -6.85
C ASP E 138 -10.33 13.32 -8.08
N ARG E 139 -10.83 14.50 -8.46
CA ARG E 139 -10.27 15.23 -9.58
C ARG E 139 -8.87 15.74 -9.27
N HIS E 140 -8.64 16.24 -8.05
CA HIS E 140 -7.30 16.67 -7.68
C HIS E 140 -6.36 15.49 -7.48
N GLN E 141 -6.90 14.32 -7.11
CA GLN E 141 -6.07 13.11 -7.06
C GLN E 141 -5.65 12.69 -8.46
N ALA E 142 -6.57 12.78 -9.43
CA ALA E 142 -6.21 12.49 -10.81
C ALA E 142 -5.26 13.53 -11.39
N GLY E 143 -5.35 14.77 -10.91
CA GLY E 143 -4.40 15.80 -11.29
C GLY E 143 -3.00 15.53 -10.76
N ALA E 144 -2.91 15.29 -9.45
CA ALA E 144 -1.63 14.98 -8.82
C ALA E 144 -1.07 13.64 -9.23
N ALA E 145 -1.91 12.76 -9.81
CA ALA E 145 -1.44 11.47 -10.32
C ALA E 145 -0.42 11.63 -11.41
N ILE E 146 -0.53 12.69 -12.23
CA ILE E 146 0.45 12.96 -13.27
C ILE E 146 1.81 13.24 -12.66
N PHE E 147 1.84 14.03 -11.59
CA PHE E 147 3.12 14.39 -10.99
C PHE E 147 3.72 13.23 -10.20
N THR E 148 2.87 12.43 -9.53
CA THR E 148 3.37 11.21 -8.87
C THR E 148 3.96 10.25 -9.90
N GLN E 149 3.25 10.02 -11.01
CA GLN E 149 3.74 9.08 -12.00
C GLN E 149 4.97 9.61 -12.72
N ALA E 150 5.05 10.93 -12.93
CA ALA E 150 6.27 11.51 -13.50
C ALA E 150 7.44 11.36 -12.55
N GLY E 151 7.19 11.48 -11.24
CA GLY E 151 8.22 11.20 -10.27
C GLY E 151 8.63 9.74 -10.23
N THR E 152 7.72 8.84 -10.59
CA THR E 152 8.12 7.43 -10.69
C THR E 152 8.92 7.18 -11.95
N TYR E 153 8.52 7.78 -13.08
CA TYR E 153 9.18 7.44 -14.35
C TYR E 153 10.52 8.13 -14.52
N ALA E 154 10.70 9.32 -13.94
CA ALA E 154 11.89 10.12 -14.26
C ALA E 154 13.24 9.52 -13.84
N PRO E 155 13.42 8.92 -12.61
CA PRO E 155 14.73 8.30 -12.35
C PRO E 155 14.94 7.01 -13.13
N THR E 156 13.85 6.30 -13.42
CA THR E 156 13.94 5.10 -14.27
C THR E 156 14.37 5.48 -15.68
N LEU E 157 13.84 6.58 -16.21
CA LEU E 157 14.27 7.04 -17.52
C LEU E 157 15.66 7.67 -17.48
N GLY E 158 16.06 8.23 -16.35
CA GLY E 158 17.42 8.74 -16.22
C GLY E 158 18.46 7.64 -16.26
N VAL E 159 18.21 6.55 -15.53
CA VAL E 159 19.13 5.42 -15.62
C VAL E 159 18.95 4.67 -16.94
N LEU E 160 17.79 4.82 -17.60
CA LEU E 160 17.63 4.34 -18.97
C LEU E 160 18.49 5.14 -19.93
N GLY E 161 18.80 6.40 -19.61
CA GLY E 161 19.82 7.11 -20.35
C GLY E 161 21.22 6.70 -19.94
N ALA E 162 21.40 6.36 -18.67
CA ALA E 162 22.71 5.99 -18.16
C ALA E 162 23.21 4.68 -18.77
N VAL E 163 22.30 3.74 -19.03
CA VAL E 163 22.71 2.48 -19.63
C VAL E 163 23.14 2.68 -21.08
N ILE E 164 22.46 3.59 -21.80
CA ILE E 164 22.86 3.95 -23.16
C ILE E 164 24.23 4.59 -23.14
N GLY E 165 24.47 5.46 -22.18
CA GLY E 165 25.78 6.09 -22.05
C GLY E 165 26.88 5.11 -21.69
N LEU E 166 26.57 4.11 -20.86
CA LEU E 166 27.58 3.13 -20.49
C LEU E 166 27.90 2.18 -21.63
N ILE E 167 26.90 1.78 -22.43
CA ILE E 167 27.17 1.02 -23.65
C ILE E 167 28.05 1.82 -24.61
N ALA E 168 27.76 3.11 -24.74
CA ALA E 168 28.59 4.00 -25.56
C ALA E 168 30.00 4.12 -25.01
N ALA E 169 30.14 4.11 -23.68
CA ALA E 169 31.44 4.28 -23.05
C ALA E 169 32.30 3.04 -23.19
N LEU E 170 31.67 1.87 -23.18
CA LEU E 170 32.41 0.61 -23.18
C LEU E 170 32.59 0.01 -24.57
N SER E 171 31.80 0.41 -25.56
CA SER E 171 31.90 -0.23 -26.86
C SER E 171 33.13 0.24 -27.63
N HIS E 172 33.51 1.51 -27.48
CA HIS E 172 34.45 2.11 -28.44
C HIS E 172 35.92 1.83 -28.10
N MET E 173 36.42 2.39 -27.00
CA MET E 173 37.86 2.40 -26.78
C MET E 173 38.25 2.27 -25.31
N ASP E 174 37.51 1.50 -24.53
CA ASP E 174 37.65 1.52 -23.08
C ASP E 174 38.94 0.88 -22.55
N ASN E 175 40.08 1.55 -22.79
CA ASN E 175 41.35 1.14 -22.21
C ASN E 175 42.22 2.33 -21.80
N THR E 176 41.62 3.45 -21.44
CA THR E 176 42.37 4.67 -21.16
C THR E 176 41.63 5.48 -20.10
N ASP E 177 42.13 6.69 -19.84
CA ASP E 177 41.51 7.59 -18.86
C ASP E 177 40.25 8.26 -19.38
N GLU E 178 39.93 8.11 -20.66
CA GLU E 178 38.65 8.60 -21.19
C GLU E 178 37.49 7.77 -20.64
N LEU E 179 37.77 6.54 -20.20
CA LEU E 179 36.78 5.69 -19.55
C LEU E 179 36.17 6.36 -18.33
N GLY E 180 36.99 7.08 -17.55
CA GLY E 180 36.45 7.81 -16.41
C GLY E 180 35.54 8.94 -16.83
N HIS E 181 35.96 9.72 -17.83
CA HIS E 181 35.14 10.81 -18.34
C HIS E 181 33.88 10.30 -19.00
N ALA E 182 33.99 9.23 -19.79
CA ALA E 182 32.84 8.73 -20.53
C ALA E 182 31.81 8.08 -19.60
N ILE E 183 32.27 7.31 -18.60
CA ILE E 183 31.34 6.74 -17.64
C ILE E 183 30.73 7.83 -16.77
N SER E 184 31.54 8.81 -16.36
CA SER E 184 31.06 9.86 -15.46
C SER E 184 30.03 10.75 -16.14
N ALA E 185 30.33 11.23 -17.35
CA ALA E 185 29.34 11.94 -18.16
C ALA E 185 28.21 11.04 -18.64
N ALA E 186 28.39 9.71 -18.58
CA ALA E 186 27.27 8.81 -18.72
C ALA E 186 26.52 8.62 -17.41
N PHE E 187 27.23 8.67 -16.28
CA PHE E 187 26.62 8.50 -14.97
C PHE E 187 25.93 9.77 -14.49
N VAL E 188 26.07 10.88 -15.21
CA VAL E 188 25.32 12.08 -14.86
C VAL E 188 23.87 11.96 -15.28
N ALA E 189 23.56 11.01 -16.17
CA ALA E 189 22.19 10.82 -16.63
C ALA E 189 21.29 10.31 -15.50
N THR E 190 21.81 9.41 -14.67
CA THR E 190 21.02 8.98 -13.52
C THR E 190 21.00 10.05 -12.45
N LEU E 191 22.02 10.93 -12.41
CA LEU E 191 21.95 12.07 -11.53
C LEU E 191 20.92 13.07 -12.02
N LEU E 192 20.81 13.25 -13.34
CA LEU E 192 19.69 14.00 -13.90
C LEU E 192 18.37 13.35 -13.55
N GLY E 193 18.33 12.02 -13.52
CA GLY E 193 17.14 11.28 -13.16
C GLY E 193 16.68 11.55 -11.75
N ILE E 194 17.59 11.45 -10.78
CA ILE E 194 17.14 11.60 -9.40
C ILE E 194 17.08 13.07 -8.97
N PHE E 195 17.96 13.93 -9.50
CA PHE E 195 17.79 15.35 -9.18
C PHE E 195 16.55 15.89 -9.90
N THR E 196 16.59 15.95 -11.23
CA THR E 196 15.41 16.34 -11.99
C THR E 196 14.52 15.11 -12.09
N GLY E 197 13.68 14.94 -11.08
CA GLY E 197 12.88 13.73 -11.00
C GLY E 197 12.56 13.15 -9.64
N TYR E 198 13.35 13.41 -8.62
CA TYR E 198 12.87 12.99 -7.30
C TYR E 198 12.66 14.17 -6.38
N VAL E 199 13.42 15.26 -6.56
CA VAL E 199 13.37 16.39 -5.64
C VAL E 199 12.46 17.50 -6.14
N LEU E 200 11.93 17.38 -7.37
CA LEU E 200 10.94 18.30 -7.88
C LEU E 200 9.58 17.63 -8.04
N TRP E 201 9.50 16.54 -8.82
CA TRP E 201 8.20 15.99 -9.19
C TRP E 201 7.49 15.30 -8.03
N HIS E 202 8.21 14.57 -7.19
CA HIS E 202 7.59 14.07 -5.96
C HIS E 202 7.22 15.18 -4.96
N PRO E 203 8.02 16.23 -4.71
CA PRO E 203 7.50 17.32 -3.87
C PRO E 203 6.40 18.16 -4.52
N PHE E 204 6.41 18.36 -5.84
CA PHE E 204 5.28 19.07 -6.43
C PHE E 204 4.01 18.24 -6.38
N ALA E 205 4.14 16.91 -6.52
CA ALA E 205 2.99 16.02 -6.31
C ALA E 205 2.51 16.10 -4.87
N ASN E 206 3.46 16.16 -3.93
CA ASN E 206 3.10 16.28 -2.53
C ASN E 206 2.41 17.60 -2.24
N LYS E 207 2.84 18.68 -2.90
CA LYS E 207 2.22 19.97 -2.64
C LYS E 207 0.83 20.06 -3.28
N LEU E 208 0.64 19.39 -4.44
CA LEU E 208 -0.72 19.21 -4.96
C LEU E 208 -1.61 18.50 -3.97
N LYS E 209 -1.09 17.42 -3.37
CA LYS E 209 -1.89 16.67 -2.38
C LYS E 209 -2.17 17.51 -1.14
N ARG E 210 -1.19 18.25 -0.64
CA ARG E 210 -1.38 19.03 0.58
C ARG E 210 -2.29 20.23 0.34
N LYS E 211 -2.15 20.89 -0.81
CA LYS E 211 -3.07 21.98 -1.15
C LYS E 211 -4.47 21.45 -1.41
N SER E 212 -4.60 20.22 -1.91
CA SER E 212 -5.91 19.60 -2.04
C SER E 212 -6.52 19.32 -0.67
N LYS E 213 -5.70 18.89 0.29
CA LYS E 213 -6.20 18.66 1.65
C LYS E 213 -6.64 19.96 2.30
N GLN E 214 -5.87 21.04 2.12
CA GLN E 214 -6.26 22.34 2.66
C GLN E 214 -7.51 22.87 1.98
N GLU E 215 -7.63 22.63 0.66
CA GLU E 215 -8.80 23.11 -0.07
C GLU E 215 -10.06 22.34 0.34
N VAL E 216 -9.96 21.02 0.50
CA VAL E 216 -11.14 20.28 0.93
C VAL E 216 -11.47 20.54 2.40
N LYS E 217 -10.49 20.96 3.20
CA LYS E 217 -10.81 21.44 4.54
C LYS E 217 -11.61 22.73 4.47
N LEU E 218 -11.21 23.66 3.59
CA LEU E 218 -11.99 24.87 3.32
C LEU E 218 -13.39 24.54 2.83
N ARG E 219 -13.50 23.53 1.96
CA ARG E 219 -14.80 23.16 1.40
C ARG E 219 -15.70 22.52 2.45
N GLU E 220 -15.13 21.74 3.38
CA GLU E 220 -15.95 21.19 4.47
C GLU E 220 -16.39 22.28 5.44
N VAL E 221 -15.54 23.28 5.66
CA VAL E 221 -15.95 24.47 6.40
C VAL E 221 -17.12 25.16 5.71
N MET E 222 -17.07 25.23 4.38
CA MET E 222 -18.18 25.80 3.61
C MET E 222 -19.43 24.91 3.65
N ILE E 223 -19.25 23.60 3.80
CA ILE E 223 -20.38 22.69 3.97
C ILE E 223 -21.09 22.97 5.29
N GLU E 224 -20.30 23.13 6.36
CA GLU E 224 -20.92 23.51 7.63
C GLU E 224 -21.49 24.93 7.57
N GLY E 225 -20.93 25.78 6.72
CA GLY E 225 -21.52 27.09 6.48
C GLY E 225 -22.89 27.01 5.81
N VAL E 226 -23.03 26.16 4.80
CA VAL E 226 -24.33 26.11 4.14
C VAL E 226 -25.35 25.37 5.03
N LEU E 227 -24.89 24.42 5.85
CA LEU E 227 -25.77 23.76 6.80
C LEU E 227 -26.20 24.68 7.92
N SER E 228 -25.38 25.67 8.28
CA SER E 228 -25.79 26.58 9.34
C SER E 228 -26.57 27.77 8.77
N VAL E 229 -26.37 28.10 7.49
CA VAL E 229 -27.13 29.21 6.92
C VAL E 229 -28.50 28.75 6.43
N LEU E 230 -28.70 27.45 6.22
CA LEU E 230 -30.05 27.01 5.92
C LEU E 230 -30.95 27.02 7.15
N GLU E 231 -30.40 27.10 8.36
CA GLU E 231 -31.19 27.11 9.58
C GLU E 231 -31.14 28.46 10.29
N GLY E 232 -29.95 28.98 10.58
CA GLY E 232 -29.86 30.25 11.27
C GLY E 232 -29.71 30.16 12.78
N GLN E 233 -28.67 29.47 13.25
CA GLN E 233 -28.36 29.38 14.67
C GLN E 233 -27.88 30.74 15.20
N ALA E 234 -27.71 30.80 16.52
CA ALA E 234 -27.06 31.94 17.13
C ALA E 234 -25.59 31.95 16.73
N PRO E 235 -25.01 33.12 16.43
CA PRO E 235 -23.68 33.15 15.80
C PRO E 235 -22.54 32.63 16.66
N LYS E 236 -22.67 32.70 18.00
CA LYS E 236 -21.66 32.13 18.88
C LYS E 236 -21.60 30.61 18.72
N VAL E 237 -22.76 29.98 18.51
CA VAL E 237 -22.83 28.53 18.36
C VAL E 237 -22.10 28.09 17.09
N ILE E 238 -22.21 28.87 16.01
CA ILE E 238 -21.37 28.66 14.84
C ILE E 238 -19.90 28.86 15.21
N GLU E 239 -19.61 29.94 15.96
CA GLU E 239 -18.23 30.27 16.32
C GLU E 239 -17.57 29.26 17.24
N GLN E 240 -18.31 28.32 17.85
CA GLN E 240 -17.67 27.13 18.40
C GLN E 240 -17.95 25.87 17.59
N LYS E 241 -18.79 25.95 16.56
CA LYS E 241 -19.00 24.81 15.69
C LYS E 241 -17.85 24.64 14.71
N LEU E 242 -17.61 25.66 13.87
CA LEU E 242 -16.60 25.50 12.82
C LEU E 242 -15.19 25.78 13.29
N LEU E 243 -15.02 26.15 14.57
CA LEU E 243 -13.75 26.67 15.09
C LEU E 243 -12.66 25.61 15.16
N MET E 244 -13.02 24.32 15.17
CA MET E 244 -12.06 23.26 15.43
C MET E 244 -11.14 22.95 14.26
N TYR E 245 -11.36 23.56 13.10
CA TYR E 245 -10.55 23.25 11.92
C TYR E 245 -9.29 24.08 11.83
N LEU E 246 -9.35 25.34 12.26
CA LEU E 246 -8.14 26.14 12.39
C LEU E 246 -7.31 25.63 13.55
N PRO E 247 -5.99 25.83 13.54
CA PRO E 247 -5.15 25.35 14.64
C PRO E 247 -5.49 26.01 15.97
N ALA E 248 -5.36 25.21 17.04
CA ALA E 248 -5.75 25.66 18.38
C ALA E 248 -4.82 26.73 18.94
N LYS E 249 -3.64 26.92 18.34
CA LYS E 249 -2.81 28.08 18.67
C LYS E 249 -3.52 29.37 18.28
N ASP E 250 -4.18 29.37 17.12
CA ASP E 250 -4.95 30.53 16.69
C ASP E 250 -6.37 30.53 17.24
N ARG E 251 -6.79 29.48 17.94
CA ARG E 251 -8.11 29.47 18.55
C ARG E 251 -8.16 30.42 19.75
N LEU E 252 -7.09 30.46 20.53
CA LEU E 252 -7.01 31.42 21.63
C LEU E 252 -6.74 32.82 21.14
N LYS E 253 -6.11 32.96 19.97
CA LYS E 253 -5.89 34.28 19.39
C LYS E 253 -7.15 34.86 18.78
N PHE E 254 -8.17 34.04 18.53
CA PHE E 254 -9.44 34.52 17.98
C PHE E 254 -10.32 35.01 19.12
N ALA E 255 -9.95 36.18 19.65
CA ALA E 255 -10.74 36.84 20.67
C ALA E 255 -10.79 38.35 20.50
N GLU E 256 -10.23 38.90 19.42
CA GLU E 256 -10.16 40.35 19.24
C GLU E 256 -11.51 40.93 18.83
N ASP F 2 -6.66 4.22 -31.07
CA ASP F 2 -5.39 4.88 -31.31
C ASP F 2 -5.48 6.38 -31.01
N LYS F 3 -4.51 7.14 -31.55
CA LYS F 3 -4.26 8.58 -31.41
C LYS F 3 -3.82 8.99 -30.01
N THR F 4 -3.78 8.07 -29.05
CA THR F 4 -3.24 8.32 -27.72
C THR F 4 -2.07 7.41 -27.41
N SER F 5 -2.13 6.15 -27.83
CA SER F 5 -1.07 5.20 -27.53
C SER F 5 0.13 5.37 -28.44
N LEU F 6 -0.10 5.23 -29.76
CA LEU F 6 1.00 5.06 -30.70
C LEU F 6 1.82 6.32 -30.87
N ILE F 7 1.23 7.49 -30.62
CA ILE F 7 1.99 8.74 -30.63
C ILE F 7 3.04 8.74 -29.53
N GLY F 8 2.65 8.33 -28.32
CA GLY F 8 3.61 8.19 -27.24
C GLY F 8 4.56 7.03 -27.42
N ILE F 9 4.11 5.97 -28.09
CA ILE F 9 4.98 4.82 -28.39
C ILE F 9 6.12 5.26 -29.31
N ILE F 10 5.78 5.91 -30.42
CA ILE F 10 6.80 6.36 -31.37
C ILE F 10 7.65 7.46 -30.74
N LEU F 11 7.04 8.28 -29.86
CA LEU F 11 7.78 9.32 -29.17
C LEU F 11 8.84 8.74 -28.25
N ALA F 12 8.49 7.69 -27.50
CA ALA F 12 9.45 7.05 -26.61
C ALA F 12 10.51 6.25 -27.37
N PHE F 13 10.13 5.60 -28.48
CA PHE F 13 11.13 4.86 -29.27
C PHE F 13 12.13 5.80 -29.94
N VAL F 14 11.67 6.96 -30.45
CA VAL F 14 12.64 7.88 -31.02
C VAL F 14 13.42 8.60 -29.94
N ALA F 15 12.86 8.70 -28.72
CA ALA F 15 13.61 9.20 -27.59
C ALA F 15 14.75 8.26 -27.22
N LEU F 16 14.51 6.95 -27.38
CA LEU F 16 15.61 6.00 -27.24
C LEU F 16 16.62 6.16 -28.38
N SER F 17 16.12 6.33 -29.62
CA SER F 17 16.99 6.22 -30.78
C SER F 17 17.91 7.43 -30.92
N VAL F 18 17.43 8.63 -30.55
CA VAL F 18 18.28 9.81 -30.70
C VAL F 18 19.42 9.80 -29.68
N GLY F 19 19.17 9.28 -28.46
CA GLY F 19 20.25 9.11 -27.51
C GLY F 19 21.15 7.94 -27.86
N MET F 20 20.60 6.94 -28.54
CA MET F 20 21.43 5.83 -29.01
C MET F 20 22.32 6.25 -30.18
N VAL F 21 21.94 7.30 -30.92
CA VAL F 21 22.74 7.72 -32.06
C VAL F 21 23.65 8.91 -31.75
N LEU F 22 23.33 9.72 -30.73
CA LEU F 22 24.17 10.89 -30.46
C LEU F 22 25.49 10.51 -29.80
N LYS F 23 25.47 9.56 -28.86
CA LYS F 23 26.68 9.10 -28.20
C LYS F 23 26.97 7.63 -28.41
N GLY F 24 25.96 6.80 -28.66
CA GLY F 24 26.18 5.38 -28.89
C GLY F 24 26.74 5.10 -30.28
N VAL F 25 26.77 3.81 -30.62
CA VAL F 25 27.51 3.34 -31.79
C VAL F 25 26.61 2.63 -32.79
N SER F 26 25.78 1.68 -32.34
CA SER F 26 25.21 0.71 -33.25
C SER F 26 23.70 0.80 -33.42
N PHE F 27 22.93 0.63 -32.34
CA PHE F 27 21.48 0.35 -32.25
C PHE F 27 21.13 -1.04 -32.80
N SER F 28 22.11 -1.74 -33.39
CA SER F 28 21.96 -3.12 -33.82
C SER F 28 22.65 -4.11 -32.89
N ALA F 29 23.53 -3.63 -32.00
CA ALA F 29 24.07 -4.47 -30.94
C ALA F 29 23.04 -4.76 -29.86
N LEU F 30 21.91 -4.05 -29.86
CA LEU F 30 20.77 -4.41 -29.05
C LEU F 30 20.17 -5.75 -29.46
N ALA F 31 20.36 -6.14 -30.73
CA ALA F 31 19.82 -7.39 -31.25
C ALA F 31 20.77 -8.53 -30.91
N ASN F 32 20.70 -8.96 -29.65
CA ASN F 32 21.35 -10.18 -29.21
C ASN F 32 20.32 -11.21 -28.79
N PRO F 33 20.56 -12.50 -29.02
CA PRO F 33 19.51 -13.50 -28.71
C PRO F 33 19.29 -13.69 -27.23
N ALA F 34 20.36 -13.67 -26.42
CA ALA F 34 20.26 -14.11 -25.03
C ALA F 34 19.56 -13.08 -24.15
N ALA F 35 19.84 -11.80 -24.36
CA ALA F 35 19.23 -10.76 -23.52
C ALA F 35 17.74 -10.62 -23.81
N ILE F 36 17.37 -10.67 -25.10
CA ILE F 36 15.97 -10.66 -25.49
C ILE F 36 15.27 -11.90 -24.97
N LEU F 37 15.98 -13.04 -24.97
CA LEU F 37 15.44 -14.28 -24.43
C LEU F 37 15.13 -14.14 -22.94
N ILE F 38 16.12 -13.68 -22.16
CA ILE F 38 15.95 -13.49 -20.72
C ILE F 38 14.80 -12.55 -20.42
N ILE F 39 14.80 -11.35 -21.01
CA ILE F 39 13.83 -10.33 -20.64
C ILE F 39 12.43 -10.70 -21.14
N ILE F 40 12.29 -10.94 -22.46
CA ILE F 40 10.97 -11.20 -23.03
C ILE F 40 10.43 -12.56 -22.59
N ALA F 41 11.23 -13.62 -22.74
CA ALA F 41 10.78 -14.96 -22.39
C ALA F 41 10.58 -15.11 -20.88
N GLY F 42 11.45 -14.53 -20.05
CA GLY F 42 11.24 -14.60 -18.62
C GLY F 42 10.06 -13.79 -18.15
N THR F 43 9.81 -12.65 -18.79
CA THR F 43 8.61 -11.86 -18.48
C THR F 43 7.35 -12.62 -18.81
N ILE F 44 7.27 -13.17 -20.02
CA ILE F 44 6.07 -13.90 -20.41
C ILE F 44 5.97 -15.22 -19.67
N SER F 45 7.09 -15.80 -19.21
CA SER F 45 7.04 -17.03 -18.45
C SER F 45 6.53 -16.79 -17.04
N ALA F 46 7.00 -15.70 -16.41
CA ALA F 46 6.49 -15.35 -15.09
C ALA F 46 5.03 -14.92 -15.15
N VAL F 47 4.60 -14.35 -16.27
CA VAL F 47 3.18 -14.03 -16.42
C VAL F 47 2.35 -15.30 -16.62
N VAL F 48 2.82 -16.27 -17.42
CA VAL F 48 2.00 -17.46 -17.63
C VAL F 48 2.04 -18.36 -16.40
N ILE F 49 3.09 -18.26 -15.57
CA ILE F 49 3.04 -18.85 -14.24
C ILE F 49 2.00 -18.11 -13.40
N ALA F 50 1.96 -16.79 -13.50
CA ALA F 50 1.16 -15.97 -12.62
C ALA F 50 -0.35 -16.07 -12.88
N PHE F 51 -0.75 -16.51 -14.07
CA PHE F 51 -2.16 -16.41 -14.42
C PHE F 51 -2.69 -17.74 -14.94
N PRO F 52 -4.00 -17.99 -14.76
CA PRO F 52 -4.60 -19.22 -15.31
C PRO F 52 -4.68 -19.22 -16.83
N THR F 53 -5.02 -20.36 -17.43
CA THR F 53 -5.12 -20.41 -18.88
C THR F 53 -6.37 -19.74 -19.41
N LYS F 54 -7.37 -19.51 -18.57
CA LYS F 54 -8.54 -18.75 -19.02
C LYS F 54 -8.19 -17.27 -19.19
N GLU F 55 -7.43 -16.73 -18.26
CA GLU F 55 -7.14 -15.31 -18.23
C GLU F 55 -5.91 -14.92 -19.02
N ILE F 56 -5.38 -15.83 -19.85
CA ILE F 56 -4.17 -15.55 -20.60
C ILE F 56 -4.28 -15.99 -22.05
N LYS F 57 -5.36 -16.66 -22.43
CA LYS F 57 -5.77 -16.66 -23.82
C LYS F 57 -6.42 -15.34 -24.21
N LYS F 58 -6.87 -14.56 -23.23
CA LYS F 58 -7.30 -13.18 -23.44
C LYS F 58 -6.13 -12.22 -23.21
N VAL F 59 -5.00 -12.50 -23.83
CA VAL F 59 -3.95 -11.48 -23.99
C VAL F 59 -4.16 -10.62 -25.24
N PRO F 60 -4.38 -11.14 -26.47
CA PRO F 60 -4.55 -10.21 -27.59
C PRO F 60 -5.92 -9.57 -27.63
N THR F 61 -6.91 -10.15 -26.96
CA THR F 61 -8.25 -9.57 -26.93
C THR F 61 -8.30 -8.27 -26.13
N LEU F 62 -7.41 -8.11 -25.15
CA LEU F 62 -7.21 -6.81 -24.52
C LEU F 62 -6.11 -5.99 -25.18
N PHE F 63 -5.13 -6.64 -25.82
CA PHE F 63 -4.07 -5.91 -26.49
C PHE F 63 -4.57 -5.18 -27.72
N ARG F 64 -5.67 -5.63 -28.33
CA ARG F 64 -6.27 -4.90 -29.44
C ARG F 64 -7.23 -3.82 -28.98
N VAL F 65 -7.93 -4.01 -27.85
CA VAL F 65 -8.75 -2.95 -27.29
C VAL F 65 -7.87 -1.84 -26.71
N LEU F 66 -6.64 -2.20 -26.31
CA LEU F 66 -5.63 -1.21 -25.94
C LEU F 66 -5.29 -0.27 -27.10
N PHE F 67 -5.34 -0.77 -28.33
CA PHE F 67 -4.99 0.05 -29.49
C PHE F 67 -6.18 0.52 -30.31
N LYS F 68 -7.28 -0.24 -30.34
CA LYS F 68 -8.42 0.17 -31.17
C LYS F 68 -9.12 1.37 -30.56
N GLU F 69 -9.57 2.27 -31.44
CA GLU F 69 -9.98 3.60 -31.02
C GLU F 69 -11.34 3.60 -30.33
N ASN F 70 -11.50 4.53 -29.40
CA ASN F 70 -12.77 4.74 -28.73
C ASN F 70 -13.55 5.82 -29.47
N LYS F 71 -14.03 5.45 -30.65
CA LYS F 71 -15.02 6.25 -31.36
C LYS F 71 -16.42 6.03 -30.83
N GLN F 72 -16.55 5.22 -29.79
CA GLN F 72 -17.80 4.93 -29.09
C GLN F 72 -18.17 6.07 -28.15
N LEU F 73 -19.05 5.77 -27.21
CA LEU F 73 -19.87 6.76 -26.53
C LEU F 73 -19.04 7.67 -25.64
N THR F 74 -19.27 8.97 -25.75
CA THR F 74 -18.82 9.95 -24.77
C THR F 74 -20.03 10.55 -24.08
N ILE F 75 -19.77 11.16 -22.91
CA ILE F 75 -20.82 11.45 -21.93
C ILE F 75 -21.81 12.49 -22.46
N GLU F 76 -21.29 13.52 -23.13
CA GLU F 76 -22.16 14.56 -23.69
C GLU F 76 -22.96 14.06 -24.88
N GLU F 77 -22.52 12.99 -25.54
CA GLU F 77 -23.23 12.46 -26.70
C GLU F 77 -24.41 11.60 -26.31
N LEU F 78 -24.50 11.14 -25.05
CA LEU F 78 -25.65 10.37 -24.63
C LEU F 78 -26.89 11.22 -24.41
N ILE F 79 -26.78 12.55 -24.43
CA ILE F 79 -27.97 13.38 -24.29
C ILE F 79 -28.74 13.39 -25.62
N PRO F 80 -28.09 13.43 -26.80
CA PRO F 80 -28.84 13.01 -27.99
C PRO F 80 -29.20 11.53 -28.00
N MET F 81 -28.33 10.64 -27.54
CA MET F 81 -28.66 9.21 -27.55
C MET F 81 -29.28 8.78 -26.22
N PHE F 82 -30.24 9.61 -25.79
CA PHE F 82 -31.32 9.33 -24.85
C PHE F 82 -32.37 10.41 -25.14
N SER F 83 -33.42 10.43 -24.31
CA SER F 83 -34.34 11.57 -24.15
C SER F 83 -35.13 11.98 -25.40
N GLU F 84 -34.99 11.24 -26.49
CA GLU F 84 -35.73 11.53 -27.71
C GLU F 84 -36.67 10.42 -28.12
N TRP F 85 -36.34 9.17 -27.82
CA TRP F 85 -37.36 8.12 -27.81
C TRP F 85 -38.04 8.02 -26.45
N ALA F 86 -37.52 8.72 -25.44
CA ALA F 86 -38.30 8.95 -24.23
C ALA F 86 -39.47 9.88 -24.50
N GLN F 87 -39.30 10.80 -25.46
CA GLN F 87 -40.43 11.58 -25.96
C GLN F 87 -41.45 10.69 -26.65
N LEU F 88 -40.97 9.68 -27.38
CA LEU F 88 -41.87 8.69 -27.96
C LEU F 88 -42.45 7.76 -26.92
N ALA F 89 -41.84 7.68 -25.74
CA ALA F 89 -42.39 6.90 -24.64
C ALA F 89 -43.45 7.66 -23.87
N ARG F 90 -43.32 8.99 -23.77
CA ARG F 90 -44.28 9.78 -23.02
C ARG F 90 -45.58 9.97 -23.80
N ARG F 91 -45.51 10.64 -24.96
CA ARG F 91 -46.72 11.04 -25.67
C ARG F 91 -47.34 9.93 -26.50
N GLU F 92 -46.62 8.84 -26.75
CA GLU F 92 -47.15 7.76 -27.57
C GLU F 92 -47.26 6.43 -26.84
N GLY F 93 -46.25 6.07 -26.06
CA GLY F 93 -46.25 4.79 -25.36
C GLY F 93 -44.86 4.24 -25.17
N LEU F 94 -44.62 3.60 -24.01
CA LEU F 94 -43.29 3.15 -23.64
C LEU F 94 -42.83 1.95 -24.46
N LEU F 95 -43.75 1.25 -25.14
CA LEU F 95 -43.41 0.11 -25.98
C LEU F 95 -42.87 0.49 -27.35
N ALA F 96 -42.62 1.78 -27.60
CA ALA F 96 -42.07 2.23 -28.87
C ALA F 96 -40.60 1.85 -28.94
N LEU F 97 -40.32 0.71 -29.56
CA LEU F 97 -38.95 0.21 -29.69
C LEU F 97 -38.23 1.03 -30.75
N GLU F 98 -37.19 1.75 -30.35
CA GLU F 98 -36.44 2.62 -31.23
C GLU F 98 -34.96 2.27 -31.30
N ALA F 99 -34.32 2.07 -30.16
CA ALA F 99 -32.91 1.68 -30.14
C ALA F 99 -32.70 0.23 -30.54
N SER F 100 -33.77 -0.56 -30.63
CA SER F 100 -33.68 -1.92 -31.13
C SER F 100 -33.31 -1.96 -32.62
N ILE F 101 -33.64 -0.90 -33.36
CA ILE F 101 -33.35 -0.86 -34.79
C ILE F 101 -31.85 -0.69 -35.02
N GLU F 102 -31.26 0.37 -34.46
CA GLU F 102 -29.84 0.61 -34.69
C GLU F 102 -28.99 -0.24 -33.75
N ASP F 103 -29.08 0.06 -32.45
CA ASP F 103 -28.28 -0.54 -31.37
C ASP F 103 -26.79 -0.52 -31.73
N VAL F 104 -26.31 0.65 -32.11
CA VAL F 104 -24.89 0.81 -32.45
C VAL F 104 -24.04 0.78 -31.19
N ASP F 105 -24.63 1.11 -30.04
CA ASP F 105 -23.87 1.33 -28.82
C ASP F 105 -23.36 0.03 -28.22
N ASP F 106 -24.27 -0.83 -27.79
CA ASP F 106 -23.93 -2.03 -27.03
C ASP F 106 -25.17 -2.90 -26.97
N ALA F 107 -24.96 -4.19 -26.71
CA ALA F 107 -26.06 -5.08 -26.36
C ALA F 107 -26.34 -5.00 -24.86
N PHE F 108 -26.52 -3.78 -24.37
CA PHE F 108 -26.69 -3.46 -22.96
C PHE F 108 -27.99 -2.72 -22.72
N LEU F 109 -28.24 -1.65 -23.47
CA LEU F 109 -29.54 -0.98 -23.46
C LEU F 109 -30.56 -1.67 -24.36
N LYS F 110 -30.13 -2.59 -25.23
CA LYS F 110 -31.07 -3.48 -25.88
C LYS F 110 -31.75 -4.39 -24.85
N ASN F 111 -30.98 -4.85 -23.86
CA ASN F 111 -31.56 -5.51 -22.69
C ASN F 111 -32.47 -4.55 -21.93
N GLY F 112 -32.12 -3.26 -21.91
CA GLY F 112 -32.95 -2.26 -21.25
C GLY F 112 -34.31 -2.10 -21.91
N LEU F 113 -34.35 -2.08 -23.25
CA LEU F 113 -35.63 -1.94 -23.93
C LEU F 113 -36.42 -3.25 -23.93
N SER F 114 -35.72 -4.39 -24.00
CA SER F 114 -36.41 -5.68 -23.91
C SER F 114 -37.02 -5.90 -22.53
N MET F 115 -36.38 -5.36 -21.49
CA MET F 115 -37.01 -5.38 -20.17
C MET F 115 -38.00 -4.25 -19.98
N ALA F 116 -37.89 -3.17 -20.74
CA ALA F 116 -38.92 -2.15 -20.72
C ALA F 116 -40.22 -2.66 -21.33
N VAL F 117 -40.12 -3.58 -22.29
CA VAL F 117 -41.32 -4.19 -22.84
C VAL F 117 -41.69 -5.52 -22.15
N ASP F 118 -40.77 -6.13 -21.41
CA ASP F 118 -41.06 -7.41 -20.78
C ASP F 118 -40.95 -7.39 -19.26
N GLY F 119 -39.81 -6.96 -18.72
CA GLY F 119 -39.54 -7.14 -17.30
C GLY F 119 -39.42 -5.85 -16.52
N GLN F 120 -40.33 -4.92 -16.78
CA GLN F 120 -40.27 -3.56 -16.24
C GLN F 120 -40.46 -3.56 -14.72
N SER F 121 -39.94 -2.51 -14.10
CA SER F 121 -40.03 -2.29 -12.67
C SER F 121 -39.73 -0.83 -12.38
N ALA F 122 -39.95 -0.43 -11.13
CA ALA F 122 -39.65 0.93 -10.73
C ALA F 122 -38.13 1.14 -10.57
N GLU F 123 -37.51 0.39 -9.66
CA GLU F 123 -36.08 0.45 -9.44
C GLU F 123 -35.42 -0.91 -9.44
N PHE F 124 -36.19 -2.00 -9.55
CA PHE F 124 -35.66 -3.35 -9.48
C PHE F 124 -34.84 -3.74 -10.71
N ILE F 125 -35.04 -3.05 -11.85
CA ILE F 125 -34.33 -3.42 -13.07
C ILE F 125 -32.87 -2.97 -13.05
N ARG F 126 -32.46 -2.21 -12.03
CA ARG F 126 -31.07 -1.78 -11.92
C ARG F 126 -30.14 -2.94 -11.65
N ASP F 127 -30.60 -3.94 -10.88
CA ASP F 127 -29.69 -4.89 -10.23
C ASP F 127 -29.02 -5.84 -11.24
N ILE F 128 -29.78 -6.32 -12.22
CA ILE F 128 -29.20 -7.11 -13.31
C ILE F 128 -28.22 -6.25 -14.08
N MET F 129 -28.60 -5.01 -14.36
CA MET F 129 -27.77 -4.09 -15.11
C MET F 129 -26.52 -3.70 -14.34
N THR F 130 -26.68 -3.28 -13.08
CA THR F 130 -25.50 -2.80 -12.35
C THR F 130 -24.59 -3.94 -11.91
N GLU F 131 -25.14 -5.16 -11.75
CA GLU F 131 -24.23 -6.27 -11.49
C GLU F 131 -23.59 -6.80 -12.75
N GLU F 132 -24.21 -6.60 -13.91
CA GLU F 132 -23.49 -6.80 -15.16
C GLU F 132 -22.35 -5.80 -15.30
N VAL F 133 -22.57 -4.56 -14.85
CA VAL F 133 -21.51 -3.54 -14.86
C VAL F 133 -20.38 -3.93 -13.92
N GLU F 134 -20.72 -4.41 -12.72
CA GLU F 134 -19.68 -4.76 -11.75
C GLU F 134 -18.94 -6.04 -12.15
N ALA F 135 -19.63 -7.00 -12.79
CA ALA F 135 -18.96 -8.17 -13.32
C ALA F 135 -18.03 -7.81 -14.47
N MET F 136 -18.46 -6.88 -15.32
CA MET F 136 -17.59 -6.36 -16.37
C MET F 136 -16.40 -5.62 -15.77
N GLU F 137 -16.62 -4.93 -14.65
CA GLU F 137 -15.56 -4.20 -13.99
C GLU F 137 -14.50 -5.14 -13.42
N ASP F 138 -14.95 -6.24 -12.82
CA ASP F 138 -14.00 -7.25 -12.35
C ASP F 138 -13.33 -7.99 -13.51
N ARG F 139 -14.00 -8.10 -14.67
CA ARG F 139 -13.33 -8.67 -15.83
C ARG F 139 -12.27 -7.72 -16.38
N HIS F 140 -12.54 -6.41 -16.37
CA HIS F 140 -11.52 -5.44 -16.79
C HIS F 140 -10.39 -5.36 -15.79
N GLN F 141 -10.67 -5.58 -14.50
CA GLN F 141 -9.60 -5.66 -13.52
C GLN F 141 -8.79 -6.94 -13.69
N ALA F 142 -9.45 -8.01 -14.09
CA ALA F 142 -8.77 -9.24 -14.45
C ALA F 142 -7.88 -9.06 -15.67
N GLY F 143 -8.30 -8.22 -16.61
CA GLY F 143 -7.50 -7.93 -17.77
C GLY F 143 -6.37 -6.96 -17.54
N ALA F 144 -6.61 -5.96 -16.70
CA ALA F 144 -5.62 -4.90 -16.50
C ALA F 144 -4.44 -5.38 -15.66
N ALA F 145 -4.68 -6.36 -14.81
CA ALA F 145 -3.67 -6.85 -13.88
C ALA F 145 -2.53 -7.59 -14.56
N ILE F 146 -2.70 -8.00 -15.82
CA ILE F 146 -1.68 -8.78 -16.51
C ILE F 146 -0.43 -7.96 -16.77
N PHE F 147 -0.57 -6.68 -17.07
CA PHE F 147 0.59 -5.83 -17.28
C PHE F 147 1.17 -5.31 -15.98
N THR F 148 0.36 -5.27 -14.91
CA THR F 148 0.85 -4.80 -13.61
C THR F 148 1.93 -5.73 -13.08
N GLN F 149 1.64 -7.03 -13.02
CA GLN F 149 2.67 -7.97 -12.58
C GLN F 149 3.77 -8.14 -13.62
N ALA F 150 3.48 -7.92 -14.90
CA ALA F 150 4.55 -8.00 -15.88
C ALA F 150 5.53 -6.86 -15.73
N GLY F 151 5.06 -5.67 -15.40
CA GLY F 151 5.95 -4.59 -15.05
C GLY F 151 6.52 -4.70 -13.66
N THR F 152 5.93 -5.55 -12.82
CA THR F 152 6.58 -5.88 -11.56
C THR F 152 7.76 -6.80 -11.79
N TYR F 153 7.64 -7.74 -12.73
CA TYR F 153 8.61 -8.80 -12.88
C TYR F 153 9.73 -8.45 -13.86
N ALA F 154 9.41 -7.78 -14.98
CA ALA F 154 10.35 -7.47 -16.04
C ALA F 154 11.59 -6.64 -15.63
N PRO F 155 11.52 -5.63 -14.74
CA PRO F 155 12.79 -5.05 -14.28
C PRO F 155 13.51 -5.93 -13.28
N THR F 156 12.79 -6.72 -12.47
CA THR F 156 13.46 -7.73 -11.67
C THR F 156 14.04 -8.84 -12.55
N LEU F 157 13.38 -9.12 -13.68
CA LEU F 157 14.02 -9.94 -14.71
C LEU F 157 15.24 -9.25 -15.29
N GLY F 158 15.24 -7.92 -15.31
CA GLY F 158 16.43 -7.18 -15.69
C GLY F 158 17.56 -7.37 -14.69
N VAL F 159 17.21 -7.41 -13.39
CA VAL F 159 18.20 -7.76 -12.36
C VAL F 159 18.74 -9.15 -12.61
N LEU F 160 17.84 -10.08 -12.95
CA LEU F 160 18.19 -11.47 -13.16
C LEU F 160 19.19 -11.61 -14.31
N GLY F 161 18.86 -11.05 -15.48
CA GLY F 161 19.78 -11.04 -16.61
C GLY F 161 21.05 -10.24 -16.37
N ALA F 162 20.96 -9.18 -15.58
CA ALA F 162 22.12 -8.37 -15.22
C ALA F 162 23.11 -9.13 -14.36
N VAL F 163 22.63 -9.89 -13.37
CA VAL F 163 23.57 -10.64 -12.55
C VAL F 163 24.00 -11.93 -13.24
N ILE F 164 23.20 -12.44 -14.19
CA ILE F 164 23.70 -13.51 -15.07
C ILE F 164 24.86 -13.01 -15.91
N GLY F 165 24.75 -11.80 -16.45
CA GLY F 165 25.86 -11.21 -17.17
C GLY F 165 27.01 -10.81 -16.26
N LEU F 166 26.72 -10.57 -14.97
CA LEU F 166 27.78 -10.33 -14.00
C LEU F 166 28.61 -11.58 -13.78
N ILE F 167 27.94 -12.73 -13.63
CA ILE F 167 28.67 -13.99 -13.47
C ILE F 167 29.38 -14.35 -14.77
N ALA F 168 28.74 -14.05 -15.91
CA ALA F 168 29.36 -14.28 -17.21
C ALA F 168 30.56 -13.36 -17.44
N ALA F 169 30.55 -12.19 -16.83
CA ALA F 169 31.66 -11.26 -16.94
C ALA F 169 32.90 -11.75 -16.20
N LEU F 170 32.72 -12.55 -15.17
CA LEU F 170 33.82 -13.03 -14.34
C LEU F 170 34.00 -14.54 -14.47
N SER F 171 33.82 -15.08 -15.67
CA SER F 171 33.92 -16.51 -15.91
C SER F 171 35.32 -16.92 -16.38
N HIS F 172 35.77 -16.37 -17.50
CA HIS F 172 37.10 -16.63 -18.04
C HIS F 172 37.73 -15.31 -18.49
N MET F 173 37.68 -14.33 -17.61
CA MET F 173 38.00 -12.94 -17.92
C MET F 173 39.50 -12.71 -17.97
N ASP F 174 39.89 -11.43 -18.06
CA ASP F 174 41.27 -10.93 -17.98
C ASP F 174 42.14 -11.50 -19.10
N ASN F 175 41.79 -11.16 -20.33
CA ASN F 175 42.56 -11.55 -21.51
C ASN F 175 43.33 -10.39 -22.11
N THR F 176 43.20 -9.19 -21.52
CA THR F 176 43.91 -7.95 -21.90
C THR F 176 43.68 -7.61 -23.37
N ASP F 177 42.41 -7.36 -23.68
CA ASP F 177 41.95 -7.04 -25.04
C ASP F 177 40.58 -6.37 -24.95
N GLU F 178 39.90 -6.28 -26.08
CA GLU F 178 38.62 -5.58 -26.18
C GLU F 178 37.42 -6.53 -26.12
N LEU F 179 37.50 -7.64 -25.37
CA LEU F 179 36.35 -8.48 -25.14
C LEU F 179 35.57 -8.08 -23.89
N GLY F 180 35.80 -6.86 -23.40
CA GLY F 180 35.01 -6.27 -22.34
C GLY F 180 33.63 -5.81 -22.74
N HIS F 181 33.18 -6.14 -23.96
CA HIS F 181 31.80 -5.95 -24.35
C HIS F 181 30.92 -7.15 -23.99
N ALA F 182 31.49 -8.16 -23.34
CA ALA F 182 30.69 -9.21 -22.72
C ALA F 182 29.86 -8.65 -21.57
N ILE F 183 30.41 -7.66 -20.86
CA ILE F 183 29.65 -6.92 -19.86
C ILE F 183 28.55 -6.11 -20.54
N SER F 184 28.83 -5.61 -21.75
CA SER F 184 27.86 -4.79 -22.46
C SER F 184 26.66 -5.59 -22.93
N ALA F 185 26.81 -6.91 -23.07
CA ALA F 185 25.65 -7.76 -23.30
C ALA F 185 24.70 -7.71 -22.11
N ALA F 186 25.26 -7.68 -20.89
CA ALA F 186 24.42 -7.50 -19.71
C ALA F 186 23.89 -6.08 -19.61
N PHE F 187 24.62 -5.10 -20.16
CA PHE F 187 24.07 -3.75 -20.22
C PHE F 187 22.90 -3.66 -21.18
N VAL F 188 22.97 -4.39 -22.29
CA VAL F 188 21.82 -4.49 -23.19
C VAL F 188 20.70 -5.28 -22.49
N ALA F 189 21.05 -6.25 -21.66
CA ALA F 189 20.05 -7.01 -20.91
C ALA F 189 19.29 -6.12 -19.93
N THR F 190 20.01 -5.29 -19.17
CA THR F 190 19.33 -4.40 -18.23
C THR F 190 18.63 -3.26 -18.95
N LEU F 191 19.13 -2.83 -20.12
CA LEU F 191 18.43 -1.81 -20.91
C LEU F 191 17.11 -2.37 -21.42
N LEU F 192 17.12 -3.61 -21.92
CA LEU F 192 15.90 -4.28 -22.33
C LEU F 192 14.93 -4.45 -21.18
N GLY F 193 15.45 -4.86 -20.02
CA GLY F 193 14.60 -5.05 -18.85
C GLY F 193 13.90 -3.79 -18.40
N ILE F 194 14.64 -2.70 -18.24
CA ILE F 194 14.01 -1.51 -17.68
C ILE F 194 13.23 -0.72 -18.72
N PHE F 195 13.67 -0.74 -20.00
CA PHE F 195 12.88 -0.12 -21.05
C PHE F 195 11.57 -0.87 -21.28
N THR F 196 11.66 -2.18 -21.57
CA THR F 196 10.49 -3.02 -21.79
C THR F 196 9.90 -3.54 -20.50
N GLY F 197 10.14 -2.87 -19.37
CA GLY F 197 9.33 -3.03 -18.18
C GLY F 197 8.73 -1.73 -17.68
N TYR F 198 9.33 -0.59 -18.03
CA TYR F 198 8.82 0.68 -17.53
C TYR F 198 8.18 1.59 -18.57
N VAL F 199 8.55 1.51 -19.85
CA VAL F 199 8.04 2.49 -20.81
C VAL F 199 6.74 2.05 -21.45
N LEU F 200 6.40 0.76 -21.43
CA LEU F 200 5.18 0.27 -22.05
C LEU F 200 4.29 -0.45 -21.05
N TRP F 201 4.86 -1.38 -20.28
CA TRP F 201 4.09 -2.31 -19.45
C TRP F 201 3.34 -1.62 -18.32
N HIS F 202 4.02 -0.76 -17.56
CA HIS F 202 3.27 0.05 -16.61
C HIS F 202 2.38 1.12 -17.26
N PRO F 203 2.80 1.81 -18.34
CA PRO F 203 1.82 2.67 -19.04
C PRO F 203 0.62 1.96 -19.62
N PHE F 204 0.77 0.76 -20.21
CA PHE F 204 -0.43 0.12 -20.74
C PHE F 204 -1.31 -0.45 -19.63
N ALA F 205 -0.71 -0.79 -18.50
CA ALA F 205 -1.48 -1.14 -17.31
C ALA F 205 -2.32 0.04 -16.85
N ASN F 206 -1.69 1.22 -16.75
CA ASN F 206 -2.42 2.43 -16.40
C ASN F 206 -3.46 2.80 -17.44
N LYS F 207 -3.20 2.50 -18.72
CA LYS F 207 -4.15 2.85 -19.77
C LYS F 207 -5.39 1.95 -19.71
N LEU F 208 -5.19 0.66 -19.42
CA LEU F 208 -6.32 -0.22 -19.16
C LEU F 208 -7.12 0.22 -17.94
N LYS F 209 -6.43 0.72 -16.91
CA LYS F 209 -7.13 1.20 -15.71
C LYS F 209 -7.96 2.44 -16.01
N ARG F 210 -7.41 3.38 -16.79
CA ARG F 210 -8.15 4.60 -17.12
C ARG F 210 -9.30 4.30 -18.08
N LYS F 211 -9.09 3.39 -19.04
CA LYS F 211 -10.16 2.98 -19.93
C LYS F 211 -11.27 2.26 -19.16
N SER F 212 -10.91 1.47 -18.16
CA SER F 212 -11.91 0.81 -17.34
C SER F 212 -12.66 1.80 -16.46
N LYS F 213 -11.98 2.85 -15.99
CA LYS F 213 -12.65 3.85 -15.17
C LYS F 213 -13.64 4.68 -15.99
N GLN F 214 -13.22 5.13 -17.18
CA GLN F 214 -14.16 5.86 -18.02
C GLN F 214 -15.23 4.92 -18.59
N GLU F 215 -14.91 3.63 -18.71
CA GLU F 215 -15.91 2.65 -19.14
C GLU F 215 -16.99 2.45 -18.09
N VAL F 216 -16.61 2.38 -16.81
CA VAL F 216 -17.64 2.17 -15.80
C VAL F 216 -18.41 3.47 -15.54
N LYS F 217 -17.79 4.63 -15.76
CA LYS F 217 -18.56 5.88 -15.75
C LYS F 217 -19.58 5.91 -16.89
N LEU F 218 -19.17 5.45 -18.07
CA LEU F 218 -20.07 5.39 -19.21
C LEU F 218 -21.20 4.39 -18.98
N ARG F 219 -20.90 3.26 -18.36
CA ARG F 219 -21.95 2.28 -18.08
C ARG F 219 -22.88 2.78 -16.98
N GLU F 220 -22.37 3.54 -16.01
CA GLU F 220 -23.24 4.10 -14.98
C GLU F 220 -24.17 5.16 -15.54
N VAL F 221 -23.69 5.97 -16.49
CA VAL F 221 -24.61 6.94 -17.08
C VAL F 221 -25.59 6.23 -18.03
N MET F 222 -25.21 5.06 -18.56
CA MET F 222 -26.20 4.24 -19.28
C MET F 222 -27.26 3.69 -18.33
N ILE F 223 -26.86 3.32 -17.10
CA ILE F 223 -27.83 2.89 -16.08
C ILE F 223 -28.82 4.01 -15.80
N GLU F 224 -28.30 5.22 -15.59
CA GLU F 224 -29.17 6.35 -15.28
C GLU F 224 -30.06 6.72 -16.46
N GLY F 225 -29.56 6.56 -17.69
CA GLY F 225 -30.38 6.84 -18.85
C GLY F 225 -31.49 5.82 -19.06
N VAL F 226 -31.20 4.54 -18.82
CA VAL F 226 -32.26 3.55 -19.02
C VAL F 226 -33.28 3.59 -17.88
N LEU F 227 -32.85 3.95 -16.66
CA LEU F 227 -33.82 4.15 -15.60
C LEU F 227 -34.55 5.47 -15.77
N SER F 228 -33.98 6.42 -16.52
CA SER F 228 -34.72 7.60 -16.91
C SER F 228 -35.81 7.27 -17.92
N VAL F 229 -35.47 6.48 -18.94
CA VAL F 229 -36.45 6.17 -19.97
C VAL F 229 -37.50 5.20 -19.45
N LEU F 230 -37.20 4.45 -18.39
CA LEU F 230 -38.28 3.78 -17.67
C LEU F 230 -38.77 4.63 -16.49
N GLU F 231 -38.91 5.93 -16.73
CA GLU F 231 -39.78 6.78 -15.92
C GLU F 231 -40.49 7.85 -16.74
N GLY F 232 -40.00 8.19 -17.92
CA GLY F 232 -40.42 9.41 -18.61
C GLY F 232 -39.96 10.64 -17.85
N GLN F 233 -38.64 10.88 -17.80
CA GLN F 233 -38.05 11.82 -16.87
C GLN F 233 -37.69 13.15 -17.57
N ALA F 234 -38.57 13.60 -18.48
CA ALA F 234 -38.77 15.00 -18.89
C ALA F 234 -37.49 15.74 -19.28
N PRO F 235 -36.98 15.53 -20.52
CA PRO F 235 -35.55 15.69 -20.85
C PRO F 235 -34.79 16.95 -20.39
N LYS F 236 -35.52 18.01 -20.02
CA LYS F 236 -34.90 19.12 -19.31
C LYS F 236 -34.45 18.73 -17.90
N VAL F 237 -35.03 17.67 -17.31
CA VAL F 237 -34.58 17.18 -16.02
C VAL F 237 -33.23 16.48 -16.17
N ILE F 238 -33.02 15.78 -17.30
CA ILE F 238 -31.78 15.05 -17.53
C ILE F 238 -30.62 15.99 -17.84
N GLU F 239 -30.90 17.26 -18.16
CA GLU F 239 -29.87 18.29 -18.30
C GLU F 239 -29.08 18.46 -17.00
N GLN F 240 -29.76 18.85 -15.93
CA GLN F 240 -29.13 19.07 -14.64
C GLN F 240 -28.91 17.79 -13.85
N LYS F 241 -29.30 16.64 -14.39
CA LYS F 241 -29.09 15.38 -13.68
C LYS F 241 -27.62 14.95 -13.76
N LEU F 242 -27.07 14.94 -14.96
CA LEU F 242 -25.69 14.53 -15.19
C LEU F 242 -24.70 15.68 -15.05
N LEU F 243 -25.08 16.77 -14.38
CA LEU F 243 -24.16 17.85 -14.06
C LEU F 243 -23.10 17.38 -13.06
N MET F 244 -23.43 16.41 -12.23
CA MET F 244 -22.48 15.81 -11.30
C MET F 244 -21.66 14.69 -11.94
N TYR F 245 -21.84 14.46 -13.23
CA TYR F 245 -21.06 13.49 -13.98
C TYR F 245 -20.02 14.14 -14.87
N LEU F 246 -20.33 15.30 -15.44
CA LEU F 246 -19.38 16.04 -16.24
C LEU F 246 -18.39 16.79 -15.35
N PRO F 247 -17.15 17.01 -15.83
CA PRO F 247 -16.17 17.76 -15.02
C PRO F 247 -16.46 19.25 -14.89
N ALA F 248 -15.55 19.98 -14.24
CA ALA F 248 -15.78 21.39 -13.97
C ALA F 248 -15.69 22.24 -15.23
N LYS F 249 -14.97 21.77 -16.25
CA LYS F 249 -14.89 22.53 -17.50
C LYS F 249 -16.12 22.33 -18.37
N ASP F 250 -16.79 21.19 -18.25
CA ASP F 250 -17.91 20.85 -19.11
C ASP F 250 -19.25 21.41 -18.58
N ARG F 251 -19.19 22.37 -17.65
CA ARG F 251 -20.39 22.98 -17.11
C ARG F 251 -21.03 23.99 -18.05
N LEU F 252 -20.28 24.52 -19.02
CA LEU F 252 -20.76 25.58 -19.88
C LEU F 252 -20.65 25.28 -21.36
N LYS F 253 -19.74 24.40 -21.77
CA LYS F 253 -19.71 23.96 -23.17
C LYS F 253 -20.93 23.13 -23.49
N PHE F 254 -21.36 22.28 -22.55
CA PHE F 254 -22.67 21.65 -22.63
C PHE F 254 -23.63 22.44 -21.74
N ALA F 255 -24.06 23.58 -22.27
CA ALA F 255 -25.10 24.39 -21.64
C ALA F 255 -26.02 24.97 -22.70
N GLU F 256 -26.16 24.29 -23.84
CA GLU F 256 -26.92 24.81 -24.96
C GLU F 256 -28.03 23.83 -25.37
N ASP G 2 -3.34 -27.41 -13.81
CA ASP G 2 -2.23 -27.30 -14.75
C ASP G 2 -2.63 -26.49 -15.98
N LYS G 3 -1.98 -26.81 -17.12
CA LYS G 3 -2.15 -26.28 -18.48
C LYS G 3 -1.59 -24.86 -18.60
N THR G 4 -1.20 -24.26 -17.48
CA THR G 4 -0.50 -22.99 -17.46
C THR G 4 0.62 -22.93 -16.43
N SER G 5 0.59 -23.76 -15.39
CA SER G 5 1.59 -23.71 -14.34
C SER G 5 2.90 -24.29 -14.81
N LEU G 6 2.89 -25.59 -15.13
CA LEU G 6 4.12 -26.33 -15.40
C LEU G 6 4.74 -25.93 -16.72
N ILE G 7 3.91 -25.53 -17.71
CA ILE G 7 4.41 -24.98 -18.96
C ILE G 7 5.21 -23.73 -18.70
N GLY G 8 4.70 -22.86 -17.83
CA GLY G 8 5.42 -21.65 -17.49
C GLY G 8 6.65 -21.90 -16.64
N ILE G 9 6.59 -22.90 -15.77
CA ILE G 9 7.74 -23.21 -14.92
C ILE G 9 8.89 -23.76 -15.74
N ILE G 10 8.60 -24.72 -16.64
CA ILE G 10 9.68 -25.21 -17.50
C ILE G 10 10.10 -24.14 -18.50
N LEU G 11 9.21 -23.21 -18.87
CA LEU G 11 9.58 -22.11 -19.73
C LEU G 11 10.53 -21.14 -19.03
N ALA G 12 10.29 -20.87 -17.74
CA ALA G 12 11.17 -19.98 -16.99
C ALA G 12 12.51 -20.63 -16.71
N PHE G 13 12.53 -21.93 -16.39
CA PHE G 13 13.80 -22.62 -16.19
C PHE G 13 14.60 -22.72 -17.47
N VAL G 14 13.96 -22.98 -18.62
CA VAL G 14 14.75 -23.02 -19.85
C VAL G 14 15.14 -21.62 -20.28
N ALA G 15 14.34 -20.60 -19.93
CA ALA G 15 14.71 -19.22 -20.22
C ALA G 15 16.00 -18.85 -19.50
N LEU G 16 16.07 -19.18 -18.20
CA LEU G 16 17.29 -18.97 -17.43
C LEU G 16 18.44 -19.80 -17.98
N SER G 17 18.19 -21.06 -18.32
CA SER G 17 19.27 -21.98 -18.69
C SER G 17 19.89 -21.61 -20.04
N VAL G 18 19.08 -21.45 -21.08
CA VAL G 18 19.66 -21.13 -22.38
C VAL G 18 19.68 -19.63 -22.62
N GLY G 19 19.40 -18.84 -21.57
CA GLY G 19 19.85 -17.47 -21.59
C GLY G 19 21.15 -17.27 -20.86
N MET G 20 21.54 -18.26 -20.07
CA MET G 20 22.83 -18.25 -19.39
C MET G 20 23.92 -18.98 -20.16
N VAL G 21 23.59 -20.11 -20.78
CA VAL G 21 24.62 -20.88 -21.49
C VAL G 21 24.98 -20.23 -22.83
N LEU G 22 24.11 -19.39 -23.38
CA LEU G 22 24.52 -18.57 -24.52
C LEU G 22 25.48 -17.48 -24.07
N LYS G 23 25.19 -16.83 -22.95
CA LYS G 23 26.04 -15.78 -22.43
C LYS G 23 27.33 -16.34 -21.85
N GLY G 24 27.21 -17.11 -20.78
CA GLY G 24 28.32 -17.38 -19.91
C GLY G 24 28.42 -18.77 -19.33
N VAL G 25 28.44 -18.78 -17.99
CA VAL G 25 28.66 -19.97 -17.18
C VAL G 25 27.65 -21.08 -17.49
N SER G 26 28.10 -22.33 -17.36
CA SER G 26 27.37 -23.51 -17.80
C SER G 26 26.97 -24.37 -16.60
N PHE G 27 26.38 -23.71 -15.59
CA PHE G 27 25.93 -24.29 -14.32
C PHE G 27 27.07 -24.81 -13.46
N SER G 28 28.32 -24.39 -13.73
CA SER G 28 29.43 -24.77 -12.87
C SER G 28 29.42 -23.95 -11.58
N ALA G 29 29.35 -22.63 -11.70
CA ALA G 29 29.20 -21.77 -10.52
C ALA G 29 27.73 -21.47 -10.25
N LEU G 30 26.92 -22.53 -10.27
CA LEU G 30 25.49 -22.45 -9.96
C LEU G 30 25.06 -23.46 -8.93
N ALA G 31 25.86 -24.49 -8.67
CA ALA G 31 25.50 -25.55 -7.73
C ALA G 31 26.60 -25.73 -6.67
N ASN G 32 27.27 -24.63 -6.31
CA ASN G 32 28.17 -24.63 -5.16
C ASN G 32 27.30 -24.53 -3.92
N PRO G 33 27.14 -25.64 -3.15
CA PRO G 33 25.96 -25.82 -2.29
C PRO G 33 25.96 -25.00 -1.00
N ALA G 34 26.26 -23.71 -1.11
CA ALA G 34 26.22 -22.80 0.01
C ALA G 34 25.20 -21.69 -0.16
N ALA G 35 25.27 -20.95 -1.27
CA ALA G 35 24.30 -19.91 -1.54
C ALA G 35 22.92 -20.50 -1.80
N ILE G 36 22.86 -21.65 -2.47
CA ILE G 36 21.64 -22.44 -2.61
C ILE G 36 21.09 -22.80 -1.24
N LEU G 37 21.99 -23.29 -0.36
CA LEU G 37 21.61 -23.67 0.98
C LEU G 37 21.13 -22.47 1.79
N ILE G 38 21.80 -21.33 1.64
CA ILE G 38 21.41 -20.11 2.33
C ILE G 38 20.02 -19.67 1.92
N ILE G 39 19.76 -19.57 0.60
CA ILE G 39 18.47 -19.04 0.16
C ILE G 39 17.33 -20.01 0.47
N ILE G 40 17.56 -21.33 0.33
CA ILE G 40 16.45 -22.24 0.48
C ILE G 40 16.17 -22.53 1.96
N ALA G 41 17.21 -22.83 2.73
CA ALA G 41 17.02 -23.04 4.16
C ALA G 41 16.59 -21.76 4.87
N GLY G 42 17.07 -20.60 4.40
CA GLY G 42 16.63 -19.35 5.00
C GLY G 42 15.20 -19.01 4.65
N THR G 43 14.78 -19.26 3.41
CA THR G 43 13.41 -18.97 3.01
C THR G 43 12.43 -19.86 3.75
N ILE G 44 12.76 -21.15 3.89
CA ILE G 44 11.86 -22.02 4.63
C ILE G 44 11.90 -21.71 6.12
N SER G 45 13.04 -21.25 6.64
CA SER G 45 13.10 -20.86 8.05
C SER G 45 12.31 -19.59 8.31
N ALA G 46 12.40 -18.63 7.40
CA ALA G 46 11.68 -17.36 7.58
C ALA G 46 10.19 -17.54 7.42
N VAL G 47 9.74 -18.48 6.57
CA VAL G 47 8.30 -18.70 6.51
C VAL G 47 7.80 -19.57 7.65
N VAL G 48 8.65 -20.42 8.27
CA VAL G 48 8.12 -21.14 9.42
C VAL G 48 8.19 -20.29 10.68
N ILE G 49 9.13 -19.33 10.77
CA ILE G 49 9.03 -18.29 11.80
C ILE G 49 7.79 -17.45 11.55
N ALA G 50 7.57 -17.07 10.29
CA ALA G 50 6.56 -16.09 9.93
C ALA G 50 5.14 -16.61 10.07
N PHE G 51 4.95 -17.93 10.04
CA PHE G 51 3.60 -18.43 10.05
C PHE G 51 3.41 -19.47 11.15
N PRO G 52 2.20 -19.60 11.69
CA PRO G 52 1.96 -20.59 12.75
C PRO G 52 1.98 -22.02 12.24
N THR G 53 1.80 -22.98 13.13
CA THR G 53 1.88 -24.38 12.71
C THR G 53 0.60 -24.87 12.06
N LYS G 54 -0.53 -24.18 12.28
CA LYS G 54 -1.76 -24.52 11.58
C LYS G 54 -1.76 -24.04 10.14
N GLU G 55 -0.95 -23.04 9.81
CA GLU G 55 -0.85 -22.56 8.45
C GLU G 55 0.38 -23.03 7.70
N ILE G 56 1.41 -23.49 8.40
CA ILE G 56 2.55 -24.11 7.71
C ILE G 56 2.28 -25.57 7.43
N LYS G 57 1.18 -26.12 7.95
CA LYS G 57 0.71 -27.46 7.62
C LYS G 57 -0.24 -27.44 6.41
N LYS G 58 -0.08 -26.44 5.54
CA LYS G 58 -0.81 -26.34 4.28
C LYS G 58 0.13 -26.05 3.12
N VAL G 59 1.44 -26.08 3.34
CA VAL G 59 2.39 -25.85 2.25
C VAL G 59 2.33 -26.91 1.16
N PRO G 60 2.31 -28.23 1.43
CA PRO G 60 2.15 -29.16 0.29
C PRO G 60 0.76 -29.14 -0.32
N THR G 61 -0.26 -28.87 0.49
CA THR G 61 -1.64 -28.77 -0.01
C THR G 61 -1.77 -27.61 -1.00
N LEU G 62 -1.19 -26.47 -0.67
CA LEU G 62 -1.18 -25.35 -1.60
C LEU G 62 -0.27 -25.63 -2.78
N PHE G 63 0.96 -26.06 -2.51
CA PHE G 63 2.00 -26.33 -3.49
C PHE G 63 1.62 -27.41 -4.50
N ARG G 64 0.57 -28.19 -4.26
CA ARG G 64 -0.01 -29.02 -5.31
C ARG G 64 -1.35 -28.52 -5.82
N VAL G 65 -2.02 -27.60 -5.12
CA VAL G 65 -3.26 -27.04 -5.68
C VAL G 65 -2.96 -25.91 -6.65
N LEU G 66 -1.70 -25.48 -6.74
CA LEU G 66 -1.22 -24.80 -7.94
C LEU G 66 -1.51 -25.63 -9.18
N PHE G 67 -1.13 -26.90 -9.13
CA PHE G 67 -1.01 -27.72 -10.33
C PHE G 67 -2.27 -28.52 -10.63
N LYS G 68 -3.01 -28.93 -9.60
CA LYS G 68 -4.24 -29.68 -9.83
C LYS G 68 -5.30 -28.74 -10.35
N GLU G 69 -5.71 -28.97 -11.61
CA GLU G 69 -6.58 -28.07 -12.34
C GLU G 69 -7.98 -28.01 -11.73
N ASN G 70 -8.66 -26.90 -11.99
CA ASN G 70 -9.91 -26.57 -11.31
C ASN G 70 -11.11 -27.04 -12.13
N LYS G 71 -11.14 -28.35 -12.38
CA LYS G 71 -12.24 -28.96 -13.12
C LYS G 71 -13.37 -29.27 -12.14
N GLN G 72 -14.12 -28.23 -11.78
CA GLN G 72 -15.37 -28.41 -11.03
C GLN G 72 -16.33 -27.29 -11.46
N LEU G 73 -17.20 -27.63 -12.41
CA LEU G 73 -18.39 -26.87 -12.78
C LEU G 73 -18.05 -25.45 -13.24
N THR G 74 -17.41 -25.37 -14.41
CA THR G 74 -17.23 -24.08 -15.06
C THR G 74 -18.61 -23.55 -15.48
N ILE G 75 -18.75 -22.22 -15.48
CA ILE G 75 -20.04 -21.52 -15.41
C ILE G 75 -20.98 -21.89 -16.57
N GLU G 76 -20.43 -22.17 -17.75
CA GLU G 76 -21.26 -22.43 -18.92
C GLU G 76 -22.04 -23.75 -18.85
N GLU G 77 -21.58 -24.72 -18.06
CA GLU G 77 -22.33 -25.96 -17.91
C GLU G 77 -23.24 -25.94 -16.69
N LEU G 78 -23.27 -24.83 -15.95
CA LEU G 78 -24.25 -24.67 -14.89
C LEU G 78 -25.64 -24.40 -15.45
N ILE G 79 -25.73 -23.82 -16.64
CA ILE G 79 -26.99 -23.49 -17.31
C ILE G 79 -27.83 -24.75 -17.61
N PRO G 80 -27.28 -25.87 -18.12
CA PRO G 80 -28.11 -27.08 -18.11
C PRO G 80 -28.25 -27.70 -16.72
N MET G 81 -27.28 -27.44 -15.83
CA MET G 81 -27.39 -27.96 -14.47
C MET G 81 -28.47 -27.22 -13.69
N PHE G 82 -28.51 -25.89 -13.83
CA PHE G 82 -29.66 -25.10 -13.41
C PHE G 82 -30.71 -25.11 -14.52
N SER G 83 -31.67 -24.18 -14.44
CA SER G 83 -32.72 -23.90 -15.43
C SER G 83 -33.70 -25.04 -15.64
N GLU G 84 -33.59 -26.12 -14.88
CA GLU G 84 -34.59 -27.18 -14.83
C GLU G 84 -35.10 -27.43 -13.43
N TRP G 85 -34.43 -26.89 -12.40
CA TRP G 85 -34.91 -27.03 -11.04
C TRP G 85 -36.16 -26.19 -10.81
N ALA G 86 -36.28 -25.07 -11.52
CA ALA G 86 -37.49 -24.26 -11.43
C ALA G 86 -38.69 -24.97 -12.05
N GLN G 87 -38.47 -25.76 -13.09
CA GLN G 87 -39.51 -26.66 -13.58
C GLN G 87 -39.81 -27.75 -12.56
N LEU G 88 -38.79 -28.21 -11.82
CA LEU G 88 -39.05 -29.13 -10.72
C LEU G 88 -39.71 -28.43 -9.55
N ALA G 89 -39.43 -27.15 -9.36
CA ALA G 89 -40.07 -26.36 -8.31
C ALA G 89 -41.41 -25.78 -8.75
N ARG G 90 -41.85 -26.09 -9.96
CA ARG G 90 -43.14 -25.62 -10.47
C ARG G 90 -44.11 -26.75 -10.78
N ARG G 91 -43.62 -27.86 -11.33
CA ARG G 91 -44.51 -28.96 -11.67
C ARG G 91 -44.91 -29.75 -10.42
N GLU G 92 -43.98 -29.94 -9.49
CA GLU G 92 -44.28 -30.57 -8.20
C GLU G 92 -43.87 -29.72 -7.01
N GLY G 93 -43.42 -28.49 -7.25
CA GLY G 93 -43.13 -27.58 -6.16
C GLY G 93 -41.76 -27.81 -5.52
N LEU G 94 -41.54 -27.07 -4.43
CA LEU G 94 -40.30 -27.11 -3.66
C LEU G 94 -40.17 -28.38 -2.83
N LEU G 95 -41.18 -29.26 -2.83
CA LEU G 95 -41.19 -30.49 -2.05
C LEU G 95 -40.40 -31.63 -2.73
N ALA G 96 -39.48 -31.29 -3.64
CA ALA G 96 -38.60 -32.29 -4.23
C ALA G 96 -37.54 -32.71 -3.21
N LEU G 97 -37.83 -33.79 -2.46
CA LEU G 97 -36.86 -34.32 -1.51
C LEU G 97 -35.71 -35.02 -2.23
N GLU G 98 -35.91 -35.40 -3.49
CA GLU G 98 -34.88 -36.01 -4.31
C GLU G 98 -33.96 -34.98 -4.95
N ALA G 99 -34.13 -33.69 -4.66
CA ALA G 99 -33.35 -32.66 -5.35
C ALA G 99 -31.92 -32.58 -4.87
N SER G 100 -31.62 -33.00 -3.65
CA SER G 100 -30.30 -32.83 -3.07
C SER G 100 -29.41 -34.05 -3.22
N ILE G 101 -29.88 -35.08 -3.94
CA ILE G 101 -29.08 -36.29 -4.10
C ILE G 101 -28.21 -36.23 -5.37
N GLU G 102 -28.56 -35.39 -6.34
CA GLU G 102 -27.80 -35.31 -7.58
C GLU G 102 -26.63 -34.33 -7.47
N ASP G 103 -26.35 -33.79 -6.28
CA ASP G 103 -25.30 -32.81 -6.09
C ASP G 103 -23.96 -33.53 -5.88
N VAL G 104 -23.52 -34.18 -6.96
CA VAL G 104 -22.48 -35.20 -6.82
C VAL G 104 -21.08 -34.59 -6.70
N ASP G 105 -20.87 -33.37 -7.20
CA ASP G 105 -19.55 -32.75 -7.04
C ASP G 105 -19.75 -31.25 -6.93
N ASP G 106 -19.91 -30.77 -5.69
CA ASP G 106 -19.96 -29.36 -5.33
C ASP G 106 -19.89 -29.28 -3.81
N ALA G 107 -19.18 -28.27 -3.31
CA ALA G 107 -18.90 -28.15 -1.88
C ALA G 107 -20.15 -27.91 -1.04
N PHE G 108 -20.82 -26.77 -1.24
CA PHE G 108 -21.96 -26.44 -0.40
C PHE G 108 -23.22 -26.17 -1.21
N LEU G 109 -23.31 -26.79 -2.39
CA LEU G 109 -24.59 -26.85 -3.09
C LEU G 109 -25.56 -27.75 -2.34
N LYS G 110 -25.07 -28.88 -1.84
CA LYS G 110 -25.96 -29.93 -1.33
C LYS G 110 -26.60 -29.53 -0.02
N ASN G 111 -25.80 -29.02 0.93
CA ASN G 111 -26.39 -28.54 2.18
C ASN G 111 -27.19 -27.27 1.95
N GLY G 112 -26.77 -26.44 0.99
CA GLY G 112 -27.54 -25.27 0.62
C GLY G 112 -28.89 -25.62 0.02
N LEU G 113 -28.93 -26.64 -0.82
CA LEU G 113 -30.22 -27.10 -1.35
C LEU G 113 -31.06 -27.78 -0.28
N SER G 114 -30.44 -28.42 0.70
CA SER G 114 -31.22 -29.05 1.77
C SER G 114 -31.83 -28.00 2.70
N MET G 115 -31.06 -26.98 3.07
CA MET G 115 -31.60 -25.87 3.85
C MET G 115 -32.43 -24.92 3.00
N ALA G 116 -32.46 -25.12 1.68
CA ALA G 116 -33.45 -24.46 0.83
C ALA G 116 -34.77 -25.21 0.83
N VAL G 117 -34.72 -26.55 0.72
CA VAL G 117 -35.95 -27.32 0.60
C VAL G 117 -36.61 -27.64 1.94
N ASP G 118 -35.91 -27.47 3.06
CA ASP G 118 -36.56 -27.74 4.34
C ASP G 118 -37.50 -26.60 4.73
N GLY G 119 -37.15 -25.36 4.38
CA GLY G 119 -37.94 -24.20 4.72
C GLY G 119 -37.63 -22.98 3.89
N GLN G 120 -38.61 -22.10 3.71
CA GLN G 120 -38.44 -20.86 2.93
C GLN G 120 -37.57 -19.90 3.73
N SER G 121 -36.36 -19.64 3.24
CA SER G 121 -35.33 -18.97 4.02
C SER G 121 -34.56 -17.95 3.17
N ALA G 122 -35.31 -17.08 2.46
CA ALA G 122 -34.81 -16.36 1.29
C ALA G 122 -33.63 -15.43 1.60
N GLU G 123 -33.62 -14.81 2.77
CA GLU G 123 -32.45 -14.01 3.17
C GLU G 123 -31.45 -14.84 3.96
N PHE G 124 -31.93 -15.93 4.57
CA PHE G 124 -31.10 -16.79 5.42
C PHE G 124 -30.08 -17.56 4.58
N ILE G 125 -30.48 -17.99 3.38
CA ILE G 125 -29.55 -18.68 2.49
C ILE G 125 -28.51 -17.70 1.98
N ARG G 126 -28.93 -16.45 1.72
CA ARG G 126 -28.05 -15.41 1.18
C ARG G 126 -26.88 -15.11 2.11
N ASP G 127 -27.18 -14.78 3.37
CA ASP G 127 -26.08 -14.44 4.26
C ASP G 127 -25.34 -15.68 4.76
N ILE G 128 -25.97 -16.87 4.80
CA ILE G 128 -25.19 -18.07 5.11
C ILE G 128 -24.14 -18.35 4.02
N MET G 129 -24.55 -18.31 2.75
CA MET G 129 -23.60 -18.59 1.68
C MET G 129 -22.61 -17.46 1.49
N THR G 130 -22.99 -16.22 1.83
CA THR G 130 -22.06 -15.12 1.74
C THR G 130 -21.01 -15.19 2.85
N GLU G 131 -21.42 -15.57 4.06
CA GLU G 131 -20.44 -15.82 5.12
C GLU G 131 -19.56 -17.03 4.80
N GLU G 132 -20.12 -18.03 4.10
CA GLU G 132 -19.35 -19.19 3.67
C GLU G 132 -18.23 -18.79 2.71
N VAL G 133 -18.57 -18.03 1.68
CA VAL G 133 -17.56 -17.63 0.69
C VAL G 133 -16.62 -16.58 1.29
N GLU G 134 -17.09 -15.80 2.28
CA GLU G 134 -16.21 -14.85 2.95
C GLU G 134 -15.17 -15.56 3.80
N ALA G 135 -15.57 -16.59 4.54
CA ALA G 135 -14.60 -17.37 5.30
C ALA G 135 -13.67 -18.16 4.39
N MET G 136 -14.17 -18.63 3.24
CA MET G 136 -13.31 -19.34 2.30
C MET G 136 -12.29 -18.41 1.67
N GLU G 137 -12.68 -17.17 1.40
CA GLU G 137 -11.72 -16.20 0.87
C GLU G 137 -10.74 -15.74 1.94
N ASP G 138 -11.18 -15.71 3.21
CA ASP G 138 -10.25 -15.47 4.31
C ASP G 138 -9.20 -16.57 4.39
N ARG G 139 -9.63 -17.83 4.23
CA ARG G 139 -8.71 -18.96 4.25
C ARG G 139 -7.77 -18.96 3.04
N HIS G 140 -8.27 -18.56 1.86
CA HIS G 140 -7.38 -18.50 0.70
C HIS G 140 -6.47 -17.28 0.70
N GLN G 141 -6.86 -16.19 1.36
CA GLN G 141 -5.93 -15.09 1.58
C GLN G 141 -4.82 -15.52 2.53
N ALA G 142 -5.19 -16.27 3.58
CA ALA G 142 -4.22 -16.89 4.46
C ALA G 142 -3.32 -17.89 3.74
N GLY G 143 -3.84 -18.56 2.72
CA GLY G 143 -3.04 -19.43 1.89
C GLY G 143 -2.04 -18.70 1.01
N ALA G 144 -2.51 -17.72 0.24
CA ALA G 144 -1.65 -16.99 -0.68
C ALA G 144 -0.65 -16.09 0.04
N ALA G 145 -0.93 -15.73 1.30
CA ALA G 145 0.02 -14.94 2.09
C ALA G 145 1.32 -15.68 2.33
N ILE G 146 1.29 -17.03 2.34
CA ILE G 146 2.51 -17.81 2.56
C ILE G 146 3.47 -17.62 1.39
N PHE G 147 2.98 -17.72 0.16
CA PHE G 147 3.84 -17.55 -0.99
C PHE G 147 4.21 -16.09 -1.20
N THR G 148 3.31 -15.17 -0.82
CA THR G 148 3.63 -13.75 -0.85
C THR G 148 4.82 -13.43 0.05
N GLN G 149 4.76 -13.85 1.32
CA GLN G 149 5.85 -13.54 2.23
C GLN G 149 7.10 -14.36 1.94
N ALA G 150 6.97 -15.56 1.36
CA ALA G 150 8.14 -16.28 0.88
C ALA G 150 8.85 -15.51 -0.23
N GLY G 151 8.07 -14.93 -1.15
CA GLY G 151 8.65 -14.08 -2.16
C GLY G 151 9.22 -12.79 -1.63
N THR G 152 8.72 -12.31 -0.48
CA THR G 152 9.38 -11.15 0.13
C THR G 152 10.73 -11.55 0.71
N TYR G 153 10.77 -12.66 1.47
CA TYR G 153 12.00 -12.96 2.20
C TYR G 153 13.07 -13.62 1.34
N ALA G 154 12.75 -14.09 0.14
CA ALA G 154 13.81 -14.71 -0.67
C ALA G 154 14.90 -13.75 -1.20
N PRO G 155 14.61 -12.59 -1.82
CA PRO G 155 15.73 -11.76 -2.30
C PRO G 155 16.50 -11.06 -1.20
N THR G 156 15.88 -10.83 -0.04
CA THR G 156 16.63 -10.35 1.12
C THR G 156 17.68 -11.35 1.54
N LEU G 157 17.33 -12.64 1.48
CA LEU G 157 18.32 -13.69 1.71
C LEU G 157 19.31 -13.80 0.57
N GLY G 158 18.93 -13.37 -0.64
CA GLY G 158 19.91 -13.24 -1.70
C GLY G 158 20.97 -12.21 -1.37
N VAL G 159 20.54 -11.06 -0.84
CA VAL G 159 21.48 -10.02 -0.40
C VAL G 159 22.30 -10.52 0.79
N LEU G 160 21.66 -11.32 1.66
CA LEU G 160 22.34 -11.87 2.83
C LEU G 160 23.46 -12.82 2.43
N GLY G 161 23.17 -13.78 1.56
CA GLY G 161 24.20 -14.66 1.03
C GLY G 161 25.25 -13.92 0.23
N ALA G 162 24.84 -12.85 -0.47
CA ALA G 162 25.79 -12.04 -1.22
C ALA G 162 26.78 -11.33 -0.31
N VAL G 163 26.31 -10.78 0.81
CA VAL G 163 27.25 -10.06 1.68
C VAL G 163 28.07 -11.03 2.52
N ILE G 164 27.55 -12.23 2.82
CA ILE G 164 28.37 -13.29 3.38
C ILE G 164 29.52 -13.62 2.42
N GLY G 165 29.20 -13.74 1.13
CA GLY G 165 30.23 -14.02 0.16
C GLY G 165 31.18 -12.86 -0.07
N LEU G 166 30.71 -11.63 0.10
CA LEU G 166 31.62 -10.49 -0.02
C LEU G 166 32.59 -10.42 1.14
N ILE G 167 32.14 -10.79 2.34
CA ILE G 167 33.07 -10.96 3.46
C ILE G 167 34.06 -12.07 3.17
N ALA G 168 33.58 -13.18 2.60
CA ALA G 168 34.48 -14.29 2.27
C ALA G 168 35.45 -13.97 1.15
N ALA G 169 35.10 -13.07 0.24
CA ALA G 169 35.90 -12.79 -0.95
C ALA G 169 36.86 -11.62 -0.75
N LEU G 170 36.45 -10.59 -0.01
CA LEU G 170 37.35 -9.48 0.25
C LEU G 170 38.48 -9.88 1.20
N SER G 171 38.13 -10.56 2.29
CA SER G 171 39.12 -11.08 3.22
C SER G 171 39.69 -12.41 2.71
N HIS G 172 40.44 -12.31 1.63
CA HIS G 172 40.92 -13.47 0.88
C HIS G 172 42.14 -13.03 0.08
N MET G 173 42.72 -13.95 -0.69
CA MET G 173 43.87 -13.69 -1.56
C MET G 173 43.44 -12.70 -2.64
N ASP G 174 43.97 -11.48 -2.55
CA ASP G 174 43.54 -10.38 -3.42
C ASP G 174 44.56 -10.04 -4.49
N ASN G 175 45.23 -11.03 -5.07
CA ASN G 175 46.28 -10.72 -6.05
C ASN G 175 45.71 -10.45 -7.45
N THR G 176 45.19 -11.48 -8.13
CA THR G 176 44.58 -11.24 -9.43
C THR G 176 43.25 -11.97 -9.64
N ASP G 177 43.13 -13.19 -9.11
CA ASP G 177 42.03 -14.05 -9.55
C ASP G 177 41.21 -14.61 -8.39
N GLU G 178 41.84 -14.87 -7.24
CA GLU G 178 41.11 -15.41 -6.10
C GLU G 178 40.17 -14.38 -5.49
N LEU G 179 40.40 -13.09 -5.73
CA LEU G 179 39.35 -12.12 -5.49
C LEU G 179 38.21 -12.32 -6.47
N GLY G 180 38.54 -12.52 -7.74
CA GLY G 180 37.56 -12.54 -8.82
C GLY G 180 36.79 -13.83 -8.92
N HIS G 181 37.47 -14.97 -8.76
CA HIS G 181 36.79 -16.26 -8.81
C HIS G 181 35.84 -16.42 -7.63
N ALA G 182 36.26 -15.97 -6.44
CA ALA G 182 35.39 -16.01 -5.27
C ALA G 182 34.23 -15.04 -5.42
N ILE G 183 34.50 -13.81 -5.86
CA ILE G 183 33.43 -12.82 -5.95
C ILE G 183 32.49 -13.12 -7.14
N SER G 184 32.93 -13.97 -8.07
CA SER G 184 32.03 -14.50 -9.09
C SER G 184 31.16 -15.60 -8.50
N ALA G 185 31.79 -16.58 -7.85
CA ALA G 185 31.04 -17.70 -7.28
C ALA G 185 30.12 -17.23 -6.15
N ALA G 186 30.57 -16.26 -5.37
CA ALA G 186 29.77 -15.77 -4.25
C ALA G 186 28.91 -14.58 -4.63
N PHE G 187 28.24 -14.70 -5.77
CA PHE G 187 27.23 -13.73 -6.14
C PHE G 187 25.99 -14.43 -6.68
N VAL G 188 26.02 -15.76 -6.78
CA VAL G 188 24.87 -16.53 -7.23
C VAL G 188 23.76 -16.58 -6.20
N ALA G 189 24.02 -16.09 -4.98
CA ALA G 189 22.98 -15.99 -3.96
C ALA G 189 21.88 -15.04 -4.39
N THR G 190 22.26 -13.85 -4.85
CA THR G 190 21.26 -12.88 -5.26
C THR G 190 20.63 -13.23 -6.60
N LEU G 191 21.33 -13.97 -7.47
CA LEU G 191 20.70 -14.50 -8.68
C LEU G 191 19.64 -15.52 -8.33
N LEU G 192 20.02 -16.57 -7.60
CA LEU G 192 19.07 -17.61 -7.26
C LEU G 192 18.06 -17.15 -6.22
N GLY G 193 18.34 -16.06 -5.51
CA GLY G 193 17.38 -15.51 -4.57
C GLY G 193 16.33 -14.65 -5.24
N ILE G 194 16.76 -13.80 -6.18
CA ILE G 194 15.84 -12.96 -6.92
C ILE G 194 15.04 -13.79 -7.93
N PHE G 195 15.64 -14.87 -8.45
CA PHE G 195 14.91 -15.75 -9.35
C PHE G 195 13.80 -16.51 -8.61
N THR G 196 14.12 -17.10 -7.47
CA THR G 196 13.10 -17.82 -6.71
C THR G 196 12.06 -16.89 -6.09
N GLY G 197 12.45 -15.68 -5.72
CA GLY G 197 11.50 -14.77 -5.11
C GLY G 197 10.51 -14.19 -6.10
N TYR G 198 11.01 -13.74 -7.25
CA TYR G 198 10.23 -12.92 -8.16
C TYR G 198 9.68 -13.70 -9.36
N VAL G 199 10.32 -14.81 -9.72
CA VAL G 199 9.87 -15.57 -10.89
C VAL G 199 9.17 -16.84 -10.45
N LEU G 200 9.33 -17.23 -9.18
CA LEU G 200 8.58 -18.36 -8.66
C LEU G 200 7.56 -18.00 -7.60
N TRP G 201 7.95 -17.44 -6.45
CA TRP G 201 6.97 -17.38 -5.37
C TRP G 201 6.04 -16.17 -5.44
N HIS G 202 6.41 -15.09 -6.12
CA HIS G 202 5.39 -14.06 -6.32
C HIS G 202 4.37 -14.37 -7.43
N PRO G 203 4.72 -14.98 -8.56
CA PRO G 203 3.65 -15.48 -9.42
C PRO G 203 2.90 -16.67 -8.84
N PHE G 204 3.49 -17.48 -7.96
CA PHE G 204 2.71 -18.53 -7.30
C PHE G 204 1.67 -17.94 -6.36
N ALA G 205 2.06 -16.90 -5.60
CA ALA G 205 1.12 -16.18 -4.76
C ALA G 205 0.05 -15.49 -5.59
N ASN G 206 0.47 -14.94 -6.73
CA ASN G 206 -0.47 -14.33 -7.67
C ASN G 206 -1.46 -15.35 -8.19
N LYS G 207 -1.00 -16.56 -8.52
CA LYS G 207 -1.89 -17.57 -9.10
C LYS G 207 -2.85 -18.13 -8.05
N LEU G 208 -2.40 -18.22 -6.80
CA LEU G 208 -3.34 -18.52 -5.72
C LEU G 208 -4.41 -17.45 -5.59
N LYS G 209 -4.02 -16.17 -5.75
CA LYS G 209 -5.00 -15.09 -5.72
C LYS G 209 -5.98 -15.19 -6.89
N ARG G 210 -5.47 -15.51 -8.08
CA ARG G 210 -6.32 -15.58 -9.27
C ARG G 210 -7.28 -16.75 -9.19
N LYS G 211 -6.81 -17.92 -8.74
CA LYS G 211 -7.69 -19.07 -8.60
C LYS G 211 -8.69 -18.88 -7.49
N SER G 212 -8.31 -18.16 -6.43
CA SER G 212 -9.27 -17.83 -5.38
C SER G 212 -10.35 -16.90 -5.90
N LYS G 213 -9.98 -15.93 -6.75
CA LYS G 213 -10.99 -15.03 -7.30
C LYS G 213 -11.91 -15.75 -8.29
N GLN G 214 -11.35 -16.67 -9.09
CA GLN G 214 -12.17 -17.48 -9.99
C GLN G 214 -13.15 -18.34 -9.21
N GLU G 215 -12.68 -18.96 -8.12
CA GLU G 215 -13.57 -19.78 -7.32
C GLU G 215 -14.61 -18.94 -6.60
N VAL G 216 -14.27 -17.71 -6.18
CA VAL G 216 -15.24 -16.85 -5.52
C VAL G 216 -16.32 -16.37 -6.49
N LYS G 217 -15.94 -16.06 -7.73
CA LYS G 217 -16.95 -15.73 -8.75
C LYS G 217 -17.83 -16.93 -9.04
N LEU G 218 -17.26 -18.13 -9.02
CA LEU G 218 -18.05 -19.34 -9.18
C LEU G 218 -19.03 -19.54 -8.01
N ARG G 219 -18.59 -19.23 -6.79
CA ARG G 219 -19.48 -19.35 -5.64
C ARG G 219 -20.59 -18.31 -5.69
N GLU G 220 -20.29 -17.11 -6.18
CA GLU G 220 -21.31 -16.07 -6.27
C GLU G 220 -22.35 -16.41 -7.33
N VAL G 221 -21.92 -17.00 -8.45
CA VAL G 221 -22.92 -17.39 -9.44
C VAL G 221 -23.69 -18.62 -8.96
N MET G 222 -23.08 -19.45 -8.09
CA MET G 222 -23.84 -20.50 -7.43
C MET G 222 -24.89 -19.92 -6.49
N ILE G 223 -24.54 -18.85 -5.76
CA ILE G 223 -25.48 -18.17 -4.86
C ILE G 223 -26.67 -17.64 -5.64
N GLU G 224 -26.40 -16.94 -6.75
CA GLU G 224 -27.48 -16.38 -7.55
C GLU G 224 -28.30 -17.47 -8.23
N GLY G 225 -27.68 -18.58 -8.61
CA GLY G 225 -28.43 -19.69 -9.18
C GLY G 225 -29.35 -20.35 -8.18
N VAL G 226 -28.89 -20.59 -6.96
CA VAL G 226 -29.75 -21.27 -6.00
C VAL G 226 -30.82 -20.33 -5.44
N LEU G 227 -30.55 -19.03 -5.39
CA LEU G 227 -31.59 -18.09 -4.99
C LEU G 227 -32.44 -17.64 -6.15
N SER G 228 -32.15 -18.13 -7.36
CA SER G 228 -33.11 -18.09 -8.44
C SER G 228 -34.00 -19.33 -8.45
N VAL G 229 -33.42 -20.51 -8.21
CA VAL G 229 -34.21 -21.74 -8.27
C VAL G 229 -34.88 -22.09 -6.96
N LEU G 230 -34.69 -21.30 -5.91
CA LEU G 230 -35.42 -21.52 -4.67
C LEU G 230 -36.91 -21.22 -4.85
N GLU G 231 -37.23 -19.98 -5.19
CA GLU G 231 -38.62 -19.56 -5.31
C GLU G 231 -39.27 -19.96 -6.62
N GLY G 232 -38.53 -20.58 -7.53
CA GLY G 232 -39.10 -20.96 -8.81
C GLY G 232 -39.27 -19.79 -9.76
N GLN G 233 -38.16 -19.21 -10.20
CA GLN G 233 -38.20 -18.16 -11.22
C GLN G 233 -38.52 -18.76 -12.59
N ALA G 234 -38.60 -17.90 -13.58
CA ALA G 234 -38.78 -18.37 -14.95
C ALA G 234 -37.48 -19.00 -15.44
N PRO G 235 -37.50 -20.23 -15.95
CA PRO G 235 -36.25 -20.86 -16.41
C PRO G 235 -35.66 -20.23 -17.66
N LYS G 236 -36.41 -19.38 -18.35
CA LYS G 236 -35.92 -18.69 -19.54
C LYS G 236 -35.09 -17.46 -19.21
N VAL G 237 -35.28 -16.88 -18.02
CA VAL G 237 -34.53 -15.69 -17.62
C VAL G 237 -33.41 -16.01 -16.64
N ILE G 238 -33.19 -17.29 -16.33
CA ILE G 238 -32.03 -17.66 -15.53
C ILE G 238 -30.75 -17.41 -16.32
N GLU G 239 -30.80 -17.66 -17.63
CA GLU G 239 -29.70 -17.31 -18.52
C GLU G 239 -29.54 -15.80 -18.62
N GLN G 240 -30.65 -15.06 -18.56
CA GLN G 240 -30.59 -13.61 -18.51
C GLN G 240 -29.98 -13.13 -17.20
N LYS G 241 -30.10 -13.93 -16.15
CA LYS G 241 -29.54 -13.56 -14.85
C LYS G 241 -28.04 -13.84 -14.76
N LEU G 242 -27.60 -15.04 -15.15
CA LEU G 242 -26.27 -15.49 -14.75
C LEU G 242 -25.27 -15.68 -15.89
N LEU G 243 -25.62 -15.37 -17.13
CA LEU G 243 -24.61 -15.45 -18.20
C LEU G 243 -23.64 -14.28 -18.20
N MET G 244 -23.83 -13.30 -17.33
CA MET G 244 -22.99 -12.10 -17.36
C MET G 244 -21.59 -12.35 -16.84
N TYR G 245 -21.39 -13.43 -16.08
CA TYR G 245 -20.08 -13.69 -15.51
C TYR G 245 -19.12 -14.28 -16.54
N LEU G 246 -19.65 -14.99 -17.51
CA LEU G 246 -18.87 -15.42 -18.66
C LEU G 246 -18.94 -14.38 -19.77
N PRO G 247 -17.85 -14.18 -20.53
CA PRO G 247 -17.80 -13.06 -21.49
C PRO G 247 -18.76 -13.17 -22.67
N ALA G 248 -18.79 -12.13 -23.51
CA ALA G 248 -19.58 -12.15 -24.74
C ALA G 248 -19.06 -13.17 -25.74
N LYS G 249 -17.79 -13.57 -25.63
CA LYS G 249 -17.25 -14.64 -26.45
C LYS G 249 -17.95 -15.97 -26.17
N ASP G 250 -18.45 -16.17 -24.96
CA ASP G 250 -19.24 -17.36 -24.66
C ASP G 250 -20.73 -17.03 -24.52
N ARG G 251 -21.09 -15.75 -24.44
CA ARG G 251 -22.51 -15.41 -24.55
C ARG G 251 -23.00 -15.55 -25.99
N LEU G 252 -22.13 -15.28 -26.97
CA LEU G 252 -22.47 -15.48 -28.36
C LEU G 252 -22.28 -16.93 -28.80
N LYS G 253 -21.68 -17.77 -27.97
CA LYS G 253 -21.74 -19.21 -28.17
C LYS G 253 -23.03 -19.83 -27.66
N PHE G 254 -23.94 -19.01 -27.13
CA PHE G 254 -25.31 -19.45 -26.84
C PHE G 254 -26.18 -19.26 -28.08
N ALA G 255 -25.80 -19.99 -29.13
CA ALA G 255 -26.52 -19.96 -30.40
C ALA G 255 -26.60 -21.35 -31.02
N GLU G 256 -26.61 -22.38 -30.18
CA GLU G 256 -26.65 -23.75 -30.66
C GLU G 256 -28.05 -24.14 -31.09
#